data_2FGC
# 
_entry.id   2FGC 
# 
_audit_conform.dict_name       mmcif_pdbx.dic 
_audit_conform.dict_version    5.398 
_audit_conform.dict_location   http://mmcif.pdb.org/dictionaries/ascii/mmcif_pdbx.dic 
# 
loop_
_database_2.database_id 
_database_2.database_code 
_database_2.pdbx_database_accession 
_database_2.pdbx_DOI 
PDB   2FGC         pdb_00002fgc 10.2210/pdb2fgc/pdb 
RCSB  RCSB035846   ?            ?                   
WWPDB D_1000035846 ?            ?                   
# 
loop_
_pdbx_audit_revision_history.ordinal 
_pdbx_audit_revision_history.data_content_type 
_pdbx_audit_revision_history.major_revision 
_pdbx_audit_revision_history.minor_revision 
_pdbx_audit_revision_history.revision_date 
1 'Structure model' 1 0 2006-02-07 
2 'Structure model' 1 1 2008-05-01 
3 'Structure model' 1 2 2011-07-13 
4 'Structure model' 1 3 2012-10-24 
5 'Structure model' 1 4 2022-04-13 
6 'Structure model' 1 5 2024-11-06 
# 
_pdbx_audit_revision_details.ordinal             1 
_pdbx_audit_revision_details.revision_ordinal    1 
_pdbx_audit_revision_details.data_content_type   'Structure model' 
_pdbx_audit_revision_details.provider            repository 
_pdbx_audit_revision_details.type                'Initial release' 
_pdbx_audit_revision_details.description         ? 
_pdbx_audit_revision_details.details             ? 
# 
loop_
_pdbx_audit_revision_group.ordinal 
_pdbx_audit_revision_group.revision_ordinal 
_pdbx_audit_revision_group.data_content_type 
_pdbx_audit_revision_group.group 
1  2 'Structure model' 'Version format compliance' 
2  3 'Structure model' 'Derived calculations'      
3  3 'Structure model' 'Source and taxonomy'       
4  3 'Structure model' 'Version format compliance' 
5  4 'Structure model' 'Database references'       
6  5 'Structure model' 'Database references'       
7  5 'Structure model' 'Derived calculations'      
8  5 'Structure model' 'Structure summary'         
9  6 'Structure model' 'Data collection'           
10 6 'Structure model' 'Structure summary'         
# 
loop_
_pdbx_audit_revision_category.ordinal 
_pdbx_audit_revision_category.revision_ordinal 
_pdbx_audit_revision_category.data_content_type 
_pdbx_audit_revision_category.category 
1  5 'Structure model' audit_author              
2  5 'Structure model' citation_author           
3  5 'Structure model' database_2                
4  5 'Structure model' pdbx_struct_conn_angle    
5  5 'Structure model' struct_conn               
6  5 'Structure model' struct_ref_seq_dif        
7  5 'Structure model' struct_site               
8  6 'Structure model' chem_comp_atom            
9  6 'Structure model' chem_comp_bond            
10 6 'Structure model' pdbx_entry_details        
11 6 'Structure model' pdbx_modification_feature 
# 
loop_
_pdbx_audit_revision_item.ordinal 
_pdbx_audit_revision_item.revision_ordinal 
_pdbx_audit_revision_item.data_content_type 
_pdbx_audit_revision_item.item 
1  5 'Structure model' '_audit_author.identifier_ORCID'            
2  5 'Structure model' '_citation_author.identifier_ORCID'         
3  5 'Structure model' '_database_2.pdbx_DOI'                      
4  5 'Structure model' '_database_2.pdbx_database_accession'       
5  5 'Structure model' '_pdbx_struct_conn_angle.ptnr1_auth_seq_id' 
6  5 'Structure model' '_pdbx_struct_conn_angle.ptnr3_auth_seq_id' 
7  5 'Structure model' '_pdbx_struct_conn_angle.value'             
8  5 'Structure model' '_struct_conn.pdbx_dist_value'              
9  5 'Structure model' '_struct_conn.pdbx_leaving_atom_flag'       
10 5 'Structure model' '_struct_conn.ptnr2_auth_seq_id'            
11 5 'Structure model' '_struct_ref_seq_dif.details'               
12 5 'Structure model' '_struct_site.pdbx_auth_asym_id'            
13 5 'Structure model' '_struct_site.pdbx_auth_comp_id'            
14 5 'Structure model' '_struct_site.pdbx_auth_seq_id'             
# 
_pdbx_database_status.status_code                     REL 
_pdbx_database_status.entry_id                        2FGC 
_pdbx_database_status.recvd_initial_deposition_date   2005-12-21 
_pdbx_database_status.deposit_site                    RCSB 
_pdbx_database_status.process_site                    RCSB 
_pdbx_database_status.status_code_sf                  REL 
_pdbx_database_status.status_code_mr                  ? 
_pdbx_database_status.SG_entry                        Y 
_pdbx_database_status.status_code_cs                  ? 
_pdbx_database_status.pdb_format_compatible           Y 
_pdbx_database_status.status_code_nmr_data            ? 
_pdbx_database_status.methods_development_category    ? 
# 
_pdbx_database_related.db_name        TargetDB 
_pdbx_database_related.db_id          APC4257 
_pdbx_database_related.details        . 
_pdbx_database_related.content_type   unspecified 
# 
loop_
_audit_author.name 
_audit_author.pdbx_ordinal 
_audit_author.identifier_ORCID 
'Petkowski, J.J.'                               1 ?                   
'Chruszcz, M.'                                  2 ?                   
'Zimmerman, M.D.'                               3 ?                   
'Zheng, H.'                                     4 ?                   
'Cymborowski, M.T.'                             5 ?                   
'Koclega, K.D.'                                 6 ?                   
'Kudritska, M.'                                 7 ?                   
'Minor, W.'                                     8 0000-0001-7075-7090 
'Midwest Center for Structural Genomics (MCSG)' 9 ?                   
# 
_citation.id                        primary 
_citation.title                     
'Crystal structures of TM0549 and NE1324--two orthologs of E. coli AHAS isozyme III small regulatory subunit.' 
_citation.journal_abbrev            'Protein Sci.' 
_citation.journal_volume            16 
_citation.page_first                1360 
_citation.page_last                 1367 
_citation.year                      2007 
_citation.journal_id_ASTM           PRCIEI 
_citation.country                   US 
_citation.journal_id_ISSN           0961-8368 
_citation.journal_id_CSD            0795 
_citation.book_publisher            ? 
_citation.pdbx_database_id_PubMed   17586771 
_citation.pdbx_database_id_DOI      10.1110/ps.072793807 
# 
loop_
_citation_author.citation_id 
_citation_author.name 
_citation_author.ordinal 
_citation_author.identifier_ORCID 
primary 'Petkowski, J.J.'   1  ?                   
primary 'Chruszcz, M.'      2  ?                   
primary 'Zimmerman, M.D.'   3  ?                   
primary 'Zheng, H.'         4  ?                   
primary 'Skarina, T.'       5  ?                   
primary 'Onopriyenko, O.'   6  ?                   
primary 'Cymborowski, M.T.' 7  ?                   
primary 'Koclega, K.D.'     8  ?                   
primary 'Savchenko, A.'     9  ?                   
primary 'Edwards, A.'       10 ?                   
primary 'Minor, W.'         11 0000-0001-7075-7090 
# 
loop_
_entity.id 
_entity.type 
_entity.src_method 
_entity.pdbx_description 
_entity.formula_weight 
_entity.pdbx_number_of_molecules 
_entity.pdbx_ec 
_entity.pdbx_mutation 
_entity.pdbx_fragment 
_entity.details 
1 polymer     man 'acetolactate synthase, small subunit' 22368.650 1  2.2.1.6 ? ? ? 
2 non-polymer syn 'MAGNESIUM ION'                        24.305    1  ?       ? ? ? 
3 water       nat water                                  18.015    41 ?       ? ? ? 
# 
_entity_poly.entity_id                      1 
_entity_poly.type                           'polypeptide(L)' 
_entity_poly.nstd_linkage                   no 
_entity_poly.nstd_monomer                   yes 
_entity_poly.pdbx_seq_one_letter_code       
;(MSE)GSSHHHHHHSSGRENLYFQGH(MSE)TDQIREHLVS(MSE)LVHNKPGV(MSE)RKVANLFARRGFNISSITVGE
SETPGLSRLVI(MSE)VKGDDKTIEQIEKQAYKLVEVVKVTPIDPLPENRVERE(MSE)ALIKVRFDEDKQEIFQLVEIF
RGKIIDVSREGAIIEITGARSKVEAFINLLPQKQVEEIARTGIVA(MSE)NRWNVKEGEGF
;
_entity_poly.pdbx_seq_one_letter_code_can   
;MGSSHHHHHHSSGRENLYFQGHMTDQIREHLVSMLVHNKPGVMRKVANLFARRGFNISSITVGESETPGLSRLVIMVKGD
DKTIEQIEKQAYKLVEVVKVTPIDPLPENRVEREMALIKVRFDEDKQEIFQLVEIFRGKIIDVSREGAIIEITGARSKVE
AFINLLPQKQVEEIARTGIVAMNRWNVKEGEGF
;
_entity_poly.pdbx_strand_id                 A 
_entity_poly.pdbx_target_identifier         APC4257 
# 
loop_
_pdbx_entity_nonpoly.entity_id 
_pdbx_entity_nonpoly.name 
_pdbx_entity_nonpoly.comp_id 
2 'MAGNESIUM ION' MG  
3 water           HOH 
# 
loop_
_entity_poly_seq.entity_id 
_entity_poly_seq.num 
_entity_poly_seq.mon_id 
_entity_poly_seq.hetero 
1 1   MSE n 
1 2   GLY n 
1 3   SER n 
1 4   SER n 
1 5   HIS n 
1 6   HIS n 
1 7   HIS n 
1 8   HIS n 
1 9   HIS n 
1 10  HIS n 
1 11  SER n 
1 12  SER n 
1 13  GLY n 
1 14  ARG n 
1 15  GLU n 
1 16  ASN n 
1 17  LEU n 
1 18  TYR n 
1 19  PHE n 
1 20  GLN n 
1 21  GLY n 
1 22  HIS n 
1 23  MSE n 
1 24  THR n 
1 25  ASP n 
1 26  GLN n 
1 27  ILE n 
1 28  ARG n 
1 29  GLU n 
1 30  HIS n 
1 31  LEU n 
1 32  VAL n 
1 33  SER n 
1 34  MSE n 
1 35  LEU n 
1 36  VAL n 
1 37  HIS n 
1 38  ASN n 
1 39  LYS n 
1 40  PRO n 
1 41  GLY n 
1 42  VAL n 
1 43  MSE n 
1 44  ARG n 
1 45  LYS n 
1 46  VAL n 
1 47  ALA n 
1 48  ASN n 
1 49  LEU n 
1 50  PHE n 
1 51  ALA n 
1 52  ARG n 
1 53  ARG n 
1 54  GLY n 
1 55  PHE n 
1 56  ASN n 
1 57  ILE n 
1 58  SER n 
1 59  SER n 
1 60  ILE n 
1 61  THR n 
1 62  VAL n 
1 63  GLY n 
1 64  GLU n 
1 65  SER n 
1 66  GLU n 
1 67  THR n 
1 68  PRO n 
1 69  GLY n 
1 70  LEU n 
1 71  SER n 
1 72  ARG n 
1 73  LEU n 
1 74  VAL n 
1 75  ILE n 
1 76  MSE n 
1 77  VAL n 
1 78  LYS n 
1 79  GLY n 
1 80  ASP n 
1 81  ASP n 
1 82  LYS n 
1 83  THR n 
1 84  ILE n 
1 85  GLU n 
1 86  GLN n 
1 87  ILE n 
1 88  GLU n 
1 89  LYS n 
1 90  GLN n 
1 91  ALA n 
1 92  TYR n 
1 93  LYS n 
1 94  LEU n 
1 95  VAL n 
1 96  GLU n 
1 97  VAL n 
1 98  VAL n 
1 99  LYS n 
1 100 VAL n 
1 101 THR n 
1 102 PRO n 
1 103 ILE n 
1 104 ASP n 
1 105 PRO n 
1 106 LEU n 
1 107 PRO n 
1 108 GLU n 
1 109 ASN n 
1 110 ARG n 
1 111 VAL n 
1 112 GLU n 
1 113 ARG n 
1 114 GLU n 
1 115 MSE n 
1 116 ALA n 
1 117 LEU n 
1 118 ILE n 
1 119 LYS n 
1 120 VAL n 
1 121 ARG n 
1 122 PHE n 
1 123 ASP n 
1 124 GLU n 
1 125 ASP n 
1 126 LYS n 
1 127 GLN n 
1 128 GLU n 
1 129 ILE n 
1 130 PHE n 
1 131 GLN n 
1 132 LEU n 
1 133 VAL n 
1 134 GLU n 
1 135 ILE n 
1 136 PHE n 
1 137 ARG n 
1 138 GLY n 
1 139 LYS n 
1 140 ILE n 
1 141 ILE n 
1 142 ASP n 
1 143 VAL n 
1 144 SER n 
1 145 ARG n 
1 146 GLU n 
1 147 GLY n 
1 148 ALA n 
1 149 ILE n 
1 150 ILE n 
1 151 GLU n 
1 152 ILE n 
1 153 THR n 
1 154 GLY n 
1 155 ALA n 
1 156 ARG n 
1 157 SER n 
1 158 LYS n 
1 159 VAL n 
1 160 GLU n 
1 161 ALA n 
1 162 PHE n 
1 163 ILE n 
1 164 ASN n 
1 165 LEU n 
1 166 LEU n 
1 167 PRO n 
1 168 GLN n 
1 169 LYS n 
1 170 GLN n 
1 171 VAL n 
1 172 GLU n 
1 173 GLU n 
1 174 ILE n 
1 175 ALA n 
1 176 ARG n 
1 177 THR n 
1 178 GLY n 
1 179 ILE n 
1 180 VAL n 
1 181 ALA n 
1 182 MSE n 
1 183 ASN n 
1 184 ARG n 
1 185 TRP n 
1 186 ASN n 
1 187 VAL n 
1 188 LYS n 
1 189 GLU n 
1 190 GLY n 
1 191 GLU n 
1 192 GLY n 
1 193 PHE n 
# 
_entity_src_gen.entity_id                          1 
_entity_src_gen.pdbx_src_id                        1 
_entity_src_gen.pdbx_alt_source_flag               sample 
_entity_src_gen.pdbx_seq_type                      ? 
_entity_src_gen.pdbx_beg_seq_num                   ? 
_entity_src_gen.pdbx_end_seq_num                   ? 
_entity_src_gen.gene_src_common_name               ? 
_entity_src_gen.gene_src_genus                     Thermotoga 
_entity_src_gen.pdbx_gene_src_gene                 ? 
_entity_src_gen.gene_src_species                   'Thermotoga maritima' 
_entity_src_gen.gene_src_strain                    MSB8 
_entity_src_gen.gene_src_tissue                    ? 
_entity_src_gen.gene_src_tissue_fraction           ? 
_entity_src_gen.gene_src_details                   ? 
_entity_src_gen.pdbx_gene_src_fragment             ? 
_entity_src_gen.pdbx_gene_src_scientific_name      'Thermotoga maritima' 
_entity_src_gen.pdbx_gene_src_ncbi_taxonomy_id     243274 
_entity_src_gen.pdbx_gene_src_variant              ? 
_entity_src_gen.pdbx_gene_src_cell_line            ? 
_entity_src_gen.pdbx_gene_src_atcc                 ? 
_entity_src_gen.pdbx_gene_src_organ                ? 
_entity_src_gen.pdbx_gene_src_organelle            ? 
_entity_src_gen.pdbx_gene_src_cell                 ? 
_entity_src_gen.pdbx_gene_src_cellular_location    ? 
_entity_src_gen.host_org_common_name               ? 
_entity_src_gen.pdbx_host_org_scientific_name      'Escherichia coli' 
_entity_src_gen.pdbx_host_org_ncbi_taxonomy_id     562 
_entity_src_gen.host_org_genus                     Escherichia 
_entity_src_gen.pdbx_host_org_gene                 ? 
_entity_src_gen.pdbx_host_org_organ                ? 
_entity_src_gen.host_org_species                   ? 
_entity_src_gen.pdbx_host_org_tissue               ? 
_entity_src_gen.pdbx_host_org_tissue_fraction      ? 
_entity_src_gen.pdbx_host_org_strain               'B834(DE3)pLysS' 
_entity_src_gen.pdbx_host_org_variant              ? 
_entity_src_gen.pdbx_host_org_cell_line            ? 
_entity_src_gen.pdbx_host_org_atcc                 ? 
_entity_src_gen.pdbx_host_org_culture_collection   ? 
_entity_src_gen.pdbx_host_org_cell                 ? 
_entity_src_gen.pdbx_host_org_organelle            ? 
_entity_src_gen.pdbx_host_org_cellular_location    ? 
_entity_src_gen.pdbx_host_org_vector_type          plasmid 
_entity_src_gen.pdbx_host_org_vector               ? 
_entity_src_gen.host_org_details                   ? 
_entity_src_gen.expression_system_id               ? 
_entity_src_gen.plasmid_name                       'pET15b(+)' 
_entity_src_gen.plasmid_details                    ? 
_entity_src_gen.pdbx_description                   ? 
# 
loop_
_chem_comp.id 
_chem_comp.type 
_chem_comp.mon_nstd_flag 
_chem_comp.name 
_chem_comp.pdbx_synonyms 
_chem_comp.formula 
_chem_comp.formula_weight 
ALA 'L-peptide linking' y ALANINE          ? 'C3 H7 N O2'     89.093  
ARG 'L-peptide linking' y ARGININE         ? 'C6 H15 N4 O2 1' 175.209 
ASN 'L-peptide linking' y ASPARAGINE       ? 'C4 H8 N2 O3'    132.118 
ASP 'L-peptide linking' y 'ASPARTIC ACID'  ? 'C4 H7 N O4'     133.103 
GLN 'L-peptide linking' y GLUTAMINE        ? 'C5 H10 N2 O3'   146.144 
GLU 'L-peptide linking' y 'GLUTAMIC ACID'  ? 'C5 H9 N O4'     147.129 
GLY 'peptide linking'   y GLYCINE          ? 'C2 H5 N O2'     75.067  
HIS 'L-peptide linking' y HISTIDINE        ? 'C6 H10 N3 O2 1' 156.162 
HOH non-polymer         . WATER            ? 'H2 O'           18.015  
ILE 'L-peptide linking' y ISOLEUCINE       ? 'C6 H13 N O2'    131.173 
LEU 'L-peptide linking' y LEUCINE          ? 'C6 H13 N O2'    131.173 
LYS 'L-peptide linking' y LYSINE           ? 'C6 H15 N2 O2 1' 147.195 
MET 'L-peptide linking' y METHIONINE       ? 'C5 H11 N O2 S'  149.211 
MG  non-polymer         . 'MAGNESIUM ION'  ? 'Mg 2'           24.305  
MSE 'L-peptide linking' n SELENOMETHIONINE ? 'C5 H11 N O2 Se' 196.106 
PHE 'L-peptide linking' y PHENYLALANINE    ? 'C9 H11 N O2'    165.189 
PRO 'L-peptide linking' y PROLINE          ? 'C5 H9 N O2'     115.130 
SER 'L-peptide linking' y SERINE           ? 'C3 H7 N O3'     105.093 
THR 'L-peptide linking' y THREONINE        ? 'C4 H9 N O3'     119.119 
TRP 'L-peptide linking' y TRYPTOPHAN       ? 'C11 H12 N2 O2'  204.225 
TYR 'L-peptide linking' y TYROSINE         ? 'C9 H11 N O3'    181.189 
VAL 'L-peptide linking' y VALINE           ? 'C5 H11 N O2'    117.146 
# 
loop_
_pdbx_poly_seq_scheme.asym_id 
_pdbx_poly_seq_scheme.entity_id 
_pdbx_poly_seq_scheme.seq_id 
_pdbx_poly_seq_scheme.mon_id 
_pdbx_poly_seq_scheme.ndb_seq_num 
_pdbx_poly_seq_scheme.pdb_seq_num 
_pdbx_poly_seq_scheme.auth_seq_num 
_pdbx_poly_seq_scheme.pdb_mon_id 
_pdbx_poly_seq_scheme.auth_mon_id 
_pdbx_poly_seq_scheme.pdb_strand_id 
_pdbx_poly_seq_scheme.pdb_ins_code 
_pdbx_poly_seq_scheme.hetero 
A 1 1   MSE 1   1   ?   ?   ?   A . n 
A 1 2   GLY 2   2   ?   ?   ?   A . n 
A 1 3   SER 3   3   ?   ?   ?   A . n 
A 1 4   SER 4   4   ?   ?   ?   A . n 
A 1 5   HIS 5   5   ?   ?   ?   A . n 
A 1 6   HIS 6   6   ?   ?   ?   A . n 
A 1 7   HIS 7   7   ?   ?   ?   A . n 
A 1 8   HIS 8   8   ?   ?   ?   A . n 
A 1 9   HIS 9   9   ?   ?   ?   A . n 
A 1 10  HIS 10  10  ?   ?   ?   A . n 
A 1 11  SER 11  11  ?   ?   ?   A . n 
A 1 12  SER 12  12  ?   ?   ?   A . n 
A 1 13  GLY 13  13  ?   ?   ?   A . n 
A 1 14  ARG 14  14  ?   ?   ?   A . n 
A 1 15  GLU 15  15  ?   ?   ?   A . n 
A 1 16  ASN 16  16  ?   ?   ?   A . n 
A 1 17  LEU 17  17  ?   ?   ?   A . n 
A 1 18  TYR 18  18  ?   ?   ?   A . n 
A 1 19  PHE 19  19  ?   ?   ?   A . n 
A 1 20  GLN 20  20  ?   ?   ?   A . n 
A 1 21  GLY 21  21  ?   ?   ?   A . n 
A 1 22  HIS 22  22  ?   ?   ?   A . n 
A 1 23  MSE 23  23  ?   ?   ?   A . n 
A 1 24  THR 24  24  ?   ?   ?   A . n 
A 1 25  ASP 25  25  ?   ?   ?   A . n 
A 1 26  GLN 26  26  ?   ?   ?   A . n 
A 1 27  ILE 27  27  27  ILE ILE A . n 
A 1 28  ARG 28  28  28  ARG ARG A . n 
A 1 29  GLU 29  29  29  GLU GLU A . n 
A 1 30  HIS 30  30  30  HIS HIS A . n 
A 1 31  LEU 31  31  31  LEU LEU A . n 
A 1 32  VAL 32  32  32  VAL VAL A . n 
A 1 33  SER 33  33  33  SER SER A . n 
A 1 34  MSE 34  34  34  MSE MSE A . n 
A 1 35  LEU 35  35  35  LEU LEU A . n 
A 1 36  VAL 36  36  36  VAL VAL A . n 
A 1 37  HIS 37  37  37  HIS HIS A . n 
A 1 38  ASN 38  38  38  ASN ASN A . n 
A 1 39  LYS 39  39  39  LYS LYS A . n 
A 1 40  PRO 40  40  40  PRO PRO A . n 
A 1 41  GLY 41  41  41  GLY GLY A . n 
A 1 42  VAL 42  42  42  VAL VAL A . n 
A 1 43  MSE 43  43  43  MSE MSE A . n 
A 1 44  ARG 44  44  44  ARG ARG A . n 
A 1 45  LYS 45  45  45  LYS LYS A . n 
A 1 46  VAL 46  46  46  VAL VAL A . n 
A 1 47  ALA 47  47  47  ALA ALA A . n 
A 1 48  ASN 48  48  48  ASN ASN A . n 
A 1 49  LEU 49  49  49  LEU LEU A . n 
A 1 50  PHE 50  50  50  PHE PHE A . n 
A 1 51  ALA 51  51  51  ALA ALA A . n 
A 1 52  ARG 52  52  52  ARG ARG A . n 
A 1 53  ARG 53  53  53  ARG ARG A . n 
A 1 54  GLY 54  54  54  GLY GLY A . n 
A 1 55  PHE 55  55  55  PHE PHE A . n 
A 1 56  ASN 56  56  56  ASN ASN A . n 
A 1 57  ILE 57  57  57  ILE ILE A . n 
A 1 58  SER 58  58  58  SER SER A . n 
A 1 59  SER 59  59  59  SER SER A . n 
A 1 60  ILE 60  60  60  ILE ILE A . n 
A 1 61  THR 61  61  61  THR THR A . n 
A 1 62  VAL 62  62  62  VAL VAL A . n 
A 1 63  GLY 63  63  63  GLY GLY A . n 
A 1 64  GLU 64  64  64  GLU GLU A . n 
A 1 65  SER 65  65  65  SER SER A . n 
A 1 66  GLU 66  66  66  GLU GLU A . n 
A 1 67  THR 67  67  67  THR THR A . n 
A 1 68  PRO 68  68  68  PRO PRO A . n 
A 1 69  GLY 69  69  69  GLY GLY A . n 
A 1 70  LEU 70  70  70  LEU LEU A . n 
A 1 71  SER 71  71  71  SER SER A . n 
A 1 72  ARG 72  72  72  ARG ARG A . n 
A 1 73  LEU 73  73  73  LEU LEU A . n 
A 1 74  VAL 74  74  74  VAL VAL A . n 
A 1 75  ILE 75  75  75  ILE ILE A . n 
A 1 76  MSE 76  76  76  MSE MSE A . n 
A 1 77  VAL 77  77  77  VAL VAL A . n 
A 1 78  LYS 78  78  78  LYS LYS A . n 
A 1 79  GLY 79  79  79  GLY GLY A . n 
A 1 80  ASP 80  80  80  ASP ASP A . n 
A 1 81  ASP 81  81  81  ASP ASP A . n 
A 1 82  LYS 82  82  82  LYS LYS A . n 
A 1 83  THR 83  83  83  THR THR A . n 
A 1 84  ILE 84  84  84  ILE ILE A . n 
A 1 85  GLU 85  85  85  GLU GLU A . n 
A 1 86  GLN 86  86  86  GLN GLN A . n 
A 1 87  ILE 87  87  87  ILE ILE A . n 
A 1 88  GLU 88  88  88  GLU GLU A . n 
A 1 89  LYS 89  89  89  LYS LYS A . n 
A 1 90  GLN 90  90  90  GLN GLN A . n 
A 1 91  ALA 91  91  91  ALA ALA A . n 
A 1 92  TYR 92  92  92  TYR TYR A . n 
A 1 93  LYS 93  93  93  LYS LYS A . n 
A 1 94  LEU 94  94  94  LEU LEU A . n 
A 1 95  VAL 95  95  95  VAL VAL A . n 
A 1 96  GLU 96  96  96  GLU GLU A . n 
A 1 97  VAL 97  97  97  VAL VAL A . n 
A 1 98  VAL 98  98  98  VAL VAL A . n 
A 1 99  LYS 99  99  99  LYS LYS A . n 
A 1 100 VAL 100 100 100 VAL VAL A . n 
A 1 101 THR 101 101 101 THR THR A . n 
A 1 102 PRO 102 102 102 PRO PRO A . n 
A 1 103 ILE 103 103 103 ILE ILE A . n 
A 1 104 ASP 104 104 104 ASP ASP A . n 
A 1 105 PRO 105 105 105 PRO PRO A . n 
A 1 106 LEU 106 106 106 LEU LEU A . n 
A 1 107 PRO 107 107 107 PRO PRO A . n 
A 1 108 GLU 108 108 108 GLU GLU A . n 
A 1 109 ASN 109 109 109 ASN ASN A . n 
A 1 110 ARG 110 110 110 ARG ARG A . n 
A 1 111 VAL 111 111 111 VAL VAL A . n 
A 1 112 GLU 112 112 112 GLU GLU A . n 
A 1 113 ARG 113 113 113 ARG ARG A . n 
A 1 114 GLU 114 114 114 GLU GLU A . n 
A 1 115 MSE 115 115 115 MSE MSE A . n 
A 1 116 ALA 116 116 116 ALA ALA A . n 
A 1 117 LEU 117 117 117 LEU LEU A . n 
A 1 118 ILE 118 118 118 ILE ILE A . n 
A 1 119 LYS 119 119 119 LYS LYS A . n 
A 1 120 VAL 120 120 120 VAL VAL A . n 
A 1 121 ARG 121 121 121 ARG ARG A . n 
A 1 122 PHE 122 122 122 PHE PHE A . n 
A 1 123 ASP 123 123 123 ASP ASP A . n 
A 1 124 GLU 124 124 124 GLU GLU A . n 
A 1 125 ASP 125 125 125 ASP ASP A . n 
A 1 126 LYS 126 126 126 LYS LYS A . n 
A 1 127 GLN 127 127 127 GLN GLN A . n 
A 1 128 GLU 128 128 128 GLU GLU A . n 
A 1 129 ILE 129 129 129 ILE ILE A . n 
A 1 130 PHE 130 130 130 PHE PHE A . n 
A 1 131 GLN 131 131 131 GLN GLN A . n 
A 1 132 LEU 132 132 132 LEU LEU A . n 
A 1 133 VAL 133 133 133 VAL VAL A . n 
A 1 134 GLU 134 134 134 GLU GLU A . n 
A 1 135 ILE 135 135 135 ILE ILE A . n 
A 1 136 PHE 136 136 136 PHE PHE A . n 
A 1 137 ARG 137 137 137 ARG ARG A . n 
A 1 138 GLY 138 138 138 GLY GLY A . n 
A 1 139 LYS 139 139 139 LYS LYS A . n 
A 1 140 ILE 140 140 140 ILE ILE A . n 
A 1 141 ILE 141 141 141 ILE ILE A . n 
A 1 142 ASP 142 142 142 ASP ASP A . n 
A 1 143 VAL 143 143 143 VAL VAL A . n 
A 1 144 SER 144 144 144 SER SER A . n 
A 1 145 ARG 145 145 145 ARG ARG A . n 
A 1 146 GLU 146 146 146 GLU GLU A . n 
A 1 147 GLY 147 147 147 GLY GLY A . n 
A 1 148 ALA 148 148 148 ALA ALA A . n 
A 1 149 ILE 149 149 149 ILE ILE A . n 
A 1 150 ILE 150 150 150 ILE ILE A . n 
A 1 151 GLU 151 151 151 GLU GLU A . n 
A 1 152 ILE 152 152 152 ILE ILE A . n 
A 1 153 THR 153 153 153 THR THR A . n 
A 1 154 GLY 154 154 154 GLY GLY A . n 
A 1 155 ALA 155 155 155 ALA ALA A . n 
A 1 156 ARG 156 156 156 ARG ARG A . n 
A 1 157 SER 157 157 157 SER SER A . n 
A 1 158 LYS 158 158 158 LYS LYS A . n 
A 1 159 VAL 159 159 159 VAL VAL A . n 
A 1 160 GLU 160 160 160 GLU GLU A . n 
A 1 161 ALA 161 161 161 ALA ALA A . n 
A 1 162 PHE 162 162 162 PHE PHE A . n 
A 1 163 ILE 163 163 163 ILE ILE A . n 
A 1 164 ASN 164 164 164 ASN ASN A . n 
A 1 165 LEU 165 165 165 LEU LEU A . n 
A 1 166 LEU 166 166 166 LEU LEU A . n 
A 1 167 PRO 167 167 167 PRO PRO A . n 
A 1 168 GLN 168 168 168 GLN GLN A . n 
A 1 169 LYS 169 169 169 LYS LYS A . n 
A 1 170 GLN 170 170 170 GLN GLN A . n 
A 1 171 VAL 171 171 171 VAL VAL A . n 
A 1 172 GLU 172 172 172 GLU GLU A . n 
A 1 173 GLU 173 173 173 GLU GLU A . n 
A 1 174 ILE 174 174 174 ILE ILE A . n 
A 1 175 ALA 175 175 175 ALA ALA A . n 
A 1 176 ARG 176 176 176 ARG ARG A . n 
A 1 177 THR 177 177 177 THR THR A . n 
A 1 178 GLY 178 178 178 GLY GLY A . n 
A 1 179 ILE 179 179 179 ILE ILE A . n 
A 1 180 VAL 180 180 180 VAL VAL A . n 
A 1 181 ALA 181 181 181 ALA ALA A . n 
A 1 182 MSE 182 182 182 MSE MSE A . n 
A 1 183 ASN 183 183 183 ASN ASN A . n 
A 1 184 ARG 184 184 184 ARG ARG A . n 
A 1 185 TRP 185 185 185 TRP TRP A . n 
A 1 186 ASN 186 186 186 ASN ASN A . n 
A 1 187 VAL 187 187 187 VAL VAL A . n 
A 1 188 LYS 188 188 ?   ?   ?   A . n 
A 1 189 GLU 189 189 ?   ?   ?   A . n 
A 1 190 GLY 190 190 ?   ?   ?   A . n 
A 1 191 GLU 191 191 ?   ?   ?   A . n 
A 1 192 GLY 192 192 ?   ?   ?   A . n 
A 1 193 PHE 193 193 ?   ?   ?   A . n 
# 
loop_
_pdbx_nonpoly_scheme.asym_id 
_pdbx_nonpoly_scheme.entity_id 
_pdbx_nonpoly_scheme.mon_id 
_pdbx_nonpoly_scheme.ndb_seq_num 
_pdbx_nonpoly_scheme.pdb_seq_num 
_pdbx_nonpoly_scheme.auth_seq_num 
_pdbx_nonpoly_scheme.pdb_mon_id 
_pdbx_nonpoly_scheme.auth_mon_id 
_pdbx_nonpoly_scheme.pdb_strand_id 
_pdbx_nonpoly_scheme.pdb_ins_code 
B 2 MG  1  1001 1001 MG  MG  A . 
C 3 HOH 1  1002 1    HOH HOH A . 
C 3 HOH 2  1003 2    HOH HOH A . 
C 3 HOH 3  1004 3    HOH HOH A . 
C 3 HOH 4  1005 4    HOH HOH A . 
C 3 HOH 5  1006 5    HOH HOH A . 
C 3 HOH 6  1007 6    HOH HOH A . 
C 3 HOH 7  1008 7    HOH HOH A . 
C 3 HOH 8  1009 8    HOH HOH A . 
C 3 HOH 9  1010 9    HOH HOH A . 
C 3 HOH 10 1011 10   HOH HOH A . 
C 3 HOH 11 1012 11   HOH HOH A . 
C 3 HOH 12 1013 12   HOH HOH A . 
C 3 HOH 13 1014 13   HOH HOH A . 
C 3 HOH 14 1015 14   HOH HOH A . 
C 3 HOH 15 1016 15   HOH HOH A . 
C 3 HOH 16 1017 16   HOH HOH A . 
C 3 HOH 17 1018 17   HOH HOH A . 
C 3 HOH 18 1019 18   HOH HOH A . 
C 3 HOH 19 1020 19   HOH HOH A . 
C 3 HOH 20 1021 20   HOH HOH A . 
C 3 HOH 21 1022 21   HOH HOH A . 
C 3 HOH 22 1023 22   HOH HOH A . 
C 3 HOH 23 1024 23   HOH HOH A . 
C 3 HOH 24 1025 24   HOH HOH A . 
C 3 HOH 25 1026 25   HOH HOH A . 
C 3 HOH 26 1027 26   HOH HOH A . 
C 3 HOH 27 1028 27   HOH HOH A . 
C 3 HOH 28 1029 28   HOH HOH A . 
C 3 HOH 29 1030 29   HOH HOH A . 
C 3 HOH 30 1031 31   HOH HOH A . 
C 3 HOH 31 1032 32   HOH HOH A . 
C 3 HOH 32 1033 34   HOH HOH A . 
C 3 HOH 33 1034 35   HOH HOH A . 
C 3 HOH 34 1035 36   HOH HOH A . 
C 3 HOH 35 1036 37   HOH HOH A . 
C 3 HOH 36 1037 38   HOH HOH A . 
C 3 HOH 37 1038 39   HOH HOH A . 
C 3 HOH 38 1039 40   HOH HOH A . 
C 3 HOH 39 1040 41   HOH HOH A . 
C 3 HOH 40 1041 42   HOH HOH A . 
C 3 HOH 41 1042 43   HOH HOH A . 
# 
loop_
_pdbx_unobs_or_zero_occ_atoms.id 
_pdbx_unobs_or_zero_occ_atoms.PDB_model_num 
_pdbx_unobs_or_zero_occ_atoms.polymer_flag 
_pdbx_unobs_or_zero_occ_atoms.occupancy_flag 
_pdbx_unobs_or_zero_occ_atoms.auth_asym_id 
_pdbx_unobs_or_zero_occ_atoms.auth_comp_id 
_pdbx_unobs_or_zero_occ_atoms.auth_seq_id 
_pdbx_unobs_or_zero_occ_atoms.PDB_ins_code 
_pdbx_unobs_or_zero_occ_atoms.auth_atom_id 
_pdbx_unobs_or_zero_occ_atoms.label_alt_id 
_pdbx_unobs_or_zero_occ_atoms.label_asym_id 
_pdbx_unobs_or_zero_occ_atoms.label_comp_id 
_pdbx_unobs_or_zero_occ_atoms.label_seq_id 
_pdbx_unobs_or_zero_occ_atoms.label_atom_id 
1  1 Y 1 A ARG 28  ? CD  ? A ARG 28  CD  
2  1 Y 1 A ARG 28  ? NE  ? A ARG 28  NE  
3  1 Y 1 A ARG 28  ? CZ  ? A ARG 28  CZ  
4  1 Y 1 A ARG 28  ? NH1 ? A ARG 28  NH1 
5  1 Y 1 A ARG 28  ? NH2 ? A ARG 28  NH2 
6  1 Y 1 A GLU 29  ? CG  ? A GLU 29  CG  
7  1 Y 1 A GLU 29  ? CD  ? A GLU 29  CD  
8  1 Y 1 A GLU 29  ? OE1 ? A GLU 29  OE1 
9  1 Y 1 A GLU 29  ? OE2 ? A GLU 29  OE2 
10 1 Y 1 A MSE 43  ? CG  ? A MSE 43  CG  
11 1 Y 1 A MSE 43  ? SE  ? A MSE 43  SE  
12 1 Y 1 A MSE 43  ? CE  ? A MSE 43  CE  
13 1 Y 1 A ARG 52  ? CG  ? A ARG 52  CG  
14 1 Y 1 A ARG 52  ? CD  ? A ARG 52  CD  
15 1 Y 1 A ARG 52  ? NE  ? A ARG 52  NE  
16 1 Y 1 A ARG 52  ? CZ  ? A ARG 52  CZ  
17 1 Y 1 A ARG 52  ? NH1 ? A ARG 52  NH1 
18 1 Y 1 A ARG 52  ? NH2 ? A ARG 52  NH2 
19 1 Y 1 A ILE 60  ? CD1 ? A ILE 60  CD1 
20 1 Y 1 A ASP 81  ? CG  ? A ASP 81  CG  
21 1 Y 1 A ASP 81  ? OD1 ? A ASP 81  OD1 
22 1 Y 1 A ASP 81  ? OD2 ? A ASP 81  OD2 
23 1 Y 1 A LYS 82  ? CG  ? A LYS 82  CG  
24 1 Y 1 A LYS 82  ? CD  ? A LYS 82  CD  
25 1 Y 1 A LYS 82  ? CE  ? A LYS 82  CE  
26 1 Y 1 A LYS 82  ? NZ  ? A LYS 82  NZ  
27 1 Y 1 A ILE 84  ? CG1 ? A ILE 84  CG1 
28 1 Y 1 A ILE 84  ? CG2 ? A ILE 84  CG2 
29 1 Y 1 A ILE 84  ? CD1 ? A ILE 84  CD1 
30 1 Y 1 A LYS 89  ? CE  ? A LYS 89  CE  
31 1 Y 1 A LYS 89  ? NZ  ? A LYS 89  NZ  
32 1 Y 1 A GLU 96  ? CG  ? A GLU 96  CG  
33 1 Y 1 A GLU 96  ? CD  ? A GLU 96  CD  
34 1 Y 1 A GLU 96  ? OE1 ? A GLU 96  OE1 
35 1 Y 1 A GLU 96  ? OE2 ? A GLU 96  OE2 
36 1 Y 1 A GLU 108 ? CD  ? A GLU 108 CD  
37 1 Y 1 A GLU 108 ? OE1 ? A GLU 108 OE1 
38 1 Y 1 A GLU 108 ? OE2 ? A GLU 108 OE2 
39 1 Y 1 A GLU 112 ? CG  ? A GLU 112 CG  
40 1 Y 1 A GLU 112 ? CD  ? A GLU 112 CD  
41 1 Y 1 A GLU 112 ? OE1 ? A GLU 112 OE1 
42 1 Y 1 A GLU 112 ? OE2 ? A GLU 112 OE2 
43 1 Y 1 A ARG 121 ? NE  ? A ARG 121 NE  
44 1 Y 1 A ARG 121 ? CZ  ? A ARG 121 CZ  
45 1 Y 1 A ARG 121 ? NH1 ? A ARG 121 NH1 
46 1 Y 1 A ARG 121 ? NH2 ? A ARG 121 NH2 
47 1 Y 1 A ILE 140 ? CD1 ? A ILE 140 CD1 
48 1 Y 1 A GLU 146 ? CD  ? A GLU 146 CD  
49 1 Y 1 A GLU 146 ? OE1 ? A GLU 146 OE1 
50 1 Y 1 A GLU 146 ? OE2 ? A GLU 146 OE2 
51 1 Y 1 A VAL 187 ? CG1 ? A VAL 187 CG1 
52 1 Y 1 A VAL 187 ? CG2 ? A VAL 187 CG2 
# 
loop_
_software.name 
_software.classification 
_software.version 
_software.citation_id 
_software.pdbx_ordinal 
REFMAC   refinement       5.2.0005 ? 1  
HKL-2000 'data reduction' .        ? 2  
HKL-2000 'data scaling'   .        ? 3  
HKL-3000 phasing          .        ? 4  
SHELXD   phasing          .        ? 5  
SHELXE   'model building' .        ? 6  
MLPHARE  phasing          .        ? 7  
DM       phasing          .        ? 8  
SOLVE    phasing          .        ? 9  
RESOLVE  phasing          .        ? 10 
O        'model building' .        ? 11 
Coot     'model building' .        ? 12 
CCP4     phasing          .        ? 13 
# 
_cell.entry_id           2FGC 
_cell.length_a           104.782 
_cell.length_b           104.782 
_cell.length_c           78.511 
_cell.angle_alpha        90.00 
_cell.angle_beta         90.00 
_cell.angle_gamma        90.00 
_cell.Z_PDB              16 
_cell.pdbx_unique_axis   ? 
_cell.length_a_esd       ? 
_cell.length_b_esd       ? 
_cell.length_c_esd       ? 
_cell.angle_alpha_esd    ? 
_cell.angle_beta_esd     ? 
_cell.angle_gamma_esd    ? 
# 
_symmetry.entry_id                         2FGC 
_symmetry.space_group_name_H-M             'I 4 2 2' 
_symmetry.pdbx_full_space_group_name_H-M   ? 
_symmetry.cell_setting                     ? 
_symmetry.Int_Tables_number                97 
_symmetry.space_group_name_Hall            ? 
# 
_exptl.entry_id          2FGC 
_exptl.method            'X-RAY DIFFRACTION' 
_exptl.crystals_number   1 
# 
_exptl_crystal.id                    1 
_exptl_crystal.density_meas          ? 
_exptl_crystal.density_Matthews      2.45 
_exptl_crystal.density_percent_sol   49.8 
_exptl_crystal.description           ? 
_exptl_crystal.F_000                 ? 
_exptl_crystal.preparation           ? 
# 
_exptl_crystal_grow.crystal_id      1 
_exptl_crystal_grow.method          'VAPOR DIFFUSION, HANGING DROP' 
_exptl_crystal_grow.temp            293 
_exptl_crystal_grow.temp_details    ? 
_exptl_crystal_grow.pH              ? 
_exptl_crystal_grow.pdbx_details    
'2% V/V GLYCEROL, 0.4% W/V NDSB201, 0.15M MG FORMATE, VAPOR DIFFUSION, HANGING DROP, temperature 293K' 
_exptl_crystal_grow.pdbx_pH_range   . 
# 
_diffrn.id                     1 
_diffrn.ambient_temp           100 
_diffrn.ambient_temp_details   ? 
_diffrn.crystal_id             1 
# 
_diffrn_detector.diffrn_id              1 
_diffrn_detector.detector               CCD 
_diffrn_detector.type                   SBC-3 
_diffrn_detector.pdbx_collection_date   2005-10-19 
_diffrn_detector.details                'SI 111 CHANNEL' 
# 
_diffrn_radiation.diffrn_id                        1 
_diffrn_radiation.wavelength_id                    1 
_diffrn_radiation.pdbx_monochromatic_or_laue_m_l   M 
_diffrn_radiation.monochromator                    'SI 111 CHANNEL' 
_diffrn_radiation.pdbx_diffrn_protocol             'SINGLE WAVELENGTH' 
_diffrn_radiation.pdbx_scattering_type             x-ray 
# 
_diffrn_radiation_wavelength.id           1 
_diffrn_radiation_wavelength.wavelength   0.9791 
_diffrn_radiation_wavelength.wt           1.0 
# 
_diffrn_source.diffrn_id                   1 
_diffrn_source.source                      SYNCHROTRON 
_diffrn_source.type                        'APS BEAMLINE 19-BM' 
_diffrn_source.pdbx_synchrotron_site       APS 
_diffrn_source.pdbx_synchrotron_beamline   19-BM 
_diffrn_source.pdbx_wavelength             ? 
_diffrn_source.pdbx_wavelength_list        0.9791 
# 
_reflns.entry_id                     2FGC 
_reflns.observed_criterion_sigma_I   -3.0 
_reflns.observed_criterion_sigma_F   0 
_reflns.d_resolution_low             27.26 
_reflns.d_resolution_high            2.3 
_reflns.number_obs                   9510 
_reflns.number_all                   9510 
_reflns.percent_possible_obs         99.5 
_reflns.pdbx_Rmerge_I_obs            0.097 
_reflns.pdbx_Rsym_value              ? 
_reflns.pdbx_netI_over_sigmaI        35.89 
_reflns.B_iso_Wilson_estimate        ? 
_reflns.pdbx_redundancy              7.1 
_reflns.R_free_details               ? 
_reflns.limit_h_max                  ? 
_reflns.limit_h_min                  ? 
_reflns.limit_k_max                  ? 
_reflns.limit_k_min                  ? 
_reflns.limit_l_max                  ? 
_reflns.limit_l_min                  ? 
_reflns.observed_criterion_F_max     ? 
_reflns.observed_criterion_F_min     ? 
_reflns.pdbx_chi_squared             ? 
_reflns.pdbx_scaling_rejects         ? 
_reflns.pdbx_ordinal                 1 
_reflns.pdbx_diffrn_id               1 
# 
_reflns_shell.d_res_high             2.30 
_reflns_shell.d_res_low              2.36 
_reflns_shell.percent_possible_all   100.00 
_reflns_shell.Rmerge_I_obs           0.458 
_reflns_shell.pdbx_Rsym_value        ? 
_reflns_shell.meanI_over_sigI_obs    4.6 
_reflns_shell.pdbx_redundancy        6.6 
_reflns_shell.percent_possible_obs   ? 
_reflns_shell.number_unique_all      ? 
_reflns_shell.number_measured_all    ? 
_reflns_shell.number_measured_obs    ? 
_reflns_shell.number_unique_obs      ? 
_reflns_shell.pdbx_chi_squared       ? 
_reflns_shell.pdbx_ordinal           1 
_reflns_shell.pdbx_diffrn_id         1 
# 
_refine.entry_id                                 2FGC 
_refine.ls_number_reflns_obs                     9497 
_refine.ls_number_reflns_all                     9497 
_refine.pdbx_ls_sigma_I                          ? 
_refine.pdbx_ls_sigma_F                          ? 
_refine.pdbx_data_cutoff_high_absF               ? 
_refine.pdbx_data_cutoff_low_absF                ? 
_refine.pdbx_data_cutoff_high_rms_absF           ? 
_refine.ls_d_res_low                             27.26 
_refine.ls_d_res_high                            2.30 
_refine.ls_percent_reflns_obs                    99.94 
_refine.ls_R_factor_obs                          0.17663 
_refine.ls_R_factor_all                          ? 
_refine.ls_R_factor_R_work                       0.1680 
_refine.ls_R_factor_R_free                       0.23643 
_refine.ls_R_factor_R_free_error                 ? 
_refine.ls_R_factor_R_free_error_details         ? 
_refine.ls_percent_reflns_R_free                 4.8 
_refine.ls_number_reflns_R_free                  479 
_refine.ls_number_parameters                     ? 
_refine.ls_number_restraints                     ? 
_refine.occupancy_min                            ? 
_refine.occupancy_max                            ? 
_refine.correlation_coeff_Fo_to_Fc               0.958 
_refine.correlation_coeff_Fo_to_Fc_free          0.942 
_refine.B_iso_mean                               55.906 
_refine.aniso_B[1][1]                            0.07 
_refine.aniso_B[2][2]                            0.07 
_refine.aniso_B[3][3]                            -0.14 
_refine.aniso_B[1][2]                            0.00 
_refine.aniso_B[1][3]                            0.00 
_refine.aniso_B[2][3]                            0.00 
_refine.solvent_model_details                    'BABINET MODEL WITH MASK' 
_refine.solvent_model_param_ksol                 ? 
_refine.solvent_model_param_bsol                 ? 
_refine.pdbx_solvent_vdw_probe_radii             1.20 
_refine.pdbx_solvent_ion_probe_radii             0.80 
_refine.pdbx_solvent_shrinkage_radii             0.80 
_refine.pdbx_ls_cross_valid_method               THROUGHOUT 
_refine.details                                  'HYDROGENS HAVE BEEN ADDED IN THE RIDING POSITIONS' 
_refine.pdbx_starting_model                      ? 
_refine.pdbx_method_to_determine_struct          SAD 
_refine.pdbx_isotropic_thermal_model             ? 
_refine.pdbx_stereochemistry_target_values       'MAXIMUM LIKELIHOOD' 
_refine.pdbx_stereochem_target_val_spec_case     ? 
_refine.pdbx_R_Free_selection_details            RANDOM 
_refine.pdbx_overall_ESU_R                       ? 
_refine.pdbx_overall_ESU_R_Free                  0.203 
_refine.overall_SU_ML                            0.151 
_refine.overall_SU_B                             13.695 
_refine.ls_redundancy_reflns_obs                 ? 
_refine.B_iso_min                                ? 
_refine.B_iso_max                                ? 
_refine.overall_SU_R_Cruickshank_DPI             ? 
_refine.overall_SU_R_free                        ? 
_refine.ls_wR_factor_R_free                      ? 
_refine.ls_wR_factor_R_work                      ? 
_refine.overall_FOM_free_R_set                   ? 
_refine.overall_FOM_work_R_set                   ? 
_refine.pdbx_refine_id                           'X-RAY DIFFRACTION' 
_refine.pdbx_diffrn_id                           1 
_refine.pdbx_TLS_residual_ADP_flag               ? 
_refine.pdbx_overall_phase_error                 ? 
_refine.pdbx_overall_SU_R_free_Cruickshank_DPI   ? 
_refine.pdbx_overall_SU_R_Blow_DPI               ? 
_refine.pdbx_overall_SU_R_free_Blow_DPI          ? 
# 
_refine_hist.pdbx_refine_id                   'X-RAY DIFFRACTION' 
_refine_hist.cycle_id                         LAST 
_refine_hist.pdbx_number_atoms_protein        1234 
_refine_hist.pdbx_number_atoms_nucleic_acid   0 
_refine_hist.pdbx_number_atoms_ligand         1 
_refine_hist.number_atoms_solvent             41 
_refine_hist.number_atoms_total               1276 
_refine_hist.d_res_high                       2.30 
_refine_hist.d_res_low                        27.26 
# 
loop_
_refine_ls_restr.type 
_refine_ls_restr.dev_ideal 
_refine_ls_restr.dev_ideal_target 
_refine_ls_restr.weight 
_refine_ls_restr.number 
_refine_ls_restr.pdbx_refine_id 
_refine_ls_restr.pdbx_restraint_function 
r_bond_refined_d             0.022  0.022  ? 1250 'X-RAY DIFFRACTION' ? 
r_bond_other_d               ?      ?      ? ?    'X-RAY DIFFRACTION' ? 
r_angle_refined_deg          1.847  1.969  ? 1689 'X-RAY DIFFRACTION' ? 
r_angle_other_deg            ?      ?      ? ?    'X-RAY DIFFRACTION' ? 
r_dihedral_angle_1_deg       7.051  5.000  ? 160  'X-RAY DIFFRACTION' ? 
r_dihedral_angle_2_deg       41.922 24.000 ? 50   'X-RAY DIFFRACTION' ? 
r_dihedral_angle_3_deg       19.759 15.000 ? 232  'X-RAY DIFFRACTION' ? 
r_dihedral_angle_4_deg       18.733 15.000 ? 10   'X-RAY DIFFRACTION' ? 
r_chiral_restr               0.130  0.200  ? 204  'X-RAY DIFFRACTION' ? 
r_gen_planes_refined         0.006  0.020  ? 906  'X-RAY DIFFRACTION' ? 
r_gen_planes_other           ?      ?      ? ?    'X-RAY DIFFRACTION' ? 
r_nbd_refined                0.229  0.200  ? 469  'X-RAY DIFFRACTION' ? 
r_nbd_other                  ?      ?      ? ?    'X-RAY DIFFRACTION' ? 
r_nbtor_refined              0.314  0.200  ? 860  'X-RAY DIFFRACTION' ? 
r_nbtor_other                ?      ?      ? ?    'X-RAY DIFFRACTION' ? 
r_xyhbond_nbd_refined        0.151  0.200  ? 44   'X-RAY DIFFRACTION' ? 
r_xyhbond_nbd_other          ?      ?      ? ?    'X-RAY DIFFRACTION' ? 
r_metal_ion_refined          ?      ?      ? ?    'X-RAY DIFFRACTION' ? 
r_metal_ion_other            ?      ?      ? ?    'X-RAY DIFFRACTION' ? 
r_symmetry_vdw_refined       0.298  0.200  ? 52   'X-RAY DIFFRACTION' ? 
r_symmetry_vdw_other         ?      ?      ? ?    'X-RAY DIFFRACTION' ? 
r_symmetry_hbond_refined     0.495  0.200  ? 10   'X-RAY DIFFRACTION' ? 
r_symmetry_hbond_other       ?      ?      ? ?    'X-RAY DIFFRACTION' ? 
r_symmetry_metal_ion_refined ?      ?      ? ?    'X-RAY DIFFRACTION' ? 
r_symmetry_metal_ion_other   ?      ?      ? ?    'X-RAY DIFFRACTION' ? 
r_mcbond_it                  4.247  3.000  ? 818  'X-RAY DIFFRACTION' ? 
r_mcbond_other               ?      ?      ? ?    'X-RAY DIFFRACTION' ? 
r_mcangle_it                 6.186  5.000  ? 1299 'X-RAY DIFFRACTION' ? 
r_scbond_it                  11.365 8.000  ? 466  'X-RAY DIFFRACTION' ? 
r_scangle_it                 16.034 11.000 ? 390  'X-RAY DIFFRACTION' ? 
r_rigid_bond_restr           ?      ?      ? ?    'X-RAY DIFFRACTION' ? 
r_sphericity_free            ?      ?      ? ?    'X-RAY DIFFRACTION' ? 
r_sphericity_bonded          ?      ?      ? ?    'X-RAY DIFFRACTION' ? 
# 
_refine_ls_shell.pdbx_total_number_of_bins_used   20 
_refine_ls_shell.d_res_high                       2.30 
_refine_ls_shell.d_res_low                        2.362 
_refine_ls_shell.number_reflns_R_work             683 
_refine_ls_shell.R_factor_R_work                  0.174 
_refine_ls_shell.percent_reflns_obs               100.00 
_refine_ls_shell.R_factor_R_free                  0.291 
_refine_ls_shell.R_factor_R_free_error            ? 
_refine_ls_shell.percent_reflns_R_free            ? 
_refine_ls_shell.number_reflns_R_free             35 
_refine_ls_shell.number_reflns_all                ? 
_refine_ls_shell.R_factor_all                     ? 
_refine_ls_shell.redundancy_reflns_obs            ? 
_refine_ls_shell.number_reflns_obs                ? 
_refine_ls_shell.pdbx_refine_id                   'X-RAY DIFFRACTION' 
# 
_struct.entry_id                  2FGC 
_struct.title                     'Crystal structure of Acetolactate synthase- small subunit from Thermotoga maritima' 
_struct.pdbx_model_details        ? 
_struct.pdbx_CASP_flag            ? 
_struct.pdbx_model_type_details   ? 
# 
_struct_keywords.entry_id        2FGC 
_struct_keywords.pdbx_keywords   TRANSFERASE 
_struct_keywords.text            
;ACETOLACTATE SYNTHASE, REGULATORY SUBUNIT, STRUCTURAL GENOMICS, PSI, Protein Structure Initiative, Midwest Center for Structural Genomics, MCSG, TRANSFERASE
;
# 
loop_
_struct_asym.id 
_struct_asym.pdbx_blank_PDB_chainid_flag 
_struct_asym.pdbx_modified 
_struct_asym.entity_id 
_struct_asym.details 
A N N 1 ? 
B N N 2 ? 
C N N 3 ? 
# 
_struct_ref.id                         1 
_struct_ref.db_name                    GB 
_struct_ref.db_code                    AAD35634 
_struct_ref.pdbx_db_accession          4981064 
_struct_ref.entity_id                  1 
_struct_ref.pdbx_seq_one_letter_code   
;MTDQIREHLVSMLVHNKPGVMRKVANLFARRGFNISSITVGESETPGLSRLVIMVKGDDKTIEQIEKQAYKLVEVVKVTP
IDPLPENRVEREMALIKVRFDEDKQEIFQLVEIFRGKIIDVSREGAIIEITGARSKVEAFINLLPQKQVEEIARTGIVAM
NRWNVKEGEGF
;
_struct_ref.pdbx_align_begin           1 
_struct_ref.pdbx_db_isoform            ? 
# 
_struct_ref_seq.align_id                      1 
_struct_ref_seq.ref_id                        1 
_struct_ref_seq.pdbx_PDB_id_code              2FGC 
_struct_ref_seq.pdbx_strand_id                A 
_struct_ref_seq.seq_align_beg                 23 
_struct_ref_seq.pdbx_seq_align_beg_ins_code   ? 
_struct_ref_seq.seq_align_end                 193 
_struct_ref_seq.pdbx_seq_align_end_ins_code   ? 
_struct_ref_seq.pdbx_db_accession             4981064 
_struct_ref_seq.db_align_beg                  1 
_struct_ref_seq.pdbx_db_align_beg_ins_code    ? 
_struct_ref_seq.db_align_end                  171 
_struct_ref_seq.pdbx_db_align_end_ins_code    ? 
_struct_ref_seq.pdbx_auth_seq_align_beg       23 
_struct_ref_seq.pdbx_auth_seq_align_end       193 
# 
loop_
_struct_ref_seq_dif.align_id 
_struct_ref_seq_dif.pdbx_pdb_id_code 
_struct_ref_seq_dif.mon_id 
_struct_ref_seq_dif.pdbx_pdb_strand_id 
_struct_ref_seq_dif.seq_num 
_struct_ref_seq_dif.pdbx_pdb_ins_code 
_struct_ref_seq_dif.pdbx_seq_db_name 
_struct_ref_seq_dif.pdbx_seq_db_accession_code 
_struct_ref_seq_dif.db_mon_id 
_struct_ref_seq_dif.pdbx_seq_db_seq_num 
_struct_ref_seq_dif.details 
_struct_ref_seq_dif.pdbx_auth_seq_num 
_struct_ref_seq_dif.pdbx_ordinal 
1 2FGC MSE A 1   ? GB 4981064 ?   ?   'cloning artifact' 1   1  
1 2FGC GLY A 2   ? GB 4981064 ?   ?   'cloning artifact' 2   2  
1 2FGC SER A 3   ? GB 4981064 ?   ?   'cloning artifact' 3   3  
1 2FGC SER A 4   ? GB 4981064 ?   ?   'cloning artifact' 4   4  
1 2FGC HIS A 5   ? GB 4981064 ?   ?   'expression tag'   5   5  
1 2FGC HIS A 6   ? GB 4981064 ?   ?   'expression tag'   6   6  
1 2FGC HIS A 7   ? GB 4981064 ?   ?   'expression tag'   7   7  
1 2FGC HIS A 8   ? GB 4981064 ?   ?   'expression tag'   8   8  
1 2FGC HIS A 9   ? GB 4981064 ?   ?   'expression tag'   9   9  
1 2FGC HIS A 10  ? GB 4981064 ?   ?   'expression tag'   10  10 
1 2FGC SER A 11  ? GB 4981064 ?   ?   'cloning artifact' 11  11 
1 2FGC SER A 12  ? GB 4981064 ?   ?   'cloning artifact' 12  12 
1 2FGC GLY A 13  ? GB 4981064 ?   ?   'cloning artifact' 13  13 
1 2FGC ARG A 14  ? GB 4981064 ?   ?   'cloning artifact' 14  14 
1 2FGC GLU A 15  ? GB 4981064 ?   ?   'cloning artifact' 15  15 
1 2FGC ASN A 16  ? GB 4981064 ?   ?   'cloning artifact' 16  16 
1 2FGC LEU A 17  ? GB 4981064 ?   ?   'cloning artifact' 17  17 
1 2FGC TYR A 18  ? GB 4981064 ?   ?   'cloning artifact' 18  18 
1 2FGC PHE A 19  ? GB 4981064 ?   ?   'cloning artifact' 19  19 
1 2FGC GLN A 20  ? GB 4981064 ?   ?   'cloning artifact' 20  20 
1 2FGC GLY A 21  ? GB 4981064 ?   ?   'cloning artifact' 21  21 
1 2FGC HIS A 22  ? GB 4981064 ?   ?   'cloning artifact' 22  22 
1 2FGC MSE A 23  ? GB 4981064 MET 1   'modified residue' 23  23 
1 2FGC MSE A 34  ? GB 4981064 MET 12  'modified residue' 34  24 
1 2FGC MSE A 43  ? GB 4981064 MET 21  'modified residue' 43  25 
1 2FGC MSE A 76  ? GB 4981064 MET 54  'modified residue' 76  26 
1 2FGC MSE A 115 ? GB 4981064 MET 93  'modified residue' 115 27 
1 2FGC MSE A 182 ? GB 4981064 MET 160 'modified residue' 182 28 
# 
_pdbx_struct_assembly.id                   1 
_pdbx_struct_assembly.details              author_and_software_defined_assembly 
_pdbx_struct_assembly.method_details       PISA,PQS 
_pdbx_struct_assembly.oligomeric_details   dimeric 
_pdbx_struct_assembly.oligomeric_count     2 
# 
loop_
_pdbx_struct_assembly_prop.biol_id 
_pdbx_struct_assembly_prop.type 
_pdbx_struct_assembly_prop.value 
_pdbx_struct_assembly_prop.details 
1 'ABSA (A^2)' 4530  ? 
1 MORE         -40   ? 
1 'SSA (A^2)'  16040 ? 
# 
_pdbx_struct_assembly_gen.assembly_id       1 
_pdbx_struct_assembly_gen.oper_expression   1,2 
_pdbx_struct_assembly_gen.asym_id_list      A,B,C 
# 
loop_
_pdbx_struct_oper_list.id 
_pdbx_struct_oper_list.type 
_pdbx_struct_oper_list.name 
_pdbx_struct_oper_list.symmetry_operation 
_pdbx_struct_oper_list.matrix[1][1] 
_pdbx_struct_oper_list.matrix[1][2] 
_pdbx_struct_oper_list.matrix[1][3] 
_pdbx_struct_oper_list.vector[1] 
_pdbx_struct_oper_list.matrix[2][1] 
_pdbx_struct_oper_list.matrix[2][2] 
_pdbx_struct_oper_list.matrix[2][3] 
_pdbx_struct_oper_list.vector[2] 
_pdbx_struct_oper_list.matrix[3][1] 
_pdbx_struct_oper_list.matrix[3][2] 
_pdbx_struct_oper_list.matrix[3][3] 
_pdbx_struct_oper_list.vector[3] 
1 'identity operation'         1_555 x,y,z  1.0000000000  0.0000000000  0.0000000000 0.0000000000  0.0000000000  1.0000000000  0.0000000000  0.0000000000  0.0000000000 0.0000000000  1.0000000000 0.0000000000 
2 'crystal symmetry operation' 7_555 y,x,-z -0.5877674423 -0.0645386277 0.8064516100 -5.6590320818 -0.0645386277 -0.9898959110 -0.1262570829 -8.5260412917 0.8064516100 -0.1262570829 0.5776633533 2.2103970561 
# 
_struct_biol.id   1 
# 
loop_
_struct_conf.conf_type_id 
_struct_conf.id 
_struct_conf.pdbx_PDB_helix_id 
_struct_conf.beg_label_comp_id 
_struct_conf.beg_label_asym_id 
_struct_conf.beg_label_seq_id 
_struct_conf.pdbx_beg_PDB_ins_code 
_struct_conf.end_label_comp_id 
_struct_conf.end_label_asym_id 
_struct_conf.end_label_seq_id 
_struct_conf.pdbx_end_PDB_ins_code 
_struct_conf.beg_auth_comp_id 
_struct_conf.beg_auth_asym_id 
_struct_conf.beg_auth_seq_id 
_struct_conf.end_auth_comp_id 
_struct_conf.end_auth_asym_id 
_struct_conf.end_auth_seq_id 
_struct_conf.pdbx_PDB_helix_class 
_struct_conf.details 
_struct_conf.pdbx_PDB_helix_length 
HELX_P HELX_P1 1 GLY A 41  ? ARG A 52  ? GLY A 41  ARG A 52  1 ? 12 
HELX_P HELX_P2 2 LYS A 82  ? TYR A 92  ? LYS A 82  TYR A 92  1 ? 11 
HELX_P HELX_P3 3 LEU A 106 ? GLU A 108 ? LEU A 106 GLU A 108 5 ? 3  
HELX_P HELX_P4 4 ASP A 125 ? PHE A 136 ? ASP A 125 PHE A 136 1 ? 12 
HELX_P HELX_P5 5 ALA A 155 ? LEU A 166 ? ALA A 155 LEU A 166 1 ? 12 
HELX_P HELX_P6 6 PRO A 167 ? LYS A 169 ? PRO A 167 LYS A 169 5 ? 3  
# 
_struct_conf_type.id          HELX_P 
_struct_conf_type.criteria    ? 
_struct_conf_type.reference   ? 
# 
loop_
_struct_conn.id 
_struct_conn.conn_type_id 
_struct_conn.pdbx_leaving_atom_flag 
_struct_conn.pdbx_PDB_id 
_struct_conn.ptnr1_label_asym_id 
_struct_conn.ptnr1_label_comp_id 
_struct_conn.ptnr1_label_seq_id 
_struct_conn.ptnr1_label_atom_id 
_struct_conn.pdbx_ptnr1_label_alt_id 
_struct_conn.pdbx_ptnr1_PDB_ins_code 
_struct_conn.pdbx_ptnr1_standard_comp_id 
_struct_conn.ptnr1_symmetry 
_struct_conn.ptnr2_label_asym_id 
_struct_conn.ptnr2_label_comp_id 
_struct_conn.ptnr2_label_seq_id 
_struct_conn.ptnr2_label_atom_id 
_struct_conn.pdbx_ptnr2_label_alt_id 
_struct_conn.pdbx_ptnr2_PDB_ins_code 
_struct_conn.ptnr1_auth_asym_id 
_struct_conn.ptnr1_auth_comp_id 
_struct_conn.ptnr1_auth_seq_id 
_struct_conn.ptnr2_auth_asym_id 
_struct_conn.ptnr2_auth_comp_id 
_struct_conn.ptnr2_auth_seq_id 
_struct_conn.ptnr2_symmetry 
_struct_conn.pdbx_ptnr3_label_atom_id 
_struct_conn.pdbx_ptnr3_label_seq_id 
_struct_conn.pdbx_ptnr3_label_comp_id 
_struct_conn.pdbx_ptnr3_label_asym_id 
_struct_conn.pdbx_ptnr3_label_alt_id 
_struct_conn.pdbx_ptnr3_PDB_ins_code 
_struct_conn.details 
_struct_conn.pdbx_dist_value 
_struct_conn.pdbx_value_order 
_struct_conn.pdbx_role 
covale1  covale both ? A SER 33  C  ? ? ? 1_555 A MSE 34  N ? ? A SER 33   A MSE 34   1_555 ? ? ? ? ? ? ? 1.320 ? ? 
covale2  covale both ? A MSE 34  C  ? ? ? 1_555 A LEU 35  N ? ? A MSE 34   A LEU 35   1_555 ? ? ? ? ? ? ? 1.325 ? ? 
covale3  covale both ? A VAL 42  C  ? ? ? 1_555 A MSE 43  N ? ? A VAL 42   A MSE 43   1_555 ? ? ? ? ? ? ? 1.334 ? ? 
covale4  covale both ? A MSE 43  C  ? ? ? 1_555 A ARG 44  N ? ? A MSE 43   A ARG 44   1_555 ? ? ? ? ? ? ? 1.330 ? ? 
covale5  covale both ? A ILE 75  C  ? ? ? 1_555 A MSE 76  N ? ? A ILE 75   A MSE 76   1_555 ? ? ? ? ? ? ? 1.308 ? ? 
covale6  covale both ? A MSE 76  C  ? ? ? 1_555 A VAL 77  N ? ? A MSE 76   A VAL 77   1_555 ? ? ? ? ? ? ? 1.323 ? ? 
covale7  covale both ? A GLU 114 C  ? ? ? 1_555 A MSE 115 N ? ? A GLU 114  A MSE 115  1_555 ? ? ? ? ? ? ? 1.321 ? ? 
covale8  covale both ? A MSE 115 C  ? ? ? 1_555 A ALA 116 N ? ? A MSE 115  A ALA 116  1_555 ? ? ? ? ? ? ? 1.334 ? ? 
covale9  covale both ? A ALA 181 C  ? ? ? 1_555 A MSE 182 N ? ? A ALA 181  A MSE 182  1_555 ? ? ? ? ? ? ? 1.318 ? ? 
covale10 covale both ? A MSE 182 C  ? ? ? 1_555 A ASN 183 N ? ? A MSE 182  A ASN 183  1_555 ? ? ? ? ? ? ? 1.331 ? ? 
metalc1  metalc ?    ? B MG  .   MG ? ? ? 1_555 C HOH .   O ? ? A MG  1001 A HOH 1012 1_555 ? ? ? ? ? ? ? 2.375 ? ? 
metalc2  metalc ?    ? B MG  .   MG ? ? ? 1_555 C HOH .   O ? ? A MG  1001 A HOH 1015 1_555 ? ? ? ? ? ? ? 2.130 ? ? 
metalc3  metalc ?    ? B MG  .   MG ? ? ? 1_555 C HOH .   O ? ? A MG  1001 A HOH 1023 1_555 ? ? ? ? ? ? ? 1.925 ? ? 
metalc4  metalc ?    ? B MG  .   MG ? ? ? 1_555 C HOH .   O ? ? A MG  1001 A HOH 1028 1_555 ? ? ? ? ? ? ? 2.184 ? ? 
metalc5  metalc ?    ? B MG  .   MG ? ? ? 1_555 C HOH .   O ? ? A MG  1001 A HOH 1033 1_555 ? ? ? ? ? ? ? 2.323 ? ? 
metalc6  metalc ?    ? B MG  .   MG ? ? ? 1_555 C HOH .   O ? ? A MG  1001 A HOH 1042 1_555 ? ? ? ? ? ? ? 1.925 ? ? 
# 
loop_
_struct_conn_type.id 
_struct_conn_type.criteria 
_struct_conn_type.reference 
covale ? ? 
metalc ? ? 
# 
loop_
_pdbx_struct_conn_angle.id 
_pdbx_struct_conn_angle.ptnr1_label_atom_id 
_pdbx_struct_conn_angle.ptnr1_label_alt_id 
_pdbx_struct_conn_angle.ptnr1_label_asym_id 
_pdbx_struct_conn_angle.ptnr1_label_comp_id 
_pdbx_struct_conn_angle.ptnr1_label_seq_id 
_pdbx_struct_conn_angle.ptnr1_auth_atom_id 
_pdbx_struct_conn_angle.ptnr1_auth_asym_id 
_pdbx_struct_conn_angle.ptnr1_auth_comp_id 
_pdbx_struct_conn_angle.ptnr1_auth_seq_id 
_pdbx_struct_conn_angle.ptnr1_PDB_ins_code 
_pdbx_struct_conn_angle.ptnr1_symmetry 
_pdbx_struct_conn_angle.ptnr2_label_atom_id 
_pdbx_struct_conn_angle.ptnr2_label_alt_id 
_pdbx_struct_conn_angle.ptnr2_label_asym_id 
_pdbx_struct_conn_angle.ptnr2_label_comp_id 
_pdbx_struct_conn_angle.ptnr2_label_seq_id 
_pdbx_struct_conn_angle.ptnr2_auth_atom_id 
_pdbx_struct_conn_angle.ptnr2_auth_asym_id 
_pdbx_struct_conn_angle.ptnr2_auth_comp_id 
_pdbx_struct_conn_angle.ptnr2_auth_seq_id 
_pdbx_struct_conn_angle.ptnr2_PDB_ins_code 
_pdbx_struct_conn_angle.ptnr2_symmetry 
_pdbx_struct_conn_angle.ptnr3_label_atom_id 
_pdbx_struct_conn_angle.ptnr3_label_alt_id 
_pdbx_struct_conn_angle.ptnr3_label_asym_id 
_pdbx_struct_conn_angle.ptnr3_label_comp_id 
_pdbx_struct_conn_angle.ptnr3_label_seq_id 
_pdbx_struct_conn_angle.ptnr3_auth_atom_id 
_pdbx_struct_conn_angle.ptnr3_auth_asym_id 
_pdbx_struct_conn_angle.ptnr3_auth_comp_id 
_pdbx_struct_conn_angle.ptnr3_auth_seq_id 
_pdbx_struct_conn_angle.ptnr3_PDB_ins_code 
_pdbx_struct_conn_angle.ptnr3_symmetry 
_pdbx_struct_conn_angle.value 
_pdbx_struct_conn_angle.value_esd 
1  O ? C HOH . ? A HOH 1012 ? 1_555 MG ? B MG . ? A MG 1001 ? 1_555 O ? C HOH . ? A HOH 1015 ? 1_555 96.8  ? 
2  O ? C HOH . ? A HOH 1012 ? 1_555 MG ? B MG . ? A MG 1001 ? 1_555 O ? C HOH . ? A HOH 1023 ? 1_555 88.7  ? 
3  O ? C HOH . ? A HOH 1015 ? 1_555 MG ? B MG . ? A MG 1001 ? 1_555 O ? C HOH . ? A HOH 1023 ? 1_555 174.4 ? 
4  O ? C HOH . ? A HOH 1012 ? 1_555 MG ? B MG . ? A MG 1001 ? 1_555 O ? C HOH . ? A HOH 1028 ? 1_555 76.9  ? 
5  O ? C HOH . ? A HOH 1015 ? 1_555 MG ? B MG . ? A MG 1001 ? 1_555 O ? C HOH . ? A HOH 1028 ? 1_555 97.5  ? 
6  O ? C HOH . ? A HOH 1023 ? 1_555 MG ? B MG . ? A MG 1001 ? 1_555 O ? C HOH . ? A HOH 1028 ? 1_555 84.1  ? 
7  O ? C HOH . ? A HOH 1012 ? 1_555 MG ? B MG . ? A MG 1001 ? 1_555 O ? C HOH . ? A HOH 1033 ? 1_555 84.5  ? 
8  O ? C HOH . ? A HOH 1015 ? 1_555 MG ? B MG . ? A MG 1001 ? 1_555 O ? C HOH . ? A HOH 1033 ? 1_555 100.8 ? 
9  O ? C HOH . ? A HOH 1023 ? 1_555 MG ? B MG . ? A MG 1001 ? 1_555 O ? C HOH . ? A HOH 1033 ? 1_555 79.3  ? 
10 O ? C HOH . ? A HOH 1028 ? 1_555 MG ? B MG . ? A MG 1001 ? 1_555 O ? C HOH . ? A HOH 1033 ? 1_555 155.3 ? 
11 O ? C HOH . ? A HOH 1012 ? 1_555 MG ? B MG . ? A MG 1001 ? 1_555 O ? C HOH . ? A HOH 1042 ? 1_555 176.5 ? 
12 O ? C HOH . ? A HOH 1015 ? 1_555 MG ? B MG . ? A MG 1001 ? 1_555 O ? C HOH . ? A HOH 1042 ? 1_555 83.7  ? 
13 O ? C HOH . ? A HOH 1023 ? 1_555 MG ? B MG . ? A MG 1001 ? 1_555 O ? C HOH . ? A HOH 1042 ? 1_555 90.7  ? 
14 O ? C HOH . ? A HOH 1028 ? 1_555 MG ? B MG . ? A MG 1001 ? 1_555 O ? C HOH . ? A HOH 1042 ? 1_555 106.5 ? 
15 O ? C HOH . ? A HOH 1033 ? 1_555 MG ? B MG . ? A MG 1001 ? 1_555 O ? C HOH . ? A HOH 1042 ? 1_555 91.9  ? 
# 
loop_
_pdbx_modification_feature.ordinal 
_pdbx_modification_feature.label_comp_id 
_pdbx_modification_feature.label_asym_id 
_pdbx_modification_feature.label_seq_id 
_pdbx_modification_feature.label_alt_id 
_pdbx_modification_feature.modified_residue_label_comp_id 
_pdbx_modification_feature.modified_residue_label_asym_id 
_pdbx_modification_feature.modified_residue_label_seq_id 
_pdbx_modification_feature.modified_residue_label_alt_id 
_pdbx_modification_feature.auth_comp_id 
_pdbx_modification_feature.auth_asym_id 
_pdbx_modification_feature.auth_seq_id 
_pdbx_modification_feature.PDB_ins_code 
_pdbx_modification_feature.symmetry 
_pdbx_modification_feature.modified_residue_auth_comp_id 
_pdbx_modification_feature.modified_residue_auth_asym_id 
_pdbx_modification_feature.modified_residue_auth_seq_id 
_pdbx_modification_feature.modified_residue_PDB_ins_code 
_pdbx_modification_feature.modified_residue_symmetry 
_pdbx_modification_feature.comp_id_linking_atom 
_pdbx_modification_feature.modified_residue_id_linking_atom 
_pdbx_modification_feature.modified_residue_id 
_pdbx_modification_feature.ref_pcm_id 
_pdbx_modification_feature.ref_comp_id 
_pdbx_modification_feature.type 
_pdbx_modification_feature.category 
1 MSE A 34  ? . . . . MSE A 34  ? 1_555 . . . . . . . MET 1 MSE Selenomethionine 'Named protein modification' 
2 MSE A 43  ? . . . . MSE A 43  ? 1_555 . . . . . . . MET 1 MSE Selenomethionine 'Named protein modification' 
3 MSE A 76  ? . . . . MSE A 76  ? 1_555 . . . . . . . MET 1 MSE Selenomethionine 'Named protein modification' 
4 MSE A 115 ? . . . . MSE A 115 ? 1_555 . . . . . . . MET 1 MSE Selenomethionine 'Named protein modification' 
5 MSE A 182 ? . . . . MSE A 182 ? 1_555 . . . . . . . MET 1 MSE Selenomethionine 'Named protein modification' 
# 
loop_
_struct_sheet.id 
_struct_sheet.type 
_struct_sheet.number_strands 
_struct_sheet.details 
A ? 4 ? 
B ? 4 ? 
C ? 4 ? 
# 
loop_
_struct_sheet_order.sheet_id 
_struct_sheet_order.range_id_1 
_struct_sheet_order.range_id_2 
_struct_sheet_order.offset 
_struct_sheet_order.sense 
A 1 2 ? anti-parallel 
A 2 3 ? anti-parallel 
A 3 4 ? anti-parallel 
B 1 2 ? anti-parallel 
B 2 3 ? anti-parallel 
B 3 4 ? anti-parallel 
C 1 2 ? anti-parallel 
C 2 3 ? anti-parallel 
C 3 4 ? anti-parallel 
# 
loop_
_struct_sheet_range.sheet_id 
_struct_sheet_range.id 
_struct_sheet_range.beg_label_comp_id 
_struct_sheet_range.beg_label_asym_id 
_struct_sheet_range.beg_label_seq_id 
_struct_sheet_range.pdbx_beg_PDB_ins_code 
_struct_sheet_range.end_label_comp_id 
_struct_sheet_range.end_label_asym_id 
_struct_sheet_range.end_label_seq_id 
_struct_sheet_range.pdbx_end_PDB_ins_code 
_struct_sheet_range.beg_auth_comp_id 
_struct_sheet_range.beg_auth_asym_id 
_struct_sheet_range.beg_auth_seq_id 
_struct_sheet_range.end_auth_comp_id 
_struct_sheet_range.end_auth_asym_id 
_struct_sheet_range.end_auth_seq_id 
A 1 ASN A 56  ? GLU A 64  ? ASN A 56  GLU A 64  
A 2 LEU A 70  ? GLY A 79  ? LEU A 70  GLY A 79  
A 3 ARG A 28  ? HIS A 37  ? ARG A 28  HIS A 37  
A 4 VAL A 97  ? PRO A 102 ? VAL A 97  PRO A 102 
B 1 LYS A 139 ? VAL A 143 ? LYS A 139 VAL A 143 
B 2 GLY A 147 ? GLY A 154 ? GLY A 147 GLY A 154 
B 3 ARG A 110 ? ARG A 121 ? ARG A 110 ARG A 121 
B 4 VAL A 171 ? ARG A 176 ? VAL A 171 ARG A 176 
C 1 LYS A 139 ? VAL A 143 ? LYS A 139 VAL A 143 
C 2 GLY A 147 ? GLY A 154 ? GLY A 147 GLY A 154 
C 3 ARG A 110 ? ARG A 121 ? ARG A 110 ARG A 121 
C 4 VAL A 180 ? ASN A 183 ? VAL A 180 ASN A 183 
# 
loop_
_pdbx_struct_sheet_hbond.sheet_id 
_pdbx_struct_sheet_hbond.range_id_1 
_pdbx_struct_sheet_hbond.range_id_2 
_pdbx_struct_sheet_hbond.range_1_label_atom_id 
_pdbx_struct_sheet_hbond.range_1_label_comp_id 
_pdbx_struct_sheet_hbond.range_1_label_asym_id 
_pdbx_struct_sheet_hbond.range_1_label_seq_id 
_pdbx_struct_sheet_hbond.range_1_PDB_ins_code 
_pdbx_struct_sheet_hbond.range_1_auth_atom_id 
_pdbx_struct_sheet_hbond.range_1_auth_comp_id 
_pdbx_struct_sheet_hbond.range_1_auth_asym_id 
_pdbx_struct_sheet_hbond.range_1_auth_seq_id 
_pdbx_struct_sheet_hbond.range_2_label_atom_id 
_pdbx_struct_sheet_hbond.range_2_label_comp_id 
_pdbx_struct_sheet_hbond.range_2_label_asym_id 
_pdbx_struct_sheet_hbond.range_2_label_seq_id 
_pdbx_struct_sheet_hbond.range_2_PDB_ins_code 
_pdbx_struct_sheet_hbond.range_2_auth_atom_id 
_pdbx_struct_sheet_hbond.range_2_auth_comp_id 
_pdbx_struct_sheet_hbond.range_2_auth_asym_id 
_pdbx_struct_sheet_hbond.range_2_auth_seq_id 
A 1 2 N ASN A 56  ? N ASN A 56  O LYS A 78  ? O LYS A 78  
A 2 3 O SER A 71  ? O SER A 71  N VAL A 36  ? N VAL A 36  
A 3 4 N SER A 33  ? N SER A 33  O THR A 101 ? O THR A 101 
B 1 2 N LYS A 139 ? N LYS A 139 O GLU A 151 ? O GLU A 151 
B 2 3 O ILE A 150 ? O ILE A 150 N ILE A 118 ? N ILE A 118 
B 3 4 N LEU A 117 ? N LEU A 117 O ALA A 175 ? O ALA A 175 
C 1 2 N LYS A 139 ? N LYS A 139 O GLU A 151 ? O GLU A 151 
C 2 3 O ILE A 150 ? O ILE A 150 N ILE A 118 ? N ILE A 118 
C 3 4 N ARG A 113 ? N ARG A 113 O VAL A 180 ? O VAL A 180 
# 
_struct_site.id                   AC1 
_struct_site.pdbx_evidence_code   Software 
_struct_site.pdbx_auth_asym_id    A 
_struct_site.pdbx_auth_comp_id    MG 
_struct_site.pdbx_auth_seq_id     1001 
_struct_site.pdbx_auth_ins_code   ? 
_struct_site.pdbx_num_residues    6 
_struct_site.details              'BINDING SITE FOR RESIDUE MG A 1001' 
# 
loop_
_struct_site_gen.id 
_struct_site_gen.site_id 
_struct_site_gen.pdbx_num_res 
_struct_site_gen.label_comp_id 
_struct_site_gen.label_asym_id 
_struct_site_gen.label_seq_id 
_struct_site_gen.pdbx_auth_ins_code 
_struct_site_gen.auth_comp_id 
_struct_site_gen.auth_asym_id 
_struct_site_gen.auth_seq_id 
_struct_site_gen.label_atom_id 
_struct_site_gen.label_alt_id 
_struct_site_gen.symmetry 
_struct_site_gen.details 
1 AC1 6 HOH C . ? HOH A 1012 . ? 1_555 ? 
2 AC1 6 HOH C . ? HOH A 1015 . ? 1_555 ? 
3 AC1 6 HOH C . ? HOH A 1023 . ? 1_555 ? 
4 AC1 6 HOH C . ? HOH A 1028 . ? 1_555 ? 
5 AC1 6 HOH C . ? HOH A 1033 . ? 1_555 ? 
6 AC1 6 HOH C . ? HOH A 1042 . ? 1_555 ? 
# 
_pdbx_entry_details.entry_id                   2FGC 
_pdbx_entry_details.compound_details           ? 
_pdbx_entry_details.source_details             ? 
_pdbx_entry_details.nonpolymer_details         ? 
_pdbx_entry_details.sequence_details           ? 
_pdbx_entry_details.has_ligand_of_interest     ? 
_pdbx_entry_details.has_protein_modification   Y 
# 
loop_
_pdbx_validate_torsion.id 
_pdbx_validate_torsion.PDB_model_num 
_pdbx_validate_torsion.auth_comp_id 
_pdbx_validate_torsion.auth_asym_id 
_pdbx_validate_torsion.auth_seq_id 
_pdbx_validate_torsion.PDB_ins_code 
_pdbx_validate_torsion.label_alt_id 
_pdbx_validate_torsion.phi 
_pdbx_validate_torsion.psi 
1 1 ARG A 52  ? ? -84.30  38.46   
2 1 ARG A 53  ? ? -140.20 -4.22   
3 1 SER A 65  ? ? -109.56 -169.27 
4 1 ASP A 125 ? ? -142.54 24.75   
# 
_pdbx_SG_project.id                    1 
_pdbx_SG_project.project_name          'PSI, Protein Structure Initiative' 
_pdbx_SG_project.full_name_of_center   'Midwest Center for Structural Genomics' 
_pdbx_SG_project.initial_of_center     MCSG 
# 
loop_
_pdbx_struct_mod_residue.id 
_pdbx_struct_mod_residue.label_asym_id 
_pdbx_struct_mod_residue.label_comp_id 
_pdbx_struct_mod_residue.label_seq_id 
_pdbx_struct_mod_residue.auth_asym_id 
_pdbx_struct_mod_residue.auth_comp_id 
_pdbx_struct_mod_residue.auth_seq_id 
_pdbx_struct_mod_residue.PDB_ins_code 
_pdbx_struct_mod_residue.parent_comp_id 
_pdbx_struct_mod_residue.details 
1 A MSE 34  A MSE 34  ? MET SELENOMETHIONINE 
2 A MSE 43  A MSE 43  ? MET SELENOMETHIONINE 
3 A MSE 76  A MSE 76  ? MET SELENOMETHIONINE 
4 A MSE 115 A MSE 115 ? MET SELENOMETHIONINE 
5 A MSE 182 A MSE 182 ? MET SELENOMETHIONINE 
# 
loop_
_pdbx_unobs_or_zero_occ_residues.id 
_pdbx_unobs_or_zero_occ_residues.PDB_model_num 
_pdbx_unobs_or_zero_occ_residues.polymer_flag 
_pdbx_unobs_or_zero_occ_residues.occupancy_flag 
_pdbx_unobs_or_zero_occ_residues.auth_asym_id 
_pdbx_unobs_or_zero_occ_residues.auth_comp_id 
_pdbx_unobs_or_zero_occ_residues.auth_seq_id 
_pdbx_unobs_or_zero_occ_residues.PDB_ins_code 
_pdbx_unobs_or_zero_occ_residues.label_asym_id 
_pdbx_unobs_or_zero_occ_residues.label_comp_id 
_pdbx_unobs_or_zero_occ_residues.label_seq_id 
1  1 Y 1 A MSE 1   ? A MSE 1   
2  1 Y 1 A GLY 2   ? A GLY 2   
3  1 Y 1 A SER 3   ? A SER 3   
4  1 Y 1 A SER 4   ? A SER 4   
5  1 Y 1 A HIS 5   ? A HIS 5   
6  1 Y 1 A HIS 6   ? A HIS 6   
7  1 Y 1 A HIS 7   ? A HIS 7   
8  1 Y 1 A HIS 8   ? A HIS 8   
9  1 Y 1 A HIS 9   ? A HIS 9   
10 1 Y 1 A HIS 10  ? A HIS 10  
11 1 Y 1 A SER 11  ? A SER 11  
12 1 Y 1 A SER 12  ? A SER 12  
13 1 Y 1 A GLY 13  ? A GLY 13  
14 1 Y 1 A ARG 14  ? A ARG 14  
15 1 Y 1 A GLU 15  ? A GLU 15  
16 1 Y 1 A ASN 16  ? A ASN 16  
17 1 Y 1 A LEU 17  ? A LEU 17  
18 1 Y 1 A TYR 18  ? A TYR 18  
19 1 Y 1 A PHE 19  ? A PHE 19  
20 1 Y 1 A GLN 20  ? A GLN 20  
21 1 Y 1 A GLY 21  ? A GLY 21  
22 1 Y 1 A HIS 22  ? A HIS 22  
23 1 Y 1 A MSE 23  ? A MSE 23  
24 1 Y 1 A THR 24  ? A THR 24  
25 1 Y 1 A ASP 25  ? A ASP 25  
26 1 Y 1 A GLN 26  ? A GLN 26  
27 1 Y 1 A LYS 188 ? A LYS 188 
28 1 Y 1 A GLU 189 ? A GLU 189 
29 1 Y 1 A GLY 190 ? A GLY 190 
30 1 Y 1 A GLU 191 ? A GLU 191 
31 1 Y 1 A GLY 192 ? A GLY 192 
32 1 Y 1 A PHE 193 ? A PHE 193 
# 
loop_
_chem_comp_atom.comp_id 
_chem_comp_atom.atom_id 
_chem_comp_atom.type_symbol 
_chem_comp_atom.pdbx_aromatic_flag 
_chem_comp_atom.pdbx_stereo_config 
_chem_comp_atom.pdbx_ordinal 
ALA N    N  N N 1   
ALA CA   C  N S 2   
ALA C    C  N N 3   
ALA O    O  N N 4   
ALA CB   C  N N 5   
ALA OXT  O  N N 6   
ALA H    H  N N 7   
ALA H2   H  N N 8   
ALA HA   H  N N 9   
ALA HB1  H  N N 10  
ALA HB2  H  N N 11  
ALA HB3  H  N N 12  
ALA HXT  H  N N 13  
ARG N    N  N N 14  
ARG CA   C  N S 15  
ARG C    C  N N 16  
ARG O    O  N N 17  
ARG CB   C  N N 18  
ARG CG   C  N N 19  
ARG CD   C  N N 20  
ARG NE   N  N N 21  
ARG CZ   C  N N 22  
ARG NH1  N  N N 23  
ARG NH2  N  N N 24  
ARG OXT  O  N N 25  
ARG H    H  N N 26  
ARG H2   H  N N 27  
ARG HA   H  N N 28  
ARG HB2  H  N N 29  
ARG HB3  H  N N 30  
ARG HG2  H  N N 31  
ARG HG3  H  N N 32  
ARG HD2  H  N N 33  
ARG HD3  H  N N 34  
ARG HE   H  N N 35  
ARG HH11 H  N N 36  
ARG HH12 H  N N 37  
ARG HH21 H  N N 38  
ARG HH22 H  N N 39  
ARG HXT  H  N N 40  
ASN N    N  N N 41  
ASN CA   C  N S 42  
ASN C    C  N N 43  
ASN O    O  N N 44  
ASN CB   C  N N 45  
ASN CG   C  N N 46  
ASN OD1  O  N N 47  
ASN ND2  N  N N 48  
ASN OXT  O  N N 49  
ASN H    H  N N 50  
ASN H2   H  N N 51  
ASN HA   H  N N 52  
ASN HB2  H  N N 53  
ASN HB3  H  N N 54  
ASN HD21 H  N N 55  
ASN HD22 H  N N 56  
ASN HXT  H  N N 57  
ASP N    N  N N 58  
ASP CA   C  N S 59  
ASP C    C  N N 60  
ASP O    O  N N 61  
ASP CB   C  N N 62  
ASP CG   C  N N 63  
ASP OD1  O  N N 64  
ASP OD2  O  N N 65  
ASP OXT  O  N N 66  
ASP H    H  N N 67  
ASP H2   H  N N 68  
ASP HA   H  N N 69  
ASP HB2  H  N N 70  
ASP HB3  H  N N 71  
ASP HD2  H  N N 72  
ASP HXT  H  N N 73  
GLN N    N  N N 74  
GLN CA   C  N S 75  
GLN C    C  N N 76  
GLN O    O  N N 77  
GLN CB   C  N N 78  
GLN CG   C  N N 79  
GLN CD   C  N N 80  
GLN OE1  O  N N 81  
GLN NE2  N  N N 82  
GLN OXT  O  N N 83  
GLN H    H  N N 84  
GLN H2   H  N N 85  
GLN HA   H  N N 86  
GLN HB2  H  N N 87  
GLN HB3  H  N N 88  
GLN HG2  H  N N 89  
GLN HG3  H  N N 90  
GLN HE21 H  N N 91  
GLN HE22 H  N N 92  
GLN HXT  H  N N 93  
GLU N    N  N N 94  
GLU CA   C  N S 95  
GLU C    C  N N 96  
GLU O    O  N N 97  
GLU CB   C  N N 98  
GLU CG   C  N N 99  
GLU CD   C  N N 100 
GLU OE1  O  N N 101 
GLU OE2  O  N N 102 
GLU OXT  O  N N 103 
GLU H    H  N N 104 
GLU H2   H  N N 105 
GLU HA   H  N N 106 
GLU HB2  H  N N 107 
GLU HB3  H  N N 108 
GLU HG2  H  N N 109 
GLU HG3  H  N N 110 
GLU HE2  H  N N 111 
GLU HXT  H  N N 112 
GLY N    N  N N 113 
GLY CA   C  N N 114 
GLY C    C  N N 115 
GLY O    O  N N 116 
GLY OXT  O  N N 117 
GLY H    H  N N 118 
GLY H2   H  N N 119 
GLY HA2  H  N N 120 
GLY HA3  H  N N 121 
GLY HXT  H  N N 122 
HIS N    N  N N 123 
HIS CA   C  N S 124 
HIS C    C  N N 125 
HIS O    O  N N 126 
HIS CB   C  N N 127 
HIS CG   C  Y N 128 
HIS ND1  N  Y N 129 
HIS CD2  C  Y N 130 
HIS CE1  C  Y N 131 
HIS NE2  N  Y N 132 
HIS OXT  O  N N 133 
HIS H    H  N N 134 
HIS H2   H  N N 135 
HIS HA   H  N N 136 
HIS HB2  H  N N 137 
HIS HB3  H  N N 138 
HIS HD1  H  N N 139 
HIS HD2  H  N N 140 
HIS HE1  H  N N 141 
HIS HE2  H  N N 142 
HIS HXT  H  N N 143 
HOH O    O  N N 144 
HOH H1   H  N N 145 
HOH H2   H  N N 146 
ILE N    N  N N 147 
ILE CA   C  N S 148 
ILE C    C  N N 149 
ILE O    O  N N 150 
ILE CB   C  N S 151 
ILE CG1  C  N N 152 
ILE CG2  C  N N 153 
ILE CD1  C  N N 154 
ILE OXT  O  N N 155 
ILE H    H  N N 156 
ILE H2   H  N N 157 
ILE HA   H  N N 158 
ILE HB   H  N N 159 
ILE HG12 H  N N 160 
ILE HG13 H  N N 161 
ILE HG21 H  N N 162 
ILE HG22 H  N N 163 
ILE HG23 H  N N 164 
ILE HD11 H  N N 165 
ILE HD12 H  N N 166 
ILE HD13 H  N N 167 
ILE HXT  H  N N 168 
LEU N    N  N N 169 
LEU CA   C  N S 170 
LEU C    C  N N 171 
LEU O    O  N N 172 
LEU CB   C  N N 173 
LEU CG   C  N N 174 
LEU CD1  C  N N 175 
LEU CD2  C  N N 176 
LEU OXT  O  N N 177 
LEU H    H  N N 178 
LEU H2   H  N N 179 
LEU HA   H  N N 180 
LEU HB2  H  N N 181 
LEU HB3  H  N N 182 
LEU HG   H  N N 183 
LEU HD11 H  N N 184 
LEU HD12 H  N N 185 
LEU HD13 H  N N 186 
LEU HD21 H  N N 187 
LEU HD22 H  N N 188 
LEU HD23 H  N N 189 
LEU HXT  H  N N 190 
LYS N    N  N N 191 
LYS CA   C  N S 192 
LYS C    C  N N 193 
LYS O    O  N N 194 
LYS CB   C  N N 195 
LYS CG   C  N N 196 
LYS CD   C  N N 197 
LYS CE   C  N N 198 
LYS NZ   N  N N 199 
LYS OXT  O  N N 200 
LYS H    H  N N 201 
LYS H2   H  N N 202 
LYS HA   H  N N 203 
LYS HB2  H  N N 204 
LYS HB3  H  N N 205 
LYS HG2  H  N N 206 
LYS HG3  H  N N 207 
LYS HD2  H  N N 208 
LYS HD3  H  N N 209 
LYS HE2  H  N N 210 
LYS HE3  H  N N 211 
LYS HZ1  H  N N 212 
LYS HZ2  H  N N 213 
LYS HZ3  H  N N 214 
LYS HXT  H  N N 215 
MET N    N  N N 216 
MET CA   C  N S 217 
MET C    C  N N 218 
MET O    O  N N 219 
MET CB   C  N N 220 
MET CG   C  N N 221 
MET SD   S  N N 222 
MET CE   C  N N 223 
MET OXT  O  N N 224 
MET H    H  N N 225 
MET H2   H  N N 226 
MET HA   H  N N 227 
MET HB2  H  N N 228 
MET HB3  H  N N 229 
MET HG2  H  N N 230 
MET HG3  H  N N 231 
MET HE1  H  N N 232 
MET HE2  H  N N 233 
MET HE3  H  N N 234 
MET HXT  H  N N 235 
MG  MG   MG N N 236 
MSE N    N  N N 237 
MSE CA   C  N S 238 
MSE C    C  N N 239 
MSE O    O  N N 240 
MSE OXT  O  N N 241 
MSE CB   C  N N 242 
MSE CG   C  N N 243 
MSE SE   SE N N 244 
MSE CE   C  N N 245 
MSE H    H  N N 246 
MSE H2   H  N N 247 
MSE HA   H  N N 248 
MSE HXT  H  N N 249 
MSE HB2  H  N N 250 
MSE HB3  H  N N 251 
MSE HG2  H  N N 252 
MSE HG3  H  N N 253 
MSE HE1  H  N N 254 
MSE HE2  H  N N 255 
MSE HE3  H  N N 256 
PHE N    N  N N 257 
PHE CA   C  N S 258 
PHE C    C  N N 259 
PHE O    O  N N 260 
PHE CB   C  N N 261 
PHE CG   C  Y N 262 
PHE CD1  C  Y N 263 
PHE CD2  C  Y N 264 
PHE CE1  C  Y N 265 
PHE CE2  C  Y N 266 
PHE CZ   C  Y N 267 
PHE OXT  O  N N 268 
PHE H    H  N N 269 
PHE H2   H  N N 270 
PHE HA   H  N N 271 
PHE HB2  H  N N 272 
PHE HB3  H  N N 273 
PHE HD1  H  N N 274 
PHE HD2  H  N N 275 
PHE HE1  H  N N 276 
PHE HE2  H  N N 277 
PHE HZ   H  N N 278 
PHE HXT  H  N N 279 
PRO N    N  N N 280 
PRO CA   C  N S 281 
PRO C    C  N N 282 
PRO O    O  N N 283 
PRO CB   C  N N 284 
PRO CG   C  N N 285 
PRO CD   C  N N 286 
PRO OXT  O  N N 287 
PRO H    H  N N 288 
PRO HA   H  N N 289 
PRO HB2  H  N N 290 
PRO HB3  H  N N 291 
PRO HG2  H  N N 292 
PRO HG3  H  N N 293 
PRO HD2  H  N N 294 
PRO HD3  H  N N 295 
PRO HXT  H  N N 296 
SER N    N  N N 297 
SER CA   C  N S 298 
SER C    C  N N 299 
SER O    O  N N 300 
SER CB   C  N N 301 
SER OG   O  N N 302 
SER OXT  O  N N 303 
SER H    H  N N 304 
SER H2   H  N N 305 
SER HA   H  N N 306 
SER HB2  H  N N 307 
SER HB3  H  N N 308 
SER HG   H  N N 309 
SER HXT  H  N N 310 
THR N    N  N N 311 
THR CA   C  N S 312 
THR C    C  N N 313 
THR O    O  N N 314 
THR CB   C  N R 315 
THR OG1  O  N N 316 
THR CG2  C  N N 317 
THR OXT  O  N N 318 
THR H    H  N N 319 
THR H2   H  N N 320 
THR HA   H  N N 321 
THR HB   H  N N 322 
THR HG1  H  N N 323 
THR HG21 H  N N 324 
THR HG22 H  N N 325 
THR HG23 H  N N 326 
THR HXT  H  N N 327 
TRP N    N  N N 328 
TRP CA   C  N S 329 
TRP C    C  N N 330 
TRP O    O  N N 331 
TRP CB   C  N N 332 
TRP CG   C  Y N 333 
TRP CD1  C  Y N 334 
TRP CD2  C  Y N 335 
TRP NE1  N  Y N 336 
TRP CE2  C  Y N 337 
TRP CE3  C  Y N 338 
TRP CZ2  C  Y N 339 
TRP CZ3  C  Y N 340 
TRP CH2  C  Y N 341 
TRP OXT  O  N N 342 
TRP H    H  N N 343 
TRP H2   H  N N 344 
TRP HA   H  N N 345 
TRP HB2  H  N N 346 
TRP HB3  H  N N 347 
TRP HD1  H  N N 348 
TRP HE1  H  N N 349 
TRP HE3  H  N N 350 
TRP HZ2  H  N N 351 
TRP HZ3  H  N N 352 
TRP HH2  H  N N 353 
TRP HXT  H  N N 354 
TYR N    N  N N 355 
TYR CA   C  N S 356 
TYR C    C  N N 357 
TYR O    O  N N 358 
TYR CB   C  N N 359 
TYR CG   C  Y N 360 
TYR CD1  C  Y N 361 
TYR CD2  C  Y N 362 
TYR CE1  C  Y N 363 
TYR CE2  C  Y N 364 
TYR CZ   C  Y N 365 
TYR OH   O  N N 366 
TYR OXT  O  N N 367 
TYR H    H  N N 368 
TYR H2   H  N N 369 
TYR HA   H  N N 370 
TYR HB2  H  N N 371 
TYR HB3  H  N N 372 
TYR HD1  H  N N 373 
TYR HD2  H  N N 374 
TYR HE1  H  N N 375 
TYR HE2  H  N N 376 
TYR HH   H  N N 377 
TYR HXT  H  N N 378 
VAL N    N  N N 379 
VAL CA   C  N S 380 
VAL C    C  N N 381 
VAL O    O  N N 382 
VAL CB   C  N N 383 
VAL CG1  C  N N 384 
VAL CG2  C  N N 385 
VAL OXT  O  N N 386 
VAL H    H  N N 387 
VAL H2   H  N N 388 
VAL HA   H  N N 389 
VAL HB   H  N N 390 
VAL HG11 H  N N 391 
VAL HG12 H  N N 392 
VAL HG13 H  N N 393 
VAL HG21 H  N N 394 
VAL HG22 H  N N 395 
VAL HG23 H  N N 396 
VAL HXT  H  N N 397 
# 
loop_
_chem_comp_bond.comp_id 
_chem_comp_bond.atom_id_1 
_chem_comp_bond.atom_id_2 
_chem_comp_bond.value_order 
_chem_comp_bond.pdbx_aromatic_flag 
_chem_comp_bond.pdbx_stereo_config 
_chem_comp_bond.pdbx_ordinal 
ALA N   CA   sing N N 1   
ALA N   H    sing N N 2   
ALA N   H2   sing N N 3   
ALA CA  C    sing N N 4   
ALA CA  CB   sing N N 5   
ALA CA  HA   sing N N 6   
ALA C   O    doub N N 7   
ALA C   OXT  sing N N 8   
ALA CB  HB1  sing N N 9   
ALA CB  HB2  sing N N 10  
ALA CB  HB3  sing N N 11  
ALA OXT HXT  sing N N 12  
ARG N   CA   sing N N 13  
ARG N   H    sing N N 14  
ARG N   H2   sing N N 15  
ARG CA  C    sing N N 16  
ARG CA  CB   sing N N 17  
ARG CA  HA   sing N N 18  
ARG C   O    doub N N 19  
ARG C   OXT  sing N N 20  
ARG CB  CG   sing N N 21  
ARG CB  HB2  sing N N 22  
ARG CB  HB3  sing N N 23  
ARG CG  CD   sing N N 24  
ARG CG  HG2  sing N N 25  
ARG CG  HG3  sing N N 26  
ARG CD  NE   sing N N 27  
ARG CD  HD2  sing N N 28  
ARG CD  HD3  sing N N 29  
ARG NE  CZ   sing N N 30  
ARG NE  HE   sing N N 31  
ARG CZ  NH1  sing N N 32  
ARG CZ  NH2  doub N N 33  
ARG NH1 HH11 sing N N 34  
ARG NH1 HH12 sing N N 35  
ARG NH2 HH21 sing N N 36  
ARG NH2 HH22 sing N N 37  
ARG OXT HXT  sing N N 38  
ASN N   CA   sing N N 39  
ASN N   H    sing N N 40  
ASN N   H2   sing N N 41  
ASN CA  C    sing N N 42  
ASN CA  CB   sing N N 43  
ASN CA  HA   sing N N 44  
ASN C   O    doub N N 45  
ASN C   OXT  sing N N 46  
ASN CB  CG   sing N N 47  
ASN CB  HB2  sing N N 48  
ASN CB  HB3  sing N N 49  
ASN CG  OD1  doub N N 50  
ASN CG  ND2  sing N N 51  
ASN ND2 HD21 sing N N 52  
ASN ND2 HD22 sing N N 53  
ASN OXT HXT  sing N N 54  
ASP N   CA   sing N N 55  
ASP N   H    sing N N 56  
ASP N   H2   sing N N 57  
ASP CA  C    sing N N 58  
ASP CA  CB   sing N N 59  
ASP CA  HA   sing N N 60  
ASP C   O    doub N N 61  
ASP C   OXT  sing N N 62  
ASP CB  CG   sing N N 63  
ASP CB  HB2  sing N N 64  
ASP CB  HB3  sing N N 65  
ASP CG  OD1  doub N N 66  
ASP CG  OD2  sing N N 67  
ASP OD2 HD2  sing N N 68  
ASP OXT HXT  sing N N 69  
GLN N   CA   sing N N 70  
GLN N   H    sing N N 71  
GLN N   H2   sing N N 72  
GLN CA  C    sing N N 73  
GLN CA  CB   sing N N 74  
GLN CA  HA   sing N N 75  
GLN C   O    doub N N 76  
GLN C   OXT  sing N N 77  
GLN CB  CG   sing N N 78  
GLN CB  HB2  sing N N 79  
GLN CB  HB3  sing N N 80  
GLN CG  CD   sing N N 81  
GLN CG  HG2  sing N N 82  
GLN CG  HG3  sing N N 83  
GLN CD  OE1  doub N N 84  
GLN CD  NE2  sing N N 85  
GLN NE2 HE21 sing N N 86  
GLN NE2 HE22 sing N N 87  
GLN OXT HXT  sing N N 88  
GLU N   CA   sing N N 89  
GLU N   H    sing N N 90  
GLU N   H2   sing N N 91  
GLU CA  C    sing N N 92  
GLU CA  CB   sing N N 93  
GLU CA  HA   sing N N 94  
GLU C   O    doub N N 95  
GLU C   OXT  sing N N 96  
GLU CB  CG   sing N N 97  
GLU CB  HB2  sing N N 98  
GLU CB  HB3  sing N N 99  
GLU CG  CD   sing N N 100 
GLU CG  HG2  sing N N 101 
GLU CG  HG3  sing N N 102 
GLU CD  OE1  doub N N 103 
GLU CD  OE2  sing N N 104 
GLU OE2 HE2  sing N N 105 
GLU OXT HXT  sing N N 106 
GLY N   CA   sing N N 107 
GLY N   H    sing N N 108 
GLY N   H2   sing N N 109 
GLY CA  C    sing N N 110 
GLY CA  HA2  sing N N 111 
GLY CA  HA3  sing N N 112 
GLY C   O    doub N N 113 
GLY C   OXT  sing N N 114 
GLY OXT HXT  sing N N 115 
HIS N   CA   sing N N 116 
HIS N   H    sing N N 117 
HIS N   H2   sing N N 118 
HIS CA  C    sing N N 119 
HIS CA  CB   sing N N 120 
HIS CA  HA   sing N N 121 
HIS C   O    doub N N 122 
HIS C   OXT  sing N N 123 
HIS CB  CG   sing N N 124 
HIS CB  HB2  sing N N 125 
HIS CB  HB3  sing N N 126 
HIS CG  ND1  sing Y N 127 
HIS CG  CD2  doub Y N 128 
HIS ND1 CE1  doub Y N 129 
HIS ND1 HD1  sing N N 130 
HIS CD2 NE2  sing Y N 131 
HIS CD2 HD2  sing N N 132 
HIS CE1 NE2  sing Y N 133 
HIS CE1 HE1  sing N N 134 
HIS NE2 HE2  sing N N 135 
HIS OXT HXT  sing N N 136 
HOH O   H1   sing N N 137 
HOH O   H2   sing N N 138 
ILE N   CA   sing N N 139 
ILE N   H    sing N N 140 
ILE N   H2   sing N N 141 
ILE CA  C    sing N N 142 
ILE CA  CB   sing N N 143 
ILE CA  HA   sing N N 144 
ILE C   O    doub N N 145 
ILE C   OXT  sing N N 146 
ILE CB  CG1  sing N N 147 
ILE CB  CG2  sing N N 148 
ILE CB  HB   sing N N 149 
ILE CG1 CD1  sing N N 150 
ILE CG1 HG12 sing N N 151 
ILE CG1 HG13 sing N N 152 
ILE CG2 HG21 sing N N 153 
ILE CG2 HG22 sing N N 154 
ILE CG2 HG23 sing N N 155 
ILE CD1 HD11 sing N N 156 
ILE CD1 HD12 sing N N 157 
ILE CD1 HD13 sing N N 158 
ILE OXT HXT  sing N N 159 
LEU N   CA   sing N N 160 
LEU N   H    sing N N 161 
LEU N   H2   sing N N 162 
LEU CA  C    sing N N 163 
LEU CA  CB   sing N N 164 
LEU CA  HA   sing N N 165 
LEU C   O    doub N N 166 
LEU C   OXT  sing N N 167 
LEU CB  CG   sing N N 168 
LEU CB  HB2  sing N N 169 
LEU CB  HB3  sing N N 170 
LEU CG  CD1  sing N N 171 
LEU CG  CD2  sing N N 172 
LEU CG  HG   sing N N 173 
LEU CD1 HD11 sing N N 174 
LEU CD1 HD12 sing N N 175 
LEU CD1 HD13 sing N N 176 
LEU CD2 HD21 sing N N 177 
LEU CD2 HD22 sing N N 178 
LEU CD2 HD23 sing N N 179 
LEU OXT HXT  sing N N 180 
LYS N   CA   sing N N 181 
LYS N   H    sing N N 182 
LYS N   H2   sing N N 183 
LYS CA  C    sing N N 184 
LYS CA  CB   sing N N 185 
LYS CA  HA   sing N N 186 
LYS C   O    doub N N 187 
LYS C   OXT  sing N N 188 
LYS CB  CG   sing N N 189 
LYS CB  HB2  sing N N 190 
LYS CB  HB3  sing N N 191 
LYS CG  CD   sing N N 192 
LYS CG  HG2  sing N N 193 
LYS CG  HG3  sing N N 194 
LYS CD  CE   sing N N 195 
LYS CD  HD2  sing N N 196 
LYS CD  HD3  sing N N 197 
LYS CE  NZ   sing N N 198 
LYS CE  HE2  sing N N 199 
LYS CE  HE3  sing N N 200 
LYS NZ  HZ1  sing N N 201 
LYS NZ  HZ2  sing N N 202 
LYS NZ  HZ3  sing N N 203 
LYS OXT HXT  sing N N 204 
MET N   CA   sing N N 205 
MET N   H    sing N N 206 
MET N   H2   sing N N 207 
MET CA  C    sing N N 208 
MET CA  CB   sing N N 209 
MET CA  HA   sing N N 210 
MET C   O    doub N N 211 
MET C   OXT  sing N N 212 
MET CB  CG   sing N N 213 
MET CB  HB2  sing N N 214 
MET CB  HB3  sing N N 215 
MET CG  SD   sing N N 216 
MET CG  HG2  sing N N 217 
MET CG  HG3  sing N N 218 
MET SD  CE   sing N N 219 
MET CE  HE1  sing N N 220 
MET CE  HE2  sing N N 221 
MET CE  HE3  sing N N 222 
MET OXT HXT  sing N N 223 
MSE N   CA   sing N N 224 
MSE N   H    sing N N 225 
MSE N   H2   sing N N 226 
MSE CA  C    sing N N 227 
MSE CA  CB   sing N N 228 
MSE CA  HA   sing N N 229 
MSE C   O    doub N N 230 
MSE C   OXT  sing N N 231 
MSE OXT HXT  sing N N 232 
MSE CB  CG   sing N N 233 
MSE CB  HB2  sing N N 234 
MSE CB  HB3  sing N N 235 
MSE CG  SE   sing N N 236 
MSE CG  HG2  sing N N 237 
MSE CG  HG3  sing N N 238 
MSE SE  CE   sing N N 239 
MSE CE  HE1  sing N N 240 
MSE CE  HE2  sing N N 241 
MSE CE  HE3  sing N N 242 
PHE N   CA   sing N N 243 
PHE N   H    sing N N 244 
PHE N   H2   sing N N 245 
PHE CA  C    sing N N 246 
PHE CA  CB   sing N N 247 
PHE CA  HA   sing N N 248 
PHE C   O    doub N N 249 
PHE C   OXT  sing N N 250 
PHE CB  CG   sing N N 251 
PHE CB  HB2  sing N N 252 
PHE CB  HB3  sing N N 253 
PHE CG  CD1  doub Y N 254 
PHE CG  CD2  sing Y N 255 
PHE CD1 CE1  sing Y N 256 
PHE CD1 HD1  sing N N 257 
PHE CD2 CE2  doub Y N 258 
PHE CD2 HD2  sing N N 259 
PHE CE1 CZ   doub Y N 260 
PHE CE1 HE1  sing N N 261 
PHE CE2 CZ   sing Y N 262 
PHE CE2 HE2  sing N N 263 
PHE CZ  HZ   sing N N 264 
PHE OXT HXT  sing N N 265 
PRO N   CA   sing N N 266 
PRO N   CD   sing N N 267 
PRO N   H    sing N N 268 
PRO CA  C    sing N N 269 
PRO CA  CB   sing N N 270 
PRO CA  HA   sing N N 271 
PRO C   O    doub N N 272 
PRO C   OXT  sing N N 273 
PRO CB  CG   sing N N 274 
PRO CB  HB2  sing N N 275 
PRO CB  HB3  sing N N 276 
PRO CG  CD   sing N N 277 
PRO CG  HG2  sing N N 278 
PRO CG  HG3  sing N N 279 
PRO CD  HD2  sing N N 280 
PRO CD  HD3  sing N N 281 
PRO OXT HXT  sing N N 282 
SER N   CA   sing N N 283 
SER N   H    sing N N 284 
SER N   H2   sing N N 285 
SER CA  C    sing N N 286 
SER CA  CB   sing N N 287 
SER CA  HA   sing N N 288 
SER C   O    doub N N 289 
SER C   OXT  sing N N 290 
SER CB  OG   sing N N 291 
SER CB  HB2  sing N N 292 
SER CB  HB3  sing N N 293 
SER OG  HG   sing N N 294 
SER OXT HXT  sing N N 295 
THR N   CA   sing N N 296 
THR N   H    sing N N 297 
THR N   H2   sing N N 298 
THR CA  C    sing N N 299 
THR CA  CB   sing N N 300 
THR CA  HA   sing N N 301 
THR C   O    doub N N 302 
THR C   OXT  sing N N 303 
THR CB  OG1  sing N N 304 
THR CB  CG2  sing N N 305 
THR CB  HB   sing N N 306 
THR OG1 HG1  sing N N 307 
THR CG2 HG21 sing N N 308 
THR CG2 HG22 sing N N 309 
THR CG2 HG23 sing N N 310 
THR OXT HXT  sing N N 311 
TRP N   CA   sing N N 312 
TRP N   H    sing N N 313 
TRP N   H2   sing N N 314 
TRP CA  C    sing N N 315 
TRP CA  CB   sing N N 316 
TRP CA  HA   sing N N 317 
TRP C   O    doub N N 318 
TRP C   OXT  sing N N 319 
TRP CB  CG   sing N N 320 
TRP CB  HB2  sing N N 321 
TRP CB  HB3  sing N N 322 
TRP CG  CD1  doub Y N 323 
TRP CG  CD2  sing Y N 324 
TRP CD1 NE1  sing Y N 325 
TRP CD1 HD1  sing N N 326 
TRP CD2 CE2  doub Y N 327 
TRP CD2 CE3  sing Y N 328 
TRP NE1 CE2  sing Y N 329 
TRP NE1 HE1  sing N N 330 
TRP CE2 CZ2  sing Y N 331 
TRP CE3 CZ3  doub Y N 332 
TRP CE3 HE3  sing N N 333 
TRP CZ2 CH2  doub Y N 334 
TRP CZ2 HZ2  sing N N 335 
TRP CZ3 CH2  sing Y N 336 
TRP CZ3 HZ3  sing N N 337 
TRP CH2 HH2  sing N N 338 
TRP OXT HXT  sing N N 339 
TYR N   CA   sing N N 340 
TYR N   H    sing N N 341 
TYR N   H2   sing N N 342 
TYR CA  C    sing N N 343 
TYR CA  CB   sing N N 344 
TYR CA  HA   sing N N 345 
TYR C   O    doub N N 346 
TYR C   OXT  sing N N 347 
TYR CB  CG   sing N N 348 
TYR CB  HB2  sing N N 349 
TYR CB  HB3  sing N N 350 
TYR CG  CD1  doub Y N 351 
TYR CG  CD2  sing Y N 352 
TYR CD1 CE1  sing Y N 353 
TYR CD1 HD1  sing N N 354 
TYR CD2 CE2  doub Y N 355 
TYR CD2 HD2  sing N N 356 
TYR CE1 CZ   doub Y N 357 
TYR CE1 HE1  sing N N 358 
TYR CE2 CZ   sing Y N 359 
TYR CE2 HE2  sing N N 360 
TYR CZ  OH   sing N N 361 
TYR OH  HH   sing N N 362 
TYR OXT HXT  sing N N 363 
VAL N   CA   sing N N 364 
VAL N   H    sing N N 365 
VAL N   H2   sing N N 366 
VAL CA  C    sing N N 367 
VAL CA  CB   sing N N 368 
VAL CA  HA   sing N N 369 
VAL C   O    doub N N 370 
VAL C   OXT  sing N N 371 
VAL CB  CG1  sing N N 372 
VAL CB  CG2  sing N N 373 
VAL CB  HB   sing N N 374 
VAL CG1 HG11 sing N N 375 
VAL CG1 HG12 sing N N 376 
VAL CG1 HG13 sing N N 377 
VAL CG2 HG21 sing N N 378 
VAL CG2 HG22 sing N N 379 
VAL CG2 HG23 sing N N 380 
VAL OXT HXT  sing N N 381 
# 
_atom_sites.entry_id                    2FGC 
_atom_sites.fract_transf_matrix[1][1]   0.00730832 
_atom_sites.fract_transf_matrix[1][2]   0.00445792 
_atom_sites.fract_transf_matrix[1][3]   0.00421939 
_atom_sites.fract_transf_matrix[2][1]   -0.00118057 
_atom_sites.fract_transf_matrix[2][2]   -0.00541727 
_atom_sites.fract_transf_matrix[2][3]   0.00776836 
_atom_sites.fract_transf_matrix[3][1]   0.00803870 
_atom_sites.fract_transf_matrix[3][2]   -0.00863531 
_atom_sites.fract_transf_matrix[3][3]   -0.00480019 
_atom_sites.fract_transf_vector[1]      0.227154 
_atom_sites.fract_transf_vector[2]      0.157114 
_atom_sites.fract_transf_vector[3]      -0.008762 
# 
loop_
_atom_type.symbol 
C  
MG 
N  
O  
SE 
# 
loop_
_atom_site.group_PDB 
_atom_site.id 
_atom_site.type_symbol 
_atom_site.label_atom_id 
_atom_site.label_alt_id 
_atom_site.label_comp_id 
_atom_site.label_asym_id 
_atom_site.label_entity_id 
_atom_site.label_seq_id 
_atom_site.pdbx_PDB_ins_code 
_atom_site.Cartn_x 
_atom_site.Cartn_y 
_atom_site.Cartn_z 
_atom_site.occupancy 
_atom_site.B_iso_or_equiv 
_atom_site.pdbx_formal_charge 
_atom_site.auth_seq_id 
_atom_site.auth_comp_id 
_atom_site.auth_asym_id 
_atom_site.auth_atom_id 
_atom_site.pdbx_PDB_model_num 
ATOM   1    N  N   . ILE A 1 27  ? 13.028  13.082  4.641   1.00 54.34  ? 27   ILE A N   1 
ATOM   2    C  CA  . ILE A 1 27  ? 13.190  13.998  3.474   1.00 54.89  ? 27   ILE A CA  1 
ATOM   3    C  C   . ILE A 1 27  ? 12.738  13.435  2.109   1.00 54.91  ? 27   ILE A C   1 
ATOM   4    O  O   . ILE A 1 27  ? 12.250  14.210  1.275   1.00 54.73  ? 27   ILE A O   1 
ATOM   5    C  CB  . ILE A 1 27  ? 14.615  14.632  3.417   1.00 54.61  ? 27   ILE A CB  1 
ATOM   6    C  CG1 . ILE A 1 27  ? 15.670  13.709  2.755   1.00 52.11  ? 27   ILE A CG1 1 
ATOM   7    C  CG2 . ILE A 1 27  ? 15.029  15.111  4.820   1.00 56.64  ? 27   ILE A CG2 1 
ATOM   8    C  CD1 . ILE A 1 27  ? 16.915  14.559  2.170   1.00 58.62  ? 27   ILE A CD1 1 
ATOM   9    N  N   . ARG A 1 28  ? 12.907  12.122  1.880   1.00 53.68  ? 28   ARG A N   1 
ATOM   10   C  CA  . ARG A 1 28  ? 12.262  11.407  0.761   1.00 53.56  ? 28   ARG A CA  1 
ATOM   11   C  C   . ARG A 1 28  ? 11.591  10.163  1.326   1.00 54.96  ? 28   ARG A C   1 
ATOM   12   O  O   . ARG A 1 28  ? 12.111  9.548   2.283   1.00 51.68  ? 28   ARG A O   1 
ATOM   13   C  CB  . ARG A 1 28  ? 13.270  10.940  -0.308  1.00 52.40  ? 28   ARG A CB  1 
ATOM   14   C  CG  . ARG A 1 28  ? 14.108  12.027  -0.958  1.00 59.38  ? 28   ARG A CG  1 
ATOM   15   N  N   . GLU A 1 29  ? 10.455  9.778   0.726   1.00 57.79  ? 29   GLU A N   1 
ATOM   16   C  CA  . GLU A 1 29  ? 9.869   8.458   0.962   1.00 60.04  ? 29   GLU A CA  1 
ATOM   17   C  C   . GLU A 1 29  ? 10.674  7.376   0.211   1.00 62.26  ? 29   GLU A C   1 
ATOM   18   O  O   . GLU A 1 29  ? 10.974  7.523   -0.964  1.00 61.57  ? 29   GLU A O   1 
ATOM   19   C  CB  . GLU A 1 29  ? 8.404   8.439   0.550   1.00 60.82  ? 29   GLU A CB  1 
ATOM   20   N  N   . HIS A 1 30  ? 11.051  6.308   0.908   1.00 63.24  ? 30   HIS A N   1 
ATOM   21   C  CA  . HIS A 1 30  ? 11.774  5.197   0.300   1.00 62.38  ? 30   HIS A CA  1 
ATOM   22   C  C   . HIS A 1 30  ? 10.955  3.927   0.344   1.00 60.94  ? 30   HIS A C   1 
ATOM   23   O  O   . HIS A 1 30  ? 10.194  3.695   1.273   1.00 61.91  ? 30   HIS A O   1 
ATOM   24   C  CB  . HIS A 1 30  ? 13.108  4.958   0.995   1.00 61.86  ? 30   HIS A CB  1 
ATOM   25   C  CG  . HIS A 1 30  ? 13.974  6.172   1.060   1.00 67.38  ? 30   HIS A CG  1 
ATOM   26   N  ND1 . HIS A 1 30  ? 14.747  6.593   -0.001  1.00 72.50  ? 30   HIS A ND1 1 
ATOM   27   C  CD2 . HIS A 1 30  ? 14.175  7.070   2.051   1.00 66.21  ? 30   HIS A CD2 1 
ATOM   28   C  CE1 . HIS A 1 30  ? 15.396  7.692   0.340   1.00 73.59  ? 30   HIS A CE1 1 
ATOM   29   N  NE2 . HIS A 1 30  ? 15.066  8.004   1.579   1.00 74.52  ? 30   HIS A NE2 1 
ATOM   30   N  N   . LEU A 1 31  ? 11.148  3.081   -0.653  1.00 56.03  ? 31   LEU A N   1 
ATOM   31   C  CA  . LEU A 1 31  ? 10.400  1.856   -0.726  1.00 53.22  ? 31   LEU A CA  1 
ATOM   32   C  C   . LEU A 1 31  ? 11.305  0.627   -0.652  1.00 51.32  ? 31   LEU A C   1 
ATOM   33   O  O   . LEU A 1 31  ? 12.336  0.566   -1.303  1.00 44.62  ? 31   LEU A O   1 
ATOM   34   C  CB  . LEU A 1 31  ? 9.580   1.854   -2.010  1.00 51.88  ? 31   LEU A CB  1 
ATOM   35   C  CG  . LEU A 1 31  ? 8.250   2.607   -2.019  1.00 53.80  ? 31   LEU A CG  1 
ATOM   36   C  CD1 . LEU A 1 31  ? 7.765   2.889   -3.474  1.00 48.79  ? 31   LEU A CD1 1 
ATOM   37   C  CD2 . LEU A 1 31  ? 7.179   1.836   -1.194  1.00 50.29  ? 31   LEU A CD2 1 
ATOM   38   N  N   . VAL A 1 32  ? 10.928  -0.347  0.162   1.00 52.35  ? 32   VAL A N   1 
ATOM   39   C  CA  . VAL A 1 32  ? 11.734  -1.556  0.273   1.00 55.45  ? 32   VAL A CA  1 
ATOM   40   C  C   . VAL A 1 32  ? 10.866  -2.824  0.302   1.00 58.22  ? 32   VAL A C   1 
ATOM   41   O  O   . VAL A 1 32  ? 9.787   -2.889  0.885   1.00 59.46  ? 32   VAL A O   1 
ATOM   42   C  CB  . VAL A 1 32  ? 12.871  -1.439  1.352   1.00 53.76  ? 32   VAL A CB  1 
ATOM   43   C  CG1 . VAL A 1 32  ? 12.410  -0.718  2.573   1.00 62.52  ? 32   VAL A CG1 1 
ATOM   44   C  CG2 . VAL A 1 32  ? 13.432  -2.753  1.715   1.00 58.40  ? 32   VAL A CG2 1 
ATOM   45   N  N   . SER A 1 33  ? 11.310  -3.820  -0.413  1.00 55.82  ? 33   SER A N   1 
ATOM   46   C  CA  . SER A 1 33  ? 10.582  -5.041  -0.418  1.00 57.82  ? 33   SER A CA  1 
ATOM   47   C  C   . SER A 1 33  ? 11.381  -6.070  0.368   1.00 57.68  ? 33   SER A C   1 
ATOM   48   O  O   . SER A 1 33  ? 12.608  -6.020  0.406   1.00 56.61  ? 33   SER A O   1 
ATOM   49   C  CB  . SER A 1 33  ? 10.380  -5.470  -1.861  1.00 56.07  ? 33   SER A CB  1 
ATOM   50   O  OG  . SER A 1 33  ? 9.414   -6.481  -1.882  1.00 72.68  ? 33   SER A OG  1 
HETATM 51   N  N   . MSE A 1 34  ? 10.708  -7.010  1.004   1.00 56.52  ? 34   MSE A N   1 
HETATM 52   C  CA  . MSE A 1 34  ? 11.411  -7.847  1.921   1.00 63.31  ? 34   MSE A CA  1 
HETATM 53   C  C   . MSE A 1 34  ? 10.797  -9.220  2.015   1.00 56.95  ? 34   MSE A C   1 
HETATM 54   O  O   . MSE A 1 34  ? 9.605   -9.339  2.175   1.00 54.60  ? 34   MSE A O   1 
HETATM 55   C  CB  . MSE A 1 34  ? 11.280  -7.183  3.259   1.00 61.86  ? 34   MSE A CB  1 
HETATM 56   C  CG  . MSE A 1 34  ? 12.328  -7.494  4.166   1.00 70.79  ? 34   MSE A CG  1 
HETATM 57   SE SE  . MSE A 1 34  ? 12.009  -6.361  5.765   1.00 87.21  ? 34   MSE A SE  1 
HETATM 58   C  CE  . MSE A 1 34  ? 12.173  -4.454  4.905   1.00 93.00  ? 34   MSE A CE  1 
ATOM   59   N  N   . LEU A 1 35  ? 11.620  -10.258 1.983   1.00 53.79  ? 35   LEU A N   1 
ATOM   60   C  CA  . LEU A 1 35  ? 11.119  -11.623 1.960   1.00 51.23  ? 35   LEU A CA  1 
ATOM   61   C  C   . LEU A 1 35  ? 11.374  -12.166 3.343   1.00 50.18  ? 35   LEU A C   1 
ATOM   62   O  O   . LEU A 1 35  ? 12.497  -12.085 3.805   1.00 50.61  ? 35   LEU A O   1 
ATOM   63   C  CB  . LEU A 1 35  ? 11.903  -12.410 0.918   1.00 50.91  ? 35   LEU A CB  1 
ATOM   64   C  CG  . LEU A 1 35  ? 11.231  -13.417 -0.009  1.00 60.03  ? 35   LEU A CG  1 
ATOM   65   C  CD1 . LEU A 1 35  ? 9.949   -12.899 -0.606  1.00 52.88  ? 35   LEU A CD1 1 
ATOM   66   C  CD2 . LEU A 1 35  ? 12.216  -13.761 -1.130  1.00 54.51  ? 35   LEU A CD2 1 
ATOM   67   N  N   . VAL A 1 36  ? 10.344  -12.658 4.034   1.00 49.67  ? 36   VAL A N   1 
ATOM   68   C  CA  . VAL A 1 36  ? 10.521  -13.140 5.413   1.00 50.43  ? 36   VAL A CA  1 
ATOM   69   C  C   . VAL A 1 36  ? 9.926   -14.570 5.601   1.00 50.58  ? 36   VAL A C   1 
ATOM   70   O  O   . VAL A 1 36  ? 8.850   -14.874 5.068   1.00 50.57  ? 36   VAL A O   1 
ATOM   71   C  CB  . VAL A 1 36  ? 9.951   -12.111 6.493   1.00 50.89  ? 36   VAL A CB  1 
ATOM   72   C  CG1 . VAL A 1 36  ? 10.291  -10.624 6.146   1.00 44.79  ? 36   VAL A CG1 1 
ATOM   73   C  CG2 . VAL A 1 36  ? 8.469   -12.209 6.607   1.00 56.57  ? 36   VAL A CG2 1 
ATOM   74   N  N   . HIS A 1 37  ? 10.619  -15.445 6.338   1.00 51.18  ? 37   HIS A N   1 
ATOM   75   C  CA  . HIS A 1 37  ? 10.091  -16.774 6.664   1.00 52.45  ? 37   HIS A CA  1 
ATOM   76   C  C   . HIS A 1 37  ? 8.768   -16.548 7.403   1.00 54.99  ? 37   HIS A C   1 
ATOM   77   O  O   . HIS A 1 37  ? 8.706   -15.754 8.322   1.00 53.75  ? 37   HIS A O   1 
ATOM   78   C  CB  . HIS A 1 37  ? 11.123  -17.567 7.489   1.00 51.78  ? 37   HIS A CB  1 
ATOM   79   C  CG  . HIS A 1 37  ? 10.660  -18.936 7.913   1.00 55.85  ? 37   HIS A CG  1 
ATOM   80   N  ND1 . HIS A 1 37  ? 10.102  -19.852 7.035   1.00 53.86  ? 37   HIS A ND1 1 
ATOM   81   C  CD2 . HIS A 1 37  ? 10.705  -19.556 9.123   1.00 51.48  ? 37   HIS A CD2 1 
ATOM   82   C  CE1 . HIS A 1 37  ? 9.799   -20.960 7.692   1.00 51.71  ? 37   HIS A CE1 1 
ATOM   83   N  NE2 . HIS A 1 37  ? 10.162  -20.809 8.959   1.00 56.85  ? 37   HIS A NE2 1 
ATOM   84   N  N   . ASN A 1 38  ? 7.683   -17.173 6.967   1.00 60.27  ? 38   ASN A N   1 
ATOM   85   C  CA  . ASN A 1 38  ? 6.428   -16.902 7.666   1.00 65.88  ? 38   ASN A CA  1 
ATOM   86   C  C   . ASN A 1 38  ? 5.991   -17.992 8.640   1.00 67.13  ? 38   ASN A C   1 
ATOM   87   O  O   . ASN A 1 38  ? 5.680   -19.117 8.262   1.00 65.49  ? 38   ASN A O   1 
ATOM   88   C  CB  . ASN A 1 38  ? 5.313   -16.327 6.738   1.00 69.47  ? 38   ASN A CB  1 
ATOM   89   C  CG  . ASN A 1 38  ? 4.348   -17.387 6.175   1.00 74.44  ? 38   ASN A CG  1 
ATOM   90   O  OD1 . ASN A 1 38  ? 3.626   -18.074 6.920   1.00 67.70  ? 38   ASN A OD1 1 
ATOM   91   N  ND2 . ASN A 1 38  ? 4.298   -17.478 4.847   1.00 70.12  ? 38   ASN A ND2 1 
ATOM   92   N  N   . LYS A 1 39  ? 6.050   -17.634 9.916   1.00 70.97  ? 39   LYS A N   1 
ATOM   93   C  CA  . LYS A 1 39  ? 5.569   -18.458 11.022  1.00 75.54  ? 39   LYS A CA  1 
ATOM   94   C  C   . LYS A 1 39  ? 4.967   -17.555 12.143  1.00 77.69  ? 39   LYS A C   1 
ATOM   95   O  O   . LYS A 1 39  ? 5.169   -16.334 12.138  1.00 77.28  ? 39   LYS A O   1 
ATOM   96   C  CB  . LYS A 1 39  ? 6.715   -19.321 11.565  1.00 75.54  ? 39   LYS A CB  1 
ATOM   97   C  CG  . LYS A 1 39  ? 7.556   -18.601 12.587  1.00 75.84  ? 39   LYS A CG  1 
ATOM   98   C  CD  . LYS A 1 39  ? 8.536   -19.514 13.286  1.00 82.80  ? 39   LYS A CD  1 
ATOM   99   C  CE  . LYS A 1 39  ? 9.904   -19.396 12.642  1.00 85.49  ? 39   LYS A CE  1 
ATOM   100  N  NZ  . LYS A 1 39  ? 10.151  -18.005 12.142  1.00 84.97  ? 39   LYS A NZ  1 
ATOM   101  N  N   . PRO A 1 40  ? 4.192   -18.137 13.077  1.00 78.72  ? 40   PRO A N   1 
ATOM   102  C  CA  . PRO A 1 40  ? 3.819   -17.448 14.325  1.00 80.10  ? 40   PRO A CA  1 
ATOM   103  C  C   . PRO A 1 40  ? 4.924   -16.600 15.007  1.00 78.69  ? 40   PRO A C   1 
ATOM   104  O  O   . PRO A 1 40  ? 6.007   -17.115 15.356  1.00 77.37  ? 40   PRO A O   1 
ATOM   105  C  CB  . PRO A 1 40  ? 3.411   -18.604 15.253  1.00 81.35  ? 40   PRO A CB  1 
ATOM   106  C  CG  . PRO A 1 40  ? 2.913   -19.675 14.329  1.00 83.30  ? 40   PRO A CG  1 
ATOM   107  C  CD  . PRO A 1 40  ? 3.554   -19.462 12.967  1.00 79.87  ? 40   PRO A CD  1 
ATOM   108  N  N   . GLY A 1 41  ? 4.618   -15.313 15.190  1.00 76.47  ? 41   GLY A N   1 
ATOM   109  C  CA  . GLY A 1 41  ? 5.455   -14.389 15.961  1.00 72.56  ? 41   GLY A CA  1 
ATOM   110  C  C   . GLY A 1 41  ? 6.325   -13.487 15.104  1.00 68.49  ? 41   GLY A C   1 
ATOM   111  O  O   . GLY A 1 41  ? 7.089   -12.663 15.618  1.00 67.38  ? 41   GLY A O   1 
ATOM   112  N  N   . VAL A 1 42  ? 6.217   -13.632 13.796  1.00 65.57  ? 42   VAL A N   1 
ATOM   113  C  CA  . VAL A 1 42  ? 7.220   -13.030 12.929  1.00 65.27  ? 42   VAL A CA  1 
ATOM   114  C  C   . VAL A 1 42  ? 6.989   -11.535 12.728  1.00 62.13  ? 42   VAL A C   1 
ATOM   115  O  O   . VAL A 1 42  ? 7.938   -10.748 12.814  1.00 61.22  ? 42   VAL A O   1 
ATOM   116  C  CB  . VAL A 1 42  ? 7.373   -13.801 11.587  1.00 67.25  ? 42   VAL A CB  1 
ATOM   117  C  CG1 . VAL A 1 42  ? 8.619   -13.333 10.803  1.00 67.68  ? 42   VAL A CG1 1 
ATOM   118  C  CG2 . VAL A 1 42  ? 7.520   -15.268 11.881  1.00 70.80  ? 42   VAL A CG2 1 
HETATM 119  N  N   . MSE A 1 43  ? 5.735   -11.146 12.498  1.00 61.13  ? 43   MSE A N   1 
HETATM 120  C  CA  . MSE A 1 43  ? 5.384   -9.721  12.297  1.00 58.75  ? 43   MSE A CA  1 
HETATM 121  C  C   . MSE A 1 43  ? 5.698   -8.942  13.579  1.00 55.51  ? 43   MSE A C   1 
HETATM 122  O  O   . MSE A 1 43  ? 6.230   -7.819  13.537  1.00 53.87  ? 43   MSE A O   1 
HETATM 123  C  CB  . MSE A 1 43  ? 3.918   -9.559  11.869  1.00 58.64  ? 43   MSE A CB  1 
ATOM   124  N  N   . ARG A 1 44  ? 5.425   -9.573  14.718  1.00 53.82  ? 44   ARG A N   1 
ATOM   125  C  CA  . ARG A 1 44  ? 5.781   -8.978  16.005  1.00 54.25  ? 44   ARG A CA  1 
ATOM   126  C  C   . ARG A 1 44  ? 7.244   -8.505  16.001  1.00 55.02  ? 44   ARG A C   1 
ATOM   127  O  O   . ARG A 1 44  ? 7.526   -7.365  16.414  1.00 54.12  ? 44   ARG A O   1 
ATOM   128  C  CB  . ARG A 1 44  ? 5.490   -9.927  17.171  1.00 52.38  ? 44   ARG A CB  1 
ATOM   129  C  CG  . ARG A 1 44  ? 5.794   -9.326  18.505  1.00 52.34  ? 44   ARG A CG  1 
ATOM   130  C  CD  . ARG A 1 44  ? 5.802   -10.395 19.551  1.00 60.25  ? 44   ARG A CD  1 
ATOM   131  N  NE  . ARG A 1 44  ? 6.977   -10.307 20.405  1.00 68.93  ? 44   ARG A NE  1 
ATOM   132  C  CZ  . ARG A 1 44  ? 8.190   -10.748 20.063  1.00 72.82  ? 44   ARG A CZ  1 
ATOM   133  N  NH1 . ARG A 1 44  ? 8.410   -11.309 18.872  1.00 63.94  ? 44   ARG A NH1 1 
ATOM   134  N  NH2 . ARG A 1 44  ? 9.194   -10.626 20.926  1.00 77.44  ? 44   ARG A NH2 1 
ATOM   135  N  N   . LYS A 1 45  ? 8.141   -9.370  15.494  1.00 54.29  ? 45   LYS A N   1 
ATOM   136  C  CA  . LYS A 1 45  ? 9.590   -9.137  15.485  1.00 53.96  ? 45   LYS A CA  1 
ATOM   137  C  C   . LYS A 1 45  ? 10.047  -7.979  14.592  1.00 52.59  ? 45   LYS A C   1 
ATOM   138  O  O   . LYS A 1 45  ? 10.819  -7.108  15.010  1.00 48.84  ? 45   LYS A O   1 
ATOM   139  C  CB  . LYS A 1 45  ? 10.315  -10.417 15.083  1.00 54.38  ? 45   LYS A CB  1 
ATOM   140  C  CG  . LYS A 1 45  ? 10.600  -11.315 16.226  1.00 57.34  ? 45   LYS A CG  1 
ATOM   141  C  CD  . LYS A 1 45  ? 11.558  -12.415 15.815  1.00 65.25  ? 45   LYS A CD  1 
ATOM   142  C  CE  . LYS A 1 45  ? 12.211  -13.037 17.053  1.00 72.46  ? 45   LYS A CE  1 
ATOM   143  N  NZ  . LYS A 1 45  ? 13.009  -14.259 16.704  1.00 72.82  ? 45   LYS A NZ  1 
ATOM   144  N  N   . VAL A 1 46  ? 9.563   -7.961  13.357  1.00 56.43  ? 46   VAL A N   1 
ATOM   145  C  CA  . VAL A 1 46  ? 9.947   -6.895  12.433  1.00 58.76  ? 46   VAL A CA  1 
ATOM   146  C  C   . VAL A 1 46  ? 9.374   -5.515  12.823  1.00 59.35  ? 46   VAL A C   1 
ATOM   147  O  O   . VAL A 1 46  ? 10.036  -4.490  12.591  1.00 59.97  ? 46   VAL A O   1 
ATOM   148  C  CB  . VAL A 1 46  ? 9.678   -7.277  10.964  1.00 59.12  ? 46   VAL A CB  1 
ATOM   149  C  CG1 . VAL A 1 46  ? 8.452   -8.170  10.861  1.00 66.48  ? 46   VAL A CG1 1 
ATOM   150  C  CG2 . VAL A 1 46  ? 9.552   -6.027  10.086  1.00 63.34  ? 46   VAL A CG2 1 
ATOM   151  N  N   . ALA A 1 47  ? 8.171   -5.499  13.415  1.00 58.82  ? 47   ALA A N   1 
ATOM   152  C  CA  . ALA A 1 47  ? 7.605   -4.279  14.017  1.00 59.43  ? 47   ALA A CA  1 
ATOM   153  C  C   . ALA A 1 47  ? 8.491   -3.777  15.166  1.00 58.99  ? 47   ALA A C   1 
ATOM   154  O  O   . ALA A 1 47  ? 8.731   -2.562  15.288  1.00 56.38  ? 47   ALA A O   1 
ATOM   155  C  CB  . ALA A 1 47  ? 6.177   -4.536  14.537  1.00 59.84  ? 47   ALA A CB  1 
ATOM   156  N  N   . ASN A 1 48  ? 8.965   -4.703  16.005  1.00 59.16  ? 48   ASN A N   1 
ATOM   157  C  CA  . ASN A 1 48  ? 9.826   -4.333  17.132  1.00 62.33  ? 48   ASN A CA  1 
ATOM   158  C  C   . ASN A 1 48  ? 11.120  -3.660  16.667  1.00 63.54  ? 48   ASN A C   1 
ATOM   159  O  O   . ASN A 1 48  ? 11.449  -2.550  17.119  1.00 60.81  ? 48   ASN A O   1 
ATOM   160  C  CB  . ASN A 1 48  ? 10.119  -5.536  18.047  1.00 64.32  ? 48   ASN A CB  1 
ATOM   161  C  CG  . ASN A 1 48  ? 9.134   -5.657  19.218  1.00 68.20  ? 48   ASN A CG  1 
ATOM   162  O  OD1 . ASN A 1 48  ? 8.342   -6.606  19.283  1.00 71.90  ? 48   ASN A OD1 1 
ATOM   163  N  ND2 . ASN A 1 48  ? 9.189   -4.698  20.151  1.00 67.34  ? 48   ASN A ND2 1 
ATOM   164  N  N   . LEU A 1 49  ? 11.812  -4.325  15.737  1.00 67.05  ? 49   LEU A N   1 
ATOM   165  C  CA  . LEU A 1 49  ? 13.082  -3.858  15.161  1.00 71.16  ? 49   LEU A CA  1 
ATOM   166  C  C   . LEU A 1 49  ? 12.962  -2.497  14.514  1.00 71.54  ? 49   LEU A C   1 
ATOM   167  O  O   . LEU A 1 49  ? 13.896  -1.703  14.528  1.00 72.90  ? 49   LEU A O   1 
ATOM   168  C  CB  . LEU A 1 49  ? 13.587  -4.837  14.088  1.00 73.56  ? 49   LEU A CB  1 
ATOM   169  C  CG  . LEU A 1 49  ? 14.798  -4.385  13.248  1.00 76.10  ? 49   LEU A CG  1 
ATOM   170  C  CD1 . LEU A 1 49  ? 16.118  -4.347  14.062  1.00 77.52  ? 49   LEU A CD1 1 
ATOM   171  C  CD2 . LEU A 1 49  ? 14.923  -5.271  12.050  1.00 81.66  ? 49   LEU A CD2 1 
ATOM   172  N  N   . PHE A 1 50  ? 11.818  -2.236  13.914  1.00 72.39  ? 50   PHE A N   1 
ATOM   173  C  CA  . PHE A 1 50  ? 11.641  -0.978  13.225  1.00 74.72  ? 50   PHE A CA  1 
ATOM   174  C  C   . PHE A 1 50  ? 11.275  0.149   14.156  1.00 74.59  ? 50   PHE A C   1 
ATOM   175  O  O   . PHE A 1 50  ? 11.747  1.274   13.976  1.00 75.84  ? 50   PHE A O   1 
ATOM   176  C  CB  . PHE A 1 50  ? 10.657  -1.146  12.086  1.00 76.34  ? 50   PHE A CB  1 
ATOM   177  C  CG  . PHE A 1 50  ? 11.247  -1.875  10.932  1.00 80.43  ? 50   PHE A CG  1 
ATOM   178  C  CD1 . PHE A 1 50  ? 12.390  -2.671  11.117  1.00 84.47  ? 50   PHE A CD1 1 
ATOM   179  C  CD2 . PHE A 1 50  ? 10.699  -1.771  9.667   1.00 79.29  ? 50   PHE A CD2 1 
ATOM   180  C  CE1 . PHE A 1 50  ? 12.973  -3.351  10.063  1.00 88.18  ? 50   PHE A CE1 1 
ATOM   181  C  CE2 . PHE A 1 50  ? 11.271  -2.454  8.599   1.00 84.44  ? 50   PHE A CE2 1 
ATOM   182  C  CZ  . PHE A 1 50  ? 12.407  -3.250  8.800   1.00 84.45  ? 50   PHE A CZ  1 
ATOM   183  N  N   . ALA A 1 51  ? 10.461  -0.169  15.161  1.00 73.53  ? 51   ALA A N   1 
ATOM   184  C  CA  . ALA A 1 51  ? 10.108  0.789   16.198  1.00 73.48  ? 51   ALA A CA  1 
ATOM   185  C  C   . ALA A 1 51  ? 11.327  1.172   17.052  1.00 74.52  ? 51   ALA A C   1 
ATOM   186  O  O   . ALA A 1 51  ? 11.624  2.365   17.194  1.00 74.10  ? 51   ALA A O   1 
ATOM   187  C  CB  . ALA A 1 51  ? 8.968   0.260   17.050  1.00 72.24  ? 51   ALA A CB  1 
ATOM   188  N  N   . ARG A 1 52  ? 12.042  0.167   17.578  1.00 75.51  ? 52   ARG A N   1 
ATOM   189  C  CA  . ARG A 1 52  ? 13.251  0.394   18.402  1.00 76.76  ? 52   ARG A CA  1 
ATOM   190  C  C   . ARG A 1 52  ? 14.523  0.584   17.554  1.00 77.23  ? 52   ARG A C   1 
ATOM   191  O  O   . ARG A 1 52  ? 15.608  0.086   17.909  1.00 76.98  ? 52   ARG A O   1 
ATOM   192  C  CB  . ARG A 1 52  ? 13.445  -0.724  19.452  1.00 76.10  ? 52   ARG A CB  1 
ATOM   193  N  N   . ARG A 1 53  ? 14.354  1.290   16.429  1.00 76.59  ? 53   ARG A N   1 
ATOM   194  C  CA  . ARG A 1 53  ? 15.449  1.774   15.580  1.00 74.76  ? 53   ARG A CA  1 
ATOM   195  C  C   . ARG A 1 53  ? 15.167  3.203   15.048  1.00 74.77  ? 53   ARG A C   1 
ATOM   196  O  O   . ARG A 1 53  ? 16.020  3.814   14.381  1.00 73.96  ? 53   ARG A O   1 
ATOM   197  C  CB  . ARG A 1 53  ? 15.716  0.793   14.434  1.00 72.58  ? 53   ARG A CB  1 
ATOM   198  C  CG  . ARG A 1 53  ? 17.115  0.862   13.868  1.00 69.36  ? 53   ARG A CG  1 
ATOM   199  C  CD  . ARG A 1 53  ? 18.101  0.319   14.873  1.00 66.68  ? 53   ARG A CD  1 
ATOM   200  N  NE  . ARG A 1 53  ? 19.456  0.809   14.654  1.00 70.98  ? 53   ARG A NE  1 
ATOM   201  C  CZ  . ARG A 1 53  ? 20.119  1.607   15.495  1.00 80.32  ? 53   ARG A CZ  1 
ATOM   202  N  NH1 . ARG A 1 53  ? 19.565  2.037   16.626  1.00 83.30  ? 53   ARG A NH1 1 
ATOM   203  N  NH2 . ARG A 1 53  ? 21.354  1.983   15.205  1.00 81.56  ? 53   ARG A NH2 1 
ATOM   204  N  N   . GLY A 1 54  ? 13.977  3.727   15.355  1.00 73.66  ? 54   GLY A N   1 
ATOM   205  C  CA  . GLY A 1 54  ? 13.586  5.074   14.951  1.00 74.22  ? 54   GLY A CA  1 
ATOM   206  C  C   . GLY A 1 54  ? 13.331  5.195   13.455  1.00 76.97  ? 54   GLY A C   1 
ATOM   207  O  O   . GLY A 1 54  ? 13.817  6.138   12.821  1.00 78.27  ? 54   GLY A O   1 
ATOM   208  N  N   . PHE A 1 55  ? 12.576  4.238   12.901  1.00 74.65  ? 55   PHE A N   1 
ATOM   209  C  CA  . PHE A 1 55  ? 12.187  4.232   11.484  1.00 74.72  ? 55   PHE A CA  1 
ATOM   210  C  C   . PHE A 1 55  ? 10.774  4.779   11.250  1.00 73.56  ? 55   PHE A C   1 
ATOM   211  O  O   . PHE A 1 55  ? 9.795   4.287   11.822  1.00 74.92  ? 55   PHE A O   1 
ATOM   212  C  CB  . PHE A 1 55  ? 12.298  2.824   10.895  1.00 73.56  ? 55   PHE A CB  1 
ATOM   213  C  CG  . PHE A 1 55  ? 13.719  2.359   10.691  1.00 77.23  ? 55   PHE A CG  1 
ATOM   214  C  CD1 . PHE A 1 55  ? 14.688  3.223   10.180  1.00 77.07  ? 55   PHE A CD1 1 
ATOM   215  C  CD2 . PHE A 1 55  ? 14.086  1.048   10.996  1.00 75.79  ? 55   PHE A CD2 1 
ATOM   216  C  CE1 . PHE A 1 55  ? 15.998  2.785   9.987   1.00 78.93  ? 55   PHE A CE1 1 
ATOM   217  C  CE2 . PHE A 1 55  ? 15.386  0.601   10.792  1.00 75.90  ? 55   PHE A CE2 1 
ATOM   218  C  CZ  . PHE A 1 55  ? 16.347  1.471   10.295  1.00 77.93  ? 55   PHE A CZ  1 
ATOM   219  N  N   . ASN A 1 56  ? 10.677  5.797   10.407  1.00 69.18  ? 56   ASN A N   1 
ATOM   220  C  CA  . ASN A 1 56  ? 9.409   6.426   10.152  1.00 68.52  ? 56   ASN A CA  1 
ATOM   221  C  C   . ASN A 1 56  ? 8.615   5.734   9.003   1.00 66.30  ? 56   ASN A C   1 
ATOM   222  O  O   . ASN A 1 56  ? 8.560   6.226   7.869   1.00 65.63  ? 56   ASN A O   1 
ATOM   223  C  CB  . ASN A 1 56  ? 9.641   7.908   9.880   1.00 69.06  ? 56   ASN A CB  1 
ATOM   224  C  CG  . ASN A 1 56  ? 8.441   8.764   10.233  1.00 73.03  ? 56   ASN A CG  1 
ATOM   225  O  OD1 . ASN A 1 56  ? 7.426   8.778   9.527   1.00 71.93  ? 56   ASN A OD1 1 
ATOM   226  N  ND2 . ASN A 1 56  ? 8.559   9.500   11.328  1.00 76.88  ? 56   ASN A ND2 1 
ATOM   227  N  N   . ILE A 1 57  ? 7.992   4.602   9.322   1.00 61.83  ? 57   ILE A N   1 
ATOM   228  C  CA  . ILE A 1 57  ? 7.202   3.830   8.359   1.00 60.66  ? 57   ILE A CA  1 
ATOM   229  C  C   . ILE A 1 57  ? 5.861   4.459   7.971   1.00 58.46  ? 57   ILE A C   1 
ATOM   230  O  O   . ILE A 1 57  ? 4.975   4.550   8.788   1.00 58.10  ? 57   ILE A O   1 
ATOM   231  C  CB  . ILE A 1 57  ? 6.973   2.422   8.902   1.00 60.40  ? 57   ILE A CB  1 
ATOM   232  C  CG1 . ILE A 1 57  ? 8.332   1.762   9.149   1.00 59.34  ? 57   ILE A CG1 1 
ATOM   233  C  CG2 . ILE A 1 57  ? 6.118   1.605   7.946   1.00 63.70  ? 57   ILE A CG2 1 
ATOM   234  C  CD1 . ILE A 1 57  ? 8.293   0.265   9.326   1.00 65.22  ? 57   ILE A CD1 1 
ATOM   235  N  N   . SER A 1 58  ? 5.723   4.883   6.720   1.00 57.96  ? 58   SER A N   1 
ATOM   236  C  CA  . SER A 1 58  ? 4.476   5.460   6.205   1.00 60.77  ? 58   SER A CA  1 
ATOM   237  C  C   . SER A 1 58  ? 3.433   4.407   5.776   1.00 58.54  ? 58   SER A C   1 
ATOM   238  O  O   . SER A 1 58  ? 2.238   4.648   5.836   1.00 57.36  ? 58   SER A O   1 
ATOM   239  C  CB  . SER A 1 58  ? 4.758   6.331   4.969   1.00 62.99  ? 58   SER A CB  1 
ATOM   240  O  OG  . SER A 1 58  ? 5.894   7.145   5.152   1.00 68.17  ? 58   SER A OG  1 
ATOM   241  N  N   . SER A 1 59  ? 3.887   3.250   5.324   1.00 55.37  ? 59   SER A N   1 
ATOM   242  C  CA  . SER A 1 59  ? 2.984   2.268   4.721   1.00 54.19  ? 59   SER A CA  1 
ATOM   243  C  C   . SER A 1 59  ? 3.630   0.931   4.836   1.00 51.70  ? 59   SER A C   1 
ATOM   244  O  O   . SER A 1 59  ? 4.843   0.854   4.778   1.00 50.25  ? 59   SER A O   1 
ATOM   245  C  CB  . SER A 1 59  ? 2.744   2.606   3.237   1.00 54.75  ? 59   SER A CB  1 
ATOM   246  O  OG  . SER A 1 59  ? 2.273   1.483   2.522   1.00 53.04  ? 59   SER A OG  1 
ATOM   247  N  N   . ILE A 1 60  ? 2.824   -0.113  5.013   1.00 53.44  ? 60   ILE A N   1 
ATOM   248  C  CA  . ILE A 1 60  ? 3.296   -1.515  5.001   1.00 52.26  ? 60   ILE A CA  1 
ATOM   249  C  C   . ILE A 1 60  ? 2.239   -2.429  4.374   1.00 56.24  ? 60   ILE A C   1 
ATOM   250  O  O   . ILE A 1 60  ? 1.032   -2.322  4.668   1.00 60.01  ? 60   ILE A O   1 
ATOM   251  C  CB  . ILE A 1 60  ? 3.680   -2.061  6.432   1.00 51.58  ? 60   ILE A CB  1 
ATOM   252  C  CG1 . ILE A 1 60  ? 4.205   -3.513  6.395   1.00 54.93  ? 60   ILE A CG1 1 
ATOM   253  C  CG2 . ILE A 1 60  ? 2.510   -2.050  7.353   1.00 47.62  ? 60   ILE A CG2 1 
ATOM   254  N  N   . THR A 1 61  ? 2.705   -3.343  3.539   1.00 53.50  ? 61   THR A N   1 
ATOM   255  C  CA  . THR A 1 61  ? 1.871   -4.307  2.869   1.00 55.67  ? 61   THR A CA  1 
ATOM   256  C  C   . THR A 1 61  ? 2.464   -5.682  3.222   1.00 54.55  ? 61   THR A C   1 
ATOM   257  O  O   . THR A 1 61  ? 3.654   -5.779  3.389   1.00 55.22  ? 61   THR A O   1 
ATOM   258  C  CB  . THR A 1 61  ? 1.917   -4.027  1.363   1.00 56.51  ? 61   THR A CB  1 
ATOM   259  O  OG1 . THR A 1 61  ? 0.842   -3.149  1.021   1.00 64.05  ? 61   THR A OG1 1 
ATOM   260  C  CG2 . THR A 1 61  ? 1.782   -5.237  0.579   1.00 62.73  ? 61   THR A CG2 1 
ATOM   261  N  N   . VAL A 1 62  ? 1.643   -6.722  3.376   1.00 51.74  ? 62   VAL A N   1 
ATOM   262  C  CA  . VAL A 1 62  ? 2.177   -8.053  3.614   1.00 51.34  ? 62   VAL A CA  1 
ATOM   263  C  C   . VAL A 1 62  ? 1.277   -9.144  3.028   1.00 50.23  ? 62   VAL A C   1 
ATOM   264  O  O   . VAL A 1 62  ? 0.081   -9.065  3.142   1.00 52.30  ? 62   VAL A O   1 
ATOM   265  C  CB  . VAL A 1 62  ? 2.561   -8.275  5.150   1.00 52.08  ? 62   VAL A CB  1 
ATOM   266  C  CG1 . VAL A 1 62  ? 1.512   -7.809  6.044   1.00 50.15  ? 62   VAL A CG1 1 
ATOM   267  C  CG2 . VAL A 1 62  ? 2.927   -9.757  5.490   1.00 54.73  ? 62   VAL A CG2 1 
ATOM   268  N  N   . GLY A 1 63  ? 1.875   -10.156 2.406   1.00 48.61  ? 63   GLY A N   1 
ATOM   269  C  CA  . GLY A 1 63  ? 1.122   -11.276 1.844   1.00 50.16  ? 63   GLY A CA  1 
ATOM   270  C  C   . GLY A 1 63  ? 2.086   -12.345 1.354   1.00 49.33  ? 63   GLY A C   1 
ATOM   271  O  O   . GLY A 1 63  ? 3.287   -12.169 1.471   1.00 47.64  ? 63   GLY A O   1 
ATOM   272  N  N   . GLU A 1 64  ? 1.566   -13.466 0.855   1.00 50.70  ? 64   GLU A N   1 
ATOM   273  C  CA  . GLU A 1 64  ? 2.394   -14.547 0.304   1.00 52.35  ? 64   GLU A CA  1 
ATOM   274  C  C   . GLU A 1 64  ? 3.241   -14.017 -0.863  1.00 53.33  ? 64   GLU A C   1 
ATOM   275  O  O   . GLU A 1 64  ? 2.878   -13.046 -1.542  1.00 51.07  ? 64   GLU A O   1 
ATOM   276  C  CB  . GLU A 1 64  ? 1.526   -15.702 -0.185  1.00 52.92  ? 64   GLU A CB  1 
ATOM   277  C  CG  . GLU A 1 64  ? 0.766   -16.460 0.891   1.00 66.39  ? 64   GLU A CG  1 
ATOM   278  C  CD  . GLU A 1 64  ? -0.687  -16.766 0.476   1.00 84.81  ? 64   GLU A CD  1 
ATOM   279  O  OE1 . GLU A 1 64  ? -1.558  -15.848 0.543   1.00 85.40  ? 64   GLU A OE1 1 
ATOM   280  O  OE2 . GLU A 1 64  ? -0.958  -17.930 0.090   1.00 82.77  ? 64   GLU A OE2 1 
ATOM   281  N  N   . SER A 1 65  ? 4.387   -14.646 -1.074  1.00 54.46  ? 65   SER A N   1 
ATOM   282  C  CA  . SER A 1 65  ? 5.273   -14.261 -2.145  1.00 53.90  ? 65   SER A CA  1 
ATOM   283  C  C   . SER A 1 65  ? 5.256   -15.350 -3.225  1.00 56.88  ? 65   SER A C   1 
ATOM   284  O  O   . SER A 1 65  ? 4.430   -16.299 -3.184  1.00 54.96  ? 65   SER A O   1 
ATOM   285  C  CB  . SER A 1 65  ? 6.689   -14.106 -1.624  1.00 50.10  ? 65   SER A CB  1 
ATOM   286  O  OG  . SER A 1 65  ? 7.262   -15.421 -1.458  1.00 50.66  ? 65   SER A OG  1 
ATOM   287  N  N   . GLU A 1 66  ? 6.206   -15.214 -4.159  1.00 57.43  ? 66   GLU A N   1 
ATOM   288  C  CA  . GLU A 1 66  ? 6.433   -16.192 -5.225  1.00 60.21  ? 66   GLU A CA  1 
ATOM   289  C  C   . GLU A 1 66  ? 7.010   -17.511 -4.690  1.00 62.70  ? 66   GLU A C   1 
ATOM   290  O  O   . GLU A 1 66  ? 6.976   -18.501 -5.402  1.00 66.27  ? 66   GLU A O   1 
ATOM   291  C  CB  . GLU A 1 66  ? 7.351   -15.609 -6.324  1.00 57.88  ? 66   GLU A CB  1 
ATOM   292  C  CG  . GLU A 1 66  ? 8.820   -15.367 -5.882  1.00 54.70  ? 66   GLU A CG  1 
ATOM   293  C  CD  . GLU A 1 66  ? 9.099   -13.965 -5.265  1.00 59.39  ? 66   GLU A CD  1 
ATOM   294  O  OE1 . GLU A 1 66  ? 8.167   -13.222 -4.780  1.00 56.74  ? 66   GLU A OE1 1 
ATOM   295  O  OE2 . GLU A 1 66  ? 10.303  -13.621 -5.258  1.00 60.10  ? 66   GLU A OE2 1 
ATOM   296  N  N   . THR A 1 67  ? 7.551   -17.512 -3.461  1.00 61.32  ? 67   THR A N   1 
ATOM   297  C  CA  . THR A 1 67  ? 8.136   -18.722 -2.823  1.00 59.87  ? 67   THR A CA  1 
ATOM   298  C  C   . THR A 1 67  ? 7.226   -19.248 -1.675  1.00 59.34  ? 67   THR A C   1 
ATOM   299  O  O   . THR A 1 67  ? 7.003   -18.542 -0.690  1.00 59.02  ? 67   THR A O   1 
ATOM   300  C  CB  . THR A 1 67  ? 9.573   -18.441 -2.274  1.00 59.01  ? 67   THR A CB  1 
ATOM   301  O  OG1 . THR A 1 67  ? 10.339  -17.708 -3.246  1.00 56.75  ? 67   THR A OG1 1 
ATOM   302  C  CG2 . THR A 1 67  ? 10.302  -19.744 -1.830  1.00 54.89  ? 67   THR A CG2 1 
ATOM   303  N  N   . PRO A 1 68  ? 6.701   -20.483 -1.796  1.00 59.84  ? 68   PRO A N   1 
ATOM   304  C  CA  . PRO A 1 68  ? 5.777   -20.905 -0.725  1.00 59.09  ? 68   PRO A CA  1 
ATOM   305  C  C   . PRO A 1 68  ? 6.508   -20.944 0.632   1.00 57.63  ? 68   PRO A C   1 
ATOM   306  O  O   . PRO A 1 68  ? 7.653   -21.388 0.700   1.00 56.96  ? 68   PRO A O   1 
ATOM   307  C  CB  . PRO A 1 68  ? 5.311   -22.304 -1.173  1.00 58.44  ? 68   PRO A CB  1 
ATOM   308  C  CG  . PRO A 1 68  ? 6.289   -22.748 -2.186  1.00 57.48  ? 68   PRO A CG  1 
ATOM   309  C  CD  . PRO A 1 68  ? 6.909   -21.535 -2.814  1.00 59.07  ? 68   PRO A CD  1 
ATOM   310  N  N   . GLY A 1 69  ? 5.880   -20.441 1.694   1.00 55.13  ? 69   GLY A N   1 
ATOM   311  C  CA  . GLY A 1 69  ? 6.535   -20.420 2.991   1.00 50.14  ? 69   GLY A CA  1 
ATOM   312  C  C   . GLY A 1 69  ? 7.206   -19.092 3.322   1.00 48.59  ? 69   GLY A C   1 
ATOM   313  O  O   . GLY A 1 69  ? 7.610   -18.865 4.467   1.00 49.17  ? 69   GLY A O   1 
ATOM   314  N  N   . LEU A 1 70  ? 7.319   -18.203 2.334   1.00 46.24  ? 70   LEU A N   1 
ATOM   315  C  CA  . LEU A 1 70  ? 7.902   -16.896 2.550   1.00 43.98  ? 70   LEU A CA  1 
ATOM   316  C  C   . LEU A 1 70  ? 6.923   -15.817 2.190   1.00 45.81  ? 70   LEU A C   1 
ATOM   317  O  O   . LEU A 1 70  ? 6.320   -15.865 1.130   1.00 48.67  ? 70   LEU A O   1 
ATOM   318  C  CB  . LEU A 1 70  ? 9.161   -16.705 1.716   1.00 42.99  ? 70   LEU A CB  1 
ATOM   319  C  CG  . LEU A 1 70  ? 10.314  -17.699 1.783   1.00 43.10  ? 70   LEU A CG  1 
ATOM   320  C  CD1 . LEU A 1 70  ? 11.398  -17.219 0.825   1.00 45.22  ? 70   LEU A CD1 1 
ATOM   321  C  CD2 . LEU A 1 70  ? 10.833  -17.870 3.198   1.00 35.87  ? 70   LEU A CD2 1 
ATOM   322  N  N   . SER A 1 71  ? 6.772   -14.850 3.083   1.00 45.32  ? 71   SER A N   1 
ATOM   323  C  CA  . SER A 1 71  ? 5.976   -13.663 2.830   1.00 46.59  ? 71   SER A CA  1 
ATOM   324  C  C   . SER A 1 71  ? 6.811   -12.530 2.288   1.00 48.06  ? 71   SER A C   1 
ATOM   325  O  O   . SER A 1 71  ? 8.014   -12.476 2.527   1.00 48.10  ? 71   SER A O   1 
ATOM   326  C  CB  . SER A 1 71  ? 5.363   -13.196 4.121   1.00 43.31  ? 71   SER A CB  1 
ATOM   327  O  OG  . SER A 1 71  ? 4.482   -14.183 4.520   1.00 48.22  ? 71   SER A OG  1 
ATOM   328  N  N   . ARG A 1 72  ? 6.159   -11.619 1.557   1.00 51.19  ? 72   ARG A N   1 
ATOM   329  C  CA  . ARG A 1 72  ? 6.820   -10.437 1.049   1.00 49.22  ? 72   ARG A CA  1 
ATOM   330  C  C   . ARG A 1 72  ? 6.100   -9.242  1.592   1.00 50.64  ? 72   ARG A C   1 
ATOM   331  O  O   . ARG A 1 72  ? 4.869   -9.162  1.541   1.00 50.56  ? 72   ARG A O   1 
ATOM   332  C  CB  . ARG A 1 72  ? 6.808   -10.429 -0.466  1.00 53.18  ? 72   ARG A CB  1 
ATOM   333  C  CG  . ARG A 1 72  ? 7.339   -9.136  -1.109  1.00 52.02  ? 72   ARG A CG  1 
ATOM   334  C  CD  . ARG A 1 72  ? 7.513   -9.300  -2.659  1.00 51.87  ? 72   ARG A CD  1 
ATOM   335  N  NE  . ARG A 1 72  ? 8.409   -10.414 -3.043  1.00 56.15  ? 72   ARG A NE  1 
ATOM   336  C  CZ  . ARG A 1 72  ? 9.728   -10.297 -3.143  1.00 53.80  ? 72   ARG A CZ  1 
ATOM   337  N  NH1 . ARG A 1 72  ? 10.302  -9.144  -2.855  1.00 61.58  ? 72   ARG A NH1 1 
ATOM   338  N  NH2 . ARG A 1 72  ? 10.481  -11.315 -3.516  1.00 64.31  ? 72   ARG A NH2 1 
ATOM   339  N  N   . LEU A 1 73  ? 6.902   -8.336  2.114   1.00 49.82  ? 73   LEU A N   1 
ATOM   340  C  CA  . LEU A 1 73  ? 6.496   -7.098  2.739   1.00 52.29  ? 73   LEU A CA  1 
ATOM   341  C  C   . LEU A 1 73  ? 7.054   -5.955  1.968   1.00 50.11  ? 73   LEU A C   1 
ATOM   342  O  O   . LEU A 1 73  ? 8.232   -5.953  1.657   1.00 48.48  ? 73   LEU A O   1 
ATOM   343  C  CB  . LEU A 1 73  ? 7.187   -6.963  4.087   1.00 53.10  ? 73   LEU A CB  1 
ATOM   344  C  CG  . LEU A 1 73  ? 6.448   -7.471  5.291   1.00 63.77  ? 73   LEU A CG  1 
ATOM   345  C  CD1 . LEU A 1 73  ? 6.624   -8.964  5.330   1.00 66.76  ? 73   LEU A CD1 1 
ATOM   346  C  CD2 . LEU A 1 73  ? 7.079   -6.824  6.478   1.00 71.00  ? 73   LEU A CD2 1 
ATOM   347  N  N   . VAL A 1 74  ? 6.233   -4.943  1.755   1.00 48.20  ? 74   VAL A N   1 
ATOM   348  C  CA  . VAL A 1 74  ? 6.664   -3.733  1.116   1.00 49.12  ? 74   VAL A CA  1 
ATOM   349  C  C   . VAL A 1 74  ? 6.455   -2.683  2.139   1.00 50.07  ? 74   VAL A C   1 
ATOM   350  O  O   . VAL A 1 74  ? 5.393   -2.614  2.762   1.00 50.09  ? 74   VAL A O   1 
ATOM   351  C  CB  . VAL A 1 74  ? 5.843   -3.410  -0.126  1.00 48.70  ? 74   VAL A CB  1 
ATOM   352  C  CG1 . VAL A 1 74  ? 6.323   -2.090  -0.772  1.00 45.93  ? 74   VAL A CG1 1 
ATOM   353  C  CG2 . VAL A 1 74  ? 6.012   -4.574  -1.127  1.00 53.52  ? 74   VAL A CG2 1 
ATOM   354  N  N   . ILE A 1 75  ? 7.505   -1.900  2.335   1.00 48.99  ? 75   ILE A N   1 
ATOM   355  C  CA  . ILE A 1 75  ? 7.552   -0.905  3.372   1.00 51.03  ? 75   ILE A CA  1 
ATOM   356  C  C   . ILE A 1 75  ? 7.949   0.385   2.701   1.00 52.01  ? 75   ILE A C   1 
ATOM   357  O  O   . ILE A 1 75  ? 8.808   0.426   1.829   1.00 48.81  ? 75   ILE A O   1 
ATOM   358  C  CB  . ILE A 1 75  ? 8.530   -1.317  4.513   1.00 48.55  ? 75   ILE A CB  1 
ATOM   359  C  CG1 . ILE A 1 75  ? 8.102   -2.645  5.084   1.00 49.54  ? 75   ILE A CG1 1 
ATOM   360  C  CG2 . ILE A 1 75  ? 8.451   -0.385  5.666   1.00 52.47  ? 75   ILE A CG2 1 
ATOM   361  C  CD1 . ILE A 1 75  ? 9.165   -3.284  5.962   1.00 61.60  ? 75   ILE A CD1 1 
HETATM 362  N  N   . MSE A 1 76  ? 7.270   1.433   3.091   1.00 57.26  ? 76   MSE A N   1 
HETATM 363  C  CA  . MSE A 1 76  ? 7.685   2.731   2.705   1.00 69.37  ? 76   MSE A CA  1 
HETATM 364  C  C   . MSE A 1 76  ? 8.110   3.448   3.975   1.00 62.57  ? 76   MSE A C   1 
HETATM 365  O  O   . MSE A 1 76  ? 7.464   3.335   4.992   1.00 60.59  ? 76   MSE A O   1 
HETATM 366  C  CB  . MSE A 1 76  ? 6.546   3.419   2.012   1.00 66.16  ? 76   MSE A CB  1 
HETATM 367  C  CG  . MSE A 1 76  ? 7.010   4.666   1.360   1.00 82.46  ? 76   MSE A CG  1 
HETATM 368  SE SE  . MSE A 1 76  ? 5.501   5.638   0.634   1.00 98.44  ? 76   MSE A SE  1 
HETATM 369  C  CE  . MSE A 1 76  ? 5.380   4.863   -1.264  1.00 99.06  ? 76   MSE A CE  1 
ATOM   370  N  N   . VAL A 1 77  ? 9.237   4.140   3.928   1.00 63.41  ? 77   VAL A N   1 
ATOM   371  C  CA  . VAL A 1 77  ? 9.787   4.793   5.119   1.00 62.79  ? 77   VAL A CA  1 
ATOM   372  C  C   . VAL A 1 77  ? 10.250  6.188   4.768   1.00 60.96  ? 77   VAL A C   1 
ATOM   373  O  O   . VAL A 1 77  ? 10.895  6.394   3.750   1.00 55.29  ? 77   VAL A O   1 
ATOM   374  C  CB  . VAL A 1 77  ? 10.969  4.003   5.755   1.00 63.93  ? 77   VAL A CB  1 
ATOM   375  C  CG1 . VAL A 1 77  ? 10.460  2.799   6.541   1.00 62.55  ? 77   VAL A CG1 1 
ATOM   376  C  CG2 . VAL A 1 77  ? 11.971  3.550   4.692   1.00 69.46  ? 77   VAL A CG2 1 
ATOM   377  N  N   . LYS A 1 78  ? 9.901   7.148   5.609   1.00 62.48  ? 78   LYS A N   1 
ATOM   378  C  CA  . LYS A 1 78  ? 10.263  8.525   5.341   1.00 65.29  ? 78   LYS A CA  1 
ATOM   379  C  C   . LYS A 1 78  ? 11.626  8.795   5.964   1.00 63.64  ? 78   LYS A C   1 
ATOM   380  O  O   . LYS A 1 78  ? 11.793  8.645   7.178   1.00 62.21  ? 78   LYS A O   1 
ATOM   381  C  CB  . LYS A 1 78  ? 9.190   9.466   5.893   1.00 67.72  ? 78   LYS A CB  1 
ATOM   382  C  CG  . LYS A 1 78  ? 8.766   10.579  4.933   1.00 71.11  ? 78   LYS A CG  1 
ATOM   383  C  CD  . LYS A 1 78  ? 7.973   11.619  5.696   1.00 73.54  ? 78   LYS A CD  1 
ATOM   384  C  CE  . LYS A 1 78  ? 7.612   12.814  4.849   1.00 66.14  ? 78   LYS A CE  1 
ATOM   385  N  NZ  . LYS A 1 78  ? 7.437   13.972  5.787   1.00 70.17  ? 78   LYS A NZ  1 
ATOM   386  N  N   . GLY A 1 79  ? 12.604  9.154   5.131   1.00 61.66  ? 79   GLY A N   1 
ATOM   387  C  CA  . GLY A 1 79  ? 13.965  9.398   5.627   1.00 61.29  ? 79   GLY A CA  1 
ATOM   388  C  C   . GLY A 1 79  ? 15.021  9.960   4.679   1.00 58.74  ? 79   GLY A C   1 
ATOM   389  O  O   . GLY A 1 79  ? 14.713  10.403  3.564   1.00 57.99  ? 79   GLY A O   1 
ATOM   390  N  N   . ASP A 1 80  ? 16.275  9.936   5.131   1.00 57.01  ? 80   ASP A N   1 
ATOM   391  C  CA  . ASP A 1 80  ? 17.389  10.471  4.334   1.00 59.59  ? 80   ASP A CA  1 
ATOM   392  C  C   . ASP A 1 80  ? 18.035  9.378   3.461   1.00 59.26  ? 80   ASP A C   1 
ATOM   393  O  O   . ASP A 1 80  ? 17.520  8.261   3.415   1.00 62.05  ? 80   ASP A O   1 
ATOM   394  C  CB  . ASP A 1 80  ? 18.395  11.289  5.207   1.00 59.18  ? 80   ASP A CB  1 
ATOM   395  C  CG  . ASP A 1 80  ? 19.353  10.406  6.032   1.00 62.17  ? 80   ASP A CG  1 
ATOM   396  O  OD1 . ASP A 1 80  ? 19.013  9.237   6.360   1.00 64.61  ? 80   ASP A OD1 1 
ATOM   397  O  OD2 . ASP A 1 80  ? 20.466  10.898  6.364   1.00 66.02  ? 80   ASP A OD2 1 
ATOM   398  N  N   . ASP A 1 81  ? 19.120  9.692   2.751   1.00 61.55  ? 81   ASP A N   1 
ATOM   399  C  CA  . ASP A 1 81  ? 19.729  8.737   1.811   1.00 66.43  ? 81   ASP A CA  1 
ATOM   400  C  C   . ASP A 1 81  ? 20.431  7.517   2.450   1.00 69.18  ? 81   ASP A C   1 
ATOM   401  O  O   . ASP A 1 81  ? 20.606  6.487   1.796   1.00 70.52  ? 81   ASP A O   1 
ATOM   402  C  CB  . ASP A 1 81  ? 20.647  9.457   0.814   1.00 65.82  ? 81   ASP A CB  1 
ATOM   403  N  N   . LYS A 1 82  ? 20.790  7.625   3.728   1.00 70.89  ? 82   LYS A N   1 
ATOM   404  C  CA  . LYS A 1 82  ? 21.322  6.498   4.502   1.00 72.05  ? 82   LYS A CA  1 
ATOM   405  C  C   . LYS A 1 82  ? 20.200  5.552   4.956   1.00 72.13  ? 82   LYS A C   1 
ATOM   406  O  O   . LYS A 1 82  ? 20.453  4.448   5.432   1.00 72.62  ? 82   LYS A O   1 
ATOM   407  C  CB  . LYS A 1 82  ? 22.131  7.003   5.710   1.00 70.84  ? 82   LYS A CB  1 
ATOM   408  N  N   . THR A 1 83  ? 18.959  5.989   4.786   1.00 71.98  ? 83   THR A N   1 
ATOM   409  C  CA  . THR A 1 83  ? 17.800  5.212   5.206   1.00 73.43  ? 83   THR A CA  1 
ATOM   410  C  C   . THR A 1 83  ? 17.762  3.789   4.667   1.00 74.90  ? 83   THR A C   1 
ATOM   411  O  O   . THR A 1 83  ? 17.582  2.852   5.447   1.00 75.59  ? 83   THR A O   1 
ATOM   412  C  CB  . THR A 1 83  ? 16.495  5.895   4.809   1.00 72.00  ? 83   THR A CB  1 
ATOM   413  O  OG1 . THR A 1 83  ? 16.530  7.250   5.248   1.00 76.05  ? 83   THR A OG1 1 
ATOM   414  C  CG2 . THR A 1 83  ? 15.320  5.209   5.458   1.00 70.84  ? 83   THR A CG2 1 
ATOM   415  N  N   . ILE A 1 84  ? 17.900  3.617   3.352   1.00 75.43  ? 84   ILE A N   1 
ATOM   416  C  CA  . ILE A 1 84  ? 17.857  2.255   2.775   1.00 76.06  ? 84   ILE A CA  1 
ATOM   417  C  C   . ILE A 1 84  ? 18.980  1.346   3.328   1.00 74.37  ? 84   ILE A C   1 
ATOM   418  O  O   . ILE A 1 84  ? 18.703  0.238   3.762   1.00 72.99  ? 84   ILE A O   1 
ATOM   419  C  CB  . ILE A 1 84  ? 17.792  2.240   1.224   1.00 74.60  ? 84   ILE A CB  1 
ATOM   420  N  N   . GLU A 1 85  ? 20.218  1.836   3.369   1.00 73.11  ? 85   GLU A N   1 
ATOM   421  C  CA  . GLU A 1 85  ? 21.310  1.078   3.980   1.00 72.45  ? 85   GLU A CA  1 
ATOM   422  C  C   . GLU A 1 85  ? 20.941  0.647   5.384   1.00 69.51  ? 85   GLU A C   1 
ATOM   423  O  O   . GLU A 1 85  ? 21.056  -0.519  5.735   1.00 70.39  ? 85   GLU A O   1 
ATOM   424  C  CB  . GLU A 1 85  ? 22.611  1.900   4.032   1.00 74.91  ? 85   GLU A CB  1 
ATOM   425  C  CG  . GLU A 1 85  ? 23.446  1.912   2.743   1.00 80.09  ? 85   GLU A CG  1 
ATOM   426  C  CD  . GLU A 1 85  ? 22.623  2.259   1.496   1.00 88.17  ? 85   GLU A CD  1 
ATOM   427  O  OE1 . GLU A 1 85  ? 22.893  1.649   0.437   1.00 86.60  ? 85   GLU A OE1 1 
ATOM   428  O  OE2 . GLU A 1 85  ? 21.702  3.121   1.573   1.00 88.80  ? 85   GLU A OE2 1 
ATOM   429  N  N   . GLN A 1 86  ? 20.491  1.608   6.176   1.00 66.21  ? 86   GLN A N   1 
ATOM   430  C  CA  . GLN A 1 86  ? 20.158  1.377   7.564   1.00 64.57  ? 86   GLN A CA  1 
ATOM   431  C  C   . GLN A 1 86  ? 19.162  0.259   7.734   1.00 63.52  ? 86   GLN A C   1 
ATOM   432  O  O   . GLN A 1 86  ? 19.397  -0.676  8.467   1.00 63.79  ? 86   GLN A O   1 
ATOM   433  C  CB  . GLN A 1 86  ? 19.622  2.653   8.187   1.00 63.26  ? 86   GLN A CB  1 
ATOM   434  C  CG  . GLN A 1 86  ? 20.684  3.448   8.886   1.00 68.33  ? 86   GLN A CG  1 
ATOM   435  C  CD  . GLN A 1 86  ? 21.012  2.887   10.261  1.00 74.28  ? 86   GLN A CD  1 
ATOM   436  O  OE1 . GLN A 1 86  ? 20.202  2.976   11.198  1.00 74.39  ? 86   GLN A OE1 1 
ATOM   437  N  NE2 . GLN A 1 86  ? 22.210  2.317   10.391  1.00 72.83  ? 86   GLN A NE2 1 
ATOM   438  N  N   . ILE A 1 87  ? 18.051  0.360   7.032   1.00 64.87  ? 87   ILE A N   1 
ATOM   439  C  CA  . ILE A 1 87  ? 17.000  -0.627  7.091   1.00 66.30  ? 87   ILE A CA  1 
ATOM   440  C  C   . ILE A 1 87  ? 17.505  -2.001  6.694   1.00 65.75  ? 87   ILE A C   1 
ATOM   441  O  O   . ILE A 1 87  ? 17.215  -2.978  7.369   1.00 65.44  ? 87   ILE A O   1 
ATOM   442  C  CB  . ILE A 1 87  ? 15.878  -0.210  6.167   1.00 66.88  ? 87   ILE A CB  1 
ATOM   443  C  CG1 . ILE A 1 87  ? 15.015  0.805   6.879   1.00 69.82  ? 87   ILE A CG1 1 
ATOM   444  C  CG2 . ILE A 1 87  ? 15.053  -1.398  5.732   1.00 67.55  ? 87   ILE A CG2 1 
ATOM   445  C  CD1 . ILE A 1 87  ? 13.858  1.263   6.062   1.00 72.09  ? 87   ILE A CD1 1 
ATOM   446  N  N   . GLU A 1 88  ? 18.254  -2.052  5.595   1.00 66.92  ? 88   GLU A N   1 
ATOM   447  C  CA  . GLU A 1 88  ? 18.951  -3.249  5.149   1.00 69.15  ? 88   GLU A CA  1 
ATOM   448  C  C   . GLU A 1 88  ? 19.779  -3.847  6.284   1.00 66.73  ? 88   GLU A C   1 
ATOM   449  O  O   . GLU A 1 88  ? 19.471  -4.926  6.753   1.00 66.11  ? 88   GLU A O   1 
ATOM   450  C  CB  . GLU A 1 88  ? 19.839  -2.916  3.948   1.00 71.52  ? 88   GLU A CB  1 
ATOM   451  C  CG  . GLU A 1 88  ? 20.324  -4.104  3.112   1.00 81.04  ? 88   GLU A CG  1 
ATOM   452  C  CD  . GLU A 1 88  ? 20.209  -3.827  1.603   1.00 94.41  ? 88   GLU A CD  1 
ATOM   453  O  OE1 . GLU A 1 88  ? 20.222  -2.635  1.213   1.00 96.97  ? 88   GLU A OE1 1 
ATOM   454  O  OE2 . GLU A 1 88  ? 20.088  -4.788  0.802   1.00 96.40  ? 88   GLU A OE2 1 
ATOM   455  N  N   . LYS A 1 89  ? 20.795  -3.126  6.745   1.00 64.96  ? 89   LYS A N   1 
ATOM   456  C  CA  . LYS A 1 89  ? 21.637  -3.587  7.845   1.00 63.70  ? 89   LYS A CA  1 
ATOM   457  C  C   . LYS A 1 89  ? 20.839  -4.175  9.016   1.00 63.08  ? 89   LYS A C   1 
ATOM   458  O  O   . LYS A 1 89  ? 21.116  -5.281  9.442   1.00 66.06  ? 89   LYS A O   1 
ATOM   459  C  CB  . LYS A 1 89  ? 22.543  -2.455  8.324   1.00 63.62  ? 89   LYS A CB  1 
ATOM   460  C  CG  . LYS A 1 89  ? 23.489  -2.837  9.437   1.00 62.14  ? 89   LYS A CG  1 
ATOM   461  C  CD  . LYS A 1 89  ? 24.229  -1.610  9.984   1.00 63.88  ? 89   LYS A CD  1 
ATOM   462  N  N   . GLN A 1 90  ? 19.844  -3.438  9.505   1.00 62.48  ? 90   GLN A N   1 
ATOM   463  C  CA  . GLN A 1 90  ? 18.996  -3.807  10.672  1.00 60.18  ? 90   GLN A CA  1 
ATOM   464  C  C   . GLN A 1 90  ? 17.963  -4.922  10.455  1.00 57.23  ? 90   GLN A C   1 
ATOM   465  O  O   . GLN A 1 90  ? 17.676  -5.680  11.380  1.00 58.08  ? 90   GLN A O   1 
ATOM   466  C  CB  . GLN A 1 90  ? 18.203  -2.590  11.172  1.00 60.66  ? 90   GLN A CB  1 
ATOM   467  C  CG  . GLN A 1 90  ? 19.018  -1.333  11.393  1.00 62.64  ? 90   GLN A CG  1 
ATOM   468  C  CD  . GLN A 1 90  ? 20.086  -1.507  12.423  1.00 67.44  ? 90   GLN A CD  1 
ATOM   469  O  OE1 . GLN A 1 90  ? 19.895  -2.212  13.410  1.00 69.80  ? 90   GLN A OE1 1 
ATOM   470  N  NE2 . GLN A 1 90  ? 21.229  -0.869  12.205  1.00 69.94  ? 90   GLN A NE2 1 
ATOM   471  N  N   . ALA A 1 91  ? 17.356  -4.987  9.276   1.00 50.44  ? 91   ALA A N   1 
ATOM   472  C  CA  . ALA A 1 91  ? 16.426  -6.065  8.995   1.00 50.18  ? 91   ALA A CA  1 
ATOM   473  C  C   . ALA A 1 91  ? 17.139  -7.443  9.059   1.00 50.65  ? 91   ALA A C   1 
ATOM   474  O  O   . ALA A 1 91  ? 16.659  -8.390  9.732   1.00 48.46  ? 91   ALA A O   1 
ATOM   475  C  CB  . ALA A 1 91  ? 15.717  -5.840  7.597   1.00 49.59  ? 91   ALA A CB  1 
ATOM   476  N  N   . TYR A 1 92  ? 18.316  -7.506  8.414   1.00 47.91  ? 92   TYR A N   1 
ATOM   477  C  CA  . TYR A 1 92  ? 19.092  -8.731  8.252   1.00 43.49  ? 92   TYR A CA  1 
ATOM   478  C  C   . TYR A 1 92  ? 19.446  -9.361  9.580   1.00 42.93  ? 92   TYR A C   1 
ATOM   479  O  O   . TYR A 1 92  ? 19.786  -10.511 9.634   1.00 40.81  ? 92   TYR A O   1 
ATOM   480  C  CB  . TYR A 1 92  ? 20.313  -8.539  7.322   1.00 41.37  ? 92   TYR A CB  1 
ATOM   481  C  CG  . TYR A 1 92  ? 19.972  -8.695  5.833   1.00 43.46  ? 92   TYR A CG  1 
ATOM   482  C  CD1 . TYR A 1 92  ? 19.222  -9.786  5.375   1.00 44.99  ? 92   TYR A CD1 1 
ATOM   483  C  CD2 . TYR A 1 92  ? 20.400  -7.757  4.883   1.00 40.41  ? 92   TYR A CD2 1 
ATOM   484  C  CE1 . TYR A 1 92  ? 18.911  -9.945  4.006   1.00 49.83  ? 92   TYR A CE1 1 
ATOM   485  C  CE2 . TYR A 1 92  ? 20.107  -7.898  3.511   1.00 43.41  ? 92   TYR A CE2 1 
ATOM   486  C  CZ  . TYR A 1 92  ? 19.350  -8.987  3.077   1.00 46.80  ? 92   TYR A CZ  1 
ATOM   487  O  OH  . TYR A 1 92  ? 19.045  -9.111  1.731   1.00 47.19  ? 92   TYR A OH  1 
ATOM   488  N  N   . LYS A 1 93  ? 19.247  -8.637  10.665  1.00 41.75  ? 93   LYS A N   1 
ATOM   489  C  CA  . LYS A 1 93  ? 19.545  -9.186  11.979  1.00 44.06  ? 93   LYS A CA  1 
ATOM   490  C  C   . LYS A 1 93  ? 18.398  -10.030 12.525  1.00 41.81  ? 93   LYS A C   1 
ATOM   491  O  O   . LYS A 1 93  ? 18.528  -10.714 13.535  1.00 41.04  ? 93   LYS A O   1 
ATOM   492  C  CB  . LYS A 1 93  ? 19.934  -8.076  12.961  1.00 46.12  ? 93   LYS A CB  1 
ATOM   493  C  CG  . LYS A 1 93  ? 20.810  -7.024  12.331  1.00 54.61  ? 93   LYS A CG  1 
ATOM   494  C  CD  . LYS A 1 93  ? 21.693  -6.327  13.339  1.00 59.74  ? 93   LYS A CD  1 
ATOM   495  C  CE  . LYS A 1 93  ? 22.973  -5.901  12.572  1.00 67.56  ? 93   LYS A CE  1 
ATOM   496  N  NZ  . LYS A 1 93  ? 23.538  -4.624  13.116  1.00 71.40  ? 93   LYS A NZ  1 
ATOM   497  N  N   . LEU A 1 94  ? 17.254  -9.976  11.872  1.00 43.15  ? 94   LEU A N   1 
ATOM   498  C  CA  . LEU A 1 94  ? 16.253  -10.976 12.150  1.00 44.26  ? 94   LEU A CA  1 
ATOM   499  C  C   . LEU A 1 94  ? 16.598  -12.141 11.261  1.00 42.23  ? 94   LEU A C   1 
ATOM   500  O  O   . LEU A 1 94  ? 16.780  -11.973 10.040  1.00 41.70  ? 94   LEU A O   1 
ATOM   501  C  CB  . LEU A 1 94  ? 14.853  -10.464 11.846  1.00 46.91  ? 94   LEU A CB  1 
ATOM   502  C  CG  . LEU A 1 94  ? 14.202  -9.488  12.804  1.00 51.90  ? 94   LEU A CG  1 
ATOM   503  C  CD1 . LEU A 1 94  ? 12.728  -9.503  12.372  1.00 62.68  ? 94   LEU A CD1 1 
ATOM   504  C  CD2 . LEU A 1 94  ? 14.398  -9.821  14.319  1.00 47.60  ? 94   LEU A CD2 1 
ATOM   505  N  N   . VAL A 1 95  ? 16.750  -13.317 11.881  1.00 43.45  ? 95   VAL A N   1 
ATOM   506  C  CA  . VAL A 1 95  ? 17.168  -14.498 11.108  1.00 44.82  ? 95   VAL A CA  1 
ATOM   507  C  C   . VAL A 1 95  ? 16.108  -14.828 10.036  1.00 45.82  ? 95   VAL A C   1 
ATOM   508  O  O   . VAL A 1 95  ? 16.455  -15.325 8.944   1.00 46.58  ? 95   VAL A O   1 
ATOM   509  C  CB  . VAL A 1 95  ? 17.525  -15.704 12.003  1.00 46.13  ? 95   VAL A CB  1 
ATOM   510  C  CG1 . VAL A 1 95  ? 18.737  -15.328 12.940  1.00 44.74  ? 95   VAL A CG1 1 
ATOM   511  C  CG2 . VAL A 1 95  ? 16.299  -16.195 12.811  1.00 41.21  ? 95   VAL A CG2 1 
ATOM   512  N  N   . GLU A 1 96  ? 14.844  -14.488 10.341  1.00 44.58  ? 96   GLU A N   1 
ATOM   513  C  CA  . GLU A 1 96  ? 13.669  -14.714 9.480   1.00 45.86  ? 96   GLU A CA  1 
ATOM   514  C  C   . GLU A 1 96  ? 13.623  -13.787 8.250   1.00 45.07  ? 96   GLU A C   1 
ATOM   515  O  O   . GLU A 1 96  ? 12.915  -14.076 7.273   1.00 45.39  ? 96   GLU A O   1 
ATOM   516  C  CB  . GLU A 1 96  ? 12.354  -14.602 10.305  1.00 44.09  ? 96   GLU A CB  1 
ATOM   517  N  N   . VAL A 1 97  ? 14.372  -12.691 8.307   1.00 44.93  ? 97   VAL A N   1 
ATOM   518  C  CA  . VAL A 1 97  ? 14.547  -11.822 7.149   1.00 43.73  ? 97   VAL A CA  1 
ATOM   519  C  C   . VAL A 1 97  ? 15.579  -12.393 6.183   1.00 45.48  ? 97   VAL A C   1 
ATOM   520  O  O   . VAL A 1 97  ? 16.760  -12.500 6.513   1.00 41.47  ? 97   VAL A O   1 
ATOM   521  C  CB  . VAL A 1 97  ? 14.980  -10.404 7.567   1.00 40.73  ? 97   VAL A CB  1 
ATOM   522  C  CG1 . VAL A 1 97  ? 15.295  -9.563  6.340   1.00 44.42  ? 97   VAL A CG1 1 
ATOM   523  C  CG2 . VAL A 1 97  ? 13.897  -9.748  8.410   1.00 39.57  ? 97   VAL A CG2 1 
ATOM   524  N  N   . VAL A 1 98  ? 15.125  -12.760 4.988   1.00 46.82  ? 98   VAL A N   1 
ATOM   525  C  CA  . VAL A 1 98  ? 15.872  -13.673 4.132   1.00 50.05  ? 98   VAL A CA  1 
ATOM   526  C  C   . VAL A 1 98  ? 16.281  -12.997 2.828   1.00 51.90  ? 98   VAL A C   1 
ATOM   527  O  O   . VAL A 1 98  ? 17.248  -13.402 2.184   1.00 54.68  ? 98   VAL A O   1 
ATOM   528  C  CB  . VAL A 1 98  ? 15.055  -14.938 3.809   1.00 48.05  ? 98   VAL A CB  1 
ATOM   529  C  CG1 . VAL A 1 98  ? 14.095  -15.254 4.945   1.00 55.68  ? 98   VAL A CG1 1 
ATOM   530  C  CG2 . VAL A 1 98  ? 14.304  -14.765 2.499   1.00 44.82  ? 98   VAL A CG2 1 
ATOM   531  N  N   . LYS A 1 99  ? 15.625  -11.919 2.471   1.00 51.65  ? 99   LYS A N   1 
ATOM   532  C  CA  . LYS A 1 99  ? 16.107  -11.044 1.427   1.00 55.48  ? 99   LYS A CA  1 
ATOM   533  C  C   . LYS A 1 99  ? 15.434  -9.679  1.552   1.00 56.02  ? 99   LYS A C   1 
ATOM   534  O  O   . LYS A 1 99  ? 14.197  -9.603  1.722   1.00 55.50  ? 99   LYS A O   1 
ATOM   535  C  CB  . LYS A 1 99  ? 15.840  -11.618 0.023   1.00 56.76  ? 99   LYS A CB  1 
ATOM   536  C  CG  . LYS A 1 99  ? 16.878  -11.111 -0.960  1.00 59.31  ? 99   LYS A CG  1 
ATOM   537  C  CD  . LYS A 1 99  ? 16.481  -11.258 -2.385  1.00 79.58  ? 99   LYS A CD  1 
ATOM   538  C  CE  . LYS A 1 99  ? 17.632  -10.774 -3.253  1.00 81.65  ? 99   LYS A CE  1 
ATOM   539  N  NZ  . LYS A 1 99  ? 17.239  -10.838 -4.674  1.00 94.05  ? 99   LYS A NZ  1 
ATOM   540  N  N   . VAL A 1 100 ? 16.251  -8.622  1.462   1.00 56.21  ? 100  VAL A N   1 
ATOM   541  C  CA  . VAL A 1 100 ? 15.780  -7.226  1.447   1.00 57.29  ? 100  VAL A CA  1 
ATOM   542  C  C   . VAL A 1 100 ? 16.103  -6.685  0.058   1.00 59.18  ? 100  VAL A C   1 
ATOM   543  O  O   . VAL A 1 100 ? 17.208  -6.804  -0.401  1.00 61.63  ? 100  VAL A O   1 
ATOM   544  C  CB  . VAL A 1 100 ? 16.463  -6.353  2.568   1.00 57.95  ? 100  VAL A CB  1 
ATOM   545  C  CG1 . VAL A 1 100 ? 15.983  -4.913  2.529   1.00 50.67  ? 100  VAL A CG1 1 
ATOM   546  C  CG2 . VAL A 1 100 ? 16.245  -6.959  3.965   1.00 52.88  ? 100  VAL A CG2 1 
ATOM   547  N  N   . THR A 1 101 ? 15.101  -6.167  -0.619  1.00 59.96  ? 101  THR A N   1 
ATOM   548  C  CA  . THR A 1 101 ? 15.194  -5.624  -1.985  1.00 62.29  ? 101  THR A CA  1 
ATOM   549  C  C   . THR A 1 101 ? 14.744  -4.147  -1.969  1.00 57.87  ? 101  THR A C   1 
ATOM   550  O  O   . THR A 1 101 ? 13.555  -3.864  -1.815  1.00 53.30  ? 101  THR A O   1 
ATOM   551  C  CB  . THR A 1 101 ? 14.194  -6.364  -2.964  1.00 61.62  ? 101  THR A CB  1 
ATOM   552  O  OG1 . THR A 1 101 ? 14.411  -7.783  -2.927  1.00 72.25  ? 101  THR A OG1 1 
ATOM   553  C  CG2 . THR A 1 101 ? 14.292  -5.839  -4.434  1.00 65.76  ? 101  THR A CG2 1 
ATOM   554  N  N   . PRO A 1 102 ? 15.679  -3.207  -2.104  1.00 57.79  ? 102  PRO A N   1 
ATOM   555  C  CA  . PRO A 1 102 ? 15.220  -1.823  -2.336  1.00 57.18  ? 102  PRO A CA  1 
ATOM   556  C  C   . PRO A 1 102 ? 14.511  -1.664  -3.700  1.00 55.05  ? 102  PRO A C   1 
ATOM   557  O  O   . PRO A 1 102 ? 14.880  -2.283  -4.707  1.00 53.66  ? 102  PRO A O   1 
ATOM   558  C  CB  . PRO A 1 102 ? 16.496  -0.992  -2.288  1.00 55.57  ? 102  PRO A CB  1 
ATOM   559  C  CG  . PRO A 1 102 ? 17.543  -1.898  -1.720  1.00 63.51  ? 102  PRO A CG  1 
ATOM   560  C  CD  . PRO A 1 102 ? 17.140  -3.318  -2.029  1.00 58.60  ? 102  PRO A CD  1 
ATOM   561  N  N   . ILE A 1 103 ? 13.457  -0.881  -3.696  1.00 54.74  ? 103  ILE A N   1 
ATOM   562  C  CA  . ILE A 1 103 ? 12.761  -0.531  -4.917  1.00 55.88  ? 103  ILE A CA  1 
ATOM   563  C  C   . ILE A 1 103 ? 13.355  0.746   -5.479  1.00 57.43  ? 103  ILE A C   1 
ATOM   564  O  O   . ILE A 1 103 ? 13.712  1.658   -4.743  1.00 57.89  ? 103  ILE A O   1 
ATOM   565  C  CB  . ILE A 1 103 ? 11.273  -0.366  -4.669  1.00 56.07  ? 103  ILE A CB  1 
ATOM   566  C  CG1 . ILE A 1 103 ? 10.624  -1.747  -4.624  1.00 57.50  ? 103  ILE A CG1 1 
ATOM   567  C  CG2 . ILE A 1 103 ? 10.660  0.414   -5.760  1.00 50.13  ? 103  ILE A CG2 1 
ATOM   568  C  CD1 . ILE A 1 103 ? 10.239  -2.116  -3.288  1.00 67.23  ? 103  ILE A CD1 1 
ATOM   569  N  N   . ASP A 1 104 ? 13.484  0.784   -6.798  1.00 58.98  ? 104  ASP A N   1 
ATOM   570  C  CA  . ASP A 1 104 ? 14.092  1.883   -7.480  1.00 56.89  ? 104  ASP A CA  1 
ATOM   571  C  C   . ASP A 1 104 ? 13.462  3.183   -7.002  1.00 57.18  ? 104  ASP A C   1 
ATOM   572  O  O   . ASP A 1 104 ? 12.242  3.263   -6.882  1.00 55.36  ? 104  ASP A O   1 
ATOM   573  C  CB  . ASP A 1 104 ? 13.951  1.727   -8.987  1.00 55.89  ? 104  ASP A CB  1 
ATOM   574  C  CG  . ASP A 1 104 ? 15.000  2.543   -9.757  1.00 61.15  ? 104  ASP A CG  1 
ATOM   575  O  OD1 . ASP A 1 104 ? 14.958  3.795   -9.684  1.00 62.02  ? 104  ASP A OD1 1 
ATOM   576  O  OD2 . ASP A 1 104 ? 15.867  1.940   -10.446 1.00 65.15  ? 104  ASP A OD2 1 
ATOM   577  N  N   . PRO A 1 105 ? 14.311  4.175   -6.645  1.00 57.80  ? 105  PRO A N   1 
ATOM   578  C  CA  . PRO A 1 105 ? 13.865  5.543   -6.316  1.00 58.39  ? 105  PRO A CA  1 
ATOM   579  C  C   . PRO A 1 105 ? 13.329  6.366   -7.509  1.00 59.64  ? 105  PRO A C   1 
ATOM   580  O  O   . PRO A 1 105 ? 12.564  7.306   -7.299  1.00 60.03  ? 105  PRO A O   1 
ATOM   581  C  CB  . PRO A 1 105 ? 15.112  6.172   -5.690  1.00 57.97  ? 105  PRO A CB  1 
ATOM   582  C  CG  . PRO A 1 105 ? 16.262  5.409   -6.297  1.00 56.25  ? 105  PRO A CG  1 
ATOM   583  C  CD  . PRO A 1 105 ? 15.775  4.008   -6.470  1.00 56.57  ? 105  PRO A CD  1 
ATOM   584  N  N   . LEU A 1 106 ? 13.681  6.007   -8.745  1.00 61.28  ? 106  LEU A N   1 
ATOM   585  C  CA  . LEU A 1 106 ? 13.062  6.627   -9.918  1.00 61.48  ? 106  LEU A CA  1 
ATOM   586  C  C   . LEU A 1 106 ? 11.647  6.082   -10.198 1.00 61.89  ? 106  LEU A C   1 
ATOM   587  O  O   . LEU A 1 106 ? 11.473  4.872   -10.468 1.00 56.90  ? 106  LEU A O   1 
ATOM   588  C  CB  . LEU A 1 106 ? 13.942  6.440   -11.142 1.00 64.27  ? 106  LEU A CB  1 
ATOM   589  C  CG  . LEU A 1 106 ? 14.737  7.669   -11.565 1.00 74.98  ? 106  LEU A CG  1 
ATOM   590  C  CD1 . LEU A 1 106 ? 13.756  8.769   -12.027 1.00 85.73  ? 106  LEU A CD1 1 
ATOM   591  C  CD2 . LEU A 1 106 ? 15.668  8.155   -10.456 1.00 77.06  ? 106  LEU A CD2 1 
ATOM   592  N  N   . PRO A 1 107 ? 10.633  6.980   -10.134 1.00 63.97  ? 107  PRO A N   1 
ATOM   593  C  CA  . PRO A 1 107 ? 9.228   6.589   -10.304 1.00 63.82  ? 107  PRO A CA  1 
ATOM   594  C  C   . PRO A 1 107 ? 8.999   5.986   -11.676 1.00 66.22  ? 107  PRO A C   1 
ATOM   595  O  O   . PRO A 1 107 ? 8.085   5.160   -11.844 1.00 67.56  ? 107  PRO A O   1 
ATOM   596  C  CB  . PRO A 1 107 ? 8.453   7.895   -10.166 1.00 65.26  ? 107  PRO A CB  1 
ATOM   597  C  CG  . PRO A 1 107 ? 9.437   8.870   -9.414  1.00 65.36  ? 107  PRO A CG  1 
ATOM   598  C  CD  . PRO A 1 107 ? 10.799  8.438   -9.897  1.00 64.49  ? 107  PRO A CD  1 
ATOM   599  N  N   . GLU A 1 108 ? 9.846   6.369   -12.631 1.00 64.28  ? 108  GLU A N   1 
ATOM   600  C  CA  . GLU A 1 108 ? 9.869   5.791   -13.976 1.00 60.99  ? 108  GLU A CA  1 
ATOM   601  C  C   . GLU A 1 108 ? 10.303  4.304   -13.980 1.00 61.61  ? 108  GLU A C   1 
ATOM   602  O  O   . GLU A 1 108 ? 9.955   3.545   -14.909 1.00 59.72  ? 108  GLU A O   1 
ATOM   603  C  CB  . GLU A 1 108 ? 10.832  6.629   -14.835 1.00 64.92  ? 108  GLU A CB  1 
ATOM   604  C  CG  . GLU A 1 108 ? 10.865  6.282   -16.331 1.00 71.92  ? 108  GLU A CG  1 
ATOM   605  N  N   . ASN A 1 109 ? 11.047  3.884   -12.944 1.00 58.80  ? 109  ASN A N   1 
ATOM   606  C  CA  . ASN A 1 109 ? 11.700  2.566   -12.919 1.00 56.45  ? 109  ASN A CA  1 
ATOM   607  C  C   . ASN A 1 109 ? 10.915  1.502   -12.125 1.00 56.08  ? 109  ASN A C   1 
ATOM   608  O  O   . ASN A 1 109 ? 11.278  0.327   -12.080 1.00 55.76  ? 109  ASN A O   1 
ATOM   609  C  CB  . ASN A 1 109 ? 13.099  2.688   -12.331 1.00 55.41  ? 109  ASN A CB  1 
ATOM   610  C  CG  . ASN A 1 109 ? 14.142  3.260   -13.315 1.00 56.71  ? 109  ASN A CG  1 
ATOM   611  O  OD1 . ASN A 1 109 ? 13.923  3.380   -14.515 1.00 52.57  ? 109  ASN A OD1 1 
ATOM   612  N  ND2 . ASN A 1 109 ? 15.298  3.586   -12.785 1.00 61.59  ? 109  ASN A ND2 1 
ATOM   613  N  N   . ARG A 1 110 ? 9.818   1.923   -11.518 1.00 54.01  ? 110  ARG A N   1 
ATOM   614  C  CA  . ARG A 1 110 ? 9.031   1.032   -10.674 1.00 54.90  ? 110  ARG A CA  1 
ATOM   615  C  C   . ARG A 1 110 ? 7.548   1.171   -11.009 1.00 55.45  ? 110  ARG A C   1 
ATOM   616  O  O   . ARG A 1 110 ? 7.160   2.101   -11.697 1.00 52.91  ? 110  ARG A O   1 
ATOM   617  C  CB  . ARG A 1 110 ? 9.250   1.410   -9.203  1.00 54.32  ? 110  ARG A CB  1 
ATOM   618  C  CG  . ARG A 1 110 ? 9.021   2.895   -8.955  1.00 52.76  ? 110  ARG A CG  1 
ATOM   619  C  CD  . ARG A 1 110 ? 9.105   3.185   -7.506  1.00 57.53  ? 110  ARG A CD  1 
ATOM   620  N  NE  . ARG A 1 110 ? 8.536   4.477   -7.190  1.00 50.67  ? 110  ARG A NE  1 
ATOM   621  C  CZ  . ARG A 1 110 ? 9.217   5.489   -6.684  1.00 60.72  ? 110  ARG A CZ  1 
ATOM   622  N  NH1 . ARG A 1 110 ? 10.505  5.371   -6.421  1.00 63.81  ? 110  ARG A NH1 1 
ATOM   623  N  NH2 . ARG A 1 110 ? 8.598   6.619   -6.429  1.00 62.17  ? 110  ARG A NH2 1 
ATOM   624  N  N   . VAL A 1 111 ? 6.733   0.247   -10.508 1.00 55.19  ? 111  VAL A N   1 
ATOM   625  C  CA  . VAL A 1 111 ? 5.283   0.441   -10.448 1.00 55.37  ? 111  VAL A CA  1 
ATOM   626  C  C   . VAL A 1 111 ? 4.838   0.500   -8.971  1.00 56.33  ? 111  VAL A C   1 
ATOM   627  O  O   . VAL A 1 111 ? 5.455   -0.169  -8.126  1.00 52.76  ? 111  VAL A O   1 
ATOM   628  C  CB  . VAL A 1 111 ? 4.558   -0.685  -11.163 1.00 57.98  ? 111  VAL A CB  1 
ATOM   629  C  CG1 . VAL A 1 111 ? 4.640   -0.491  -12.681 1.00 60.18  ? 111  VAL A CG1 1 
ATOM   630  C  CG2 . VAL A 1 111 ? 5.123   -2.021  -10.775 1.00 54.77  ? 111  VAL A CG2 1 
ATOM   631  N  N   . GLU A 1 112 ? 3.815   1.312   -8.657  1.00 55.67  ? 112  GLU A N   1 
ATOM   632  C  CA  . GLU A 1 112 ? 3.277   1.431   -7.281  1.00 58.07  ? 112  GLU A CA  1 
ATOM   633  C  C   . GLU A 1 112 ? 1.765   1.390   -7.387  1.00 56.26  ? 112  GLU A C   1 
ATOM   634  O  O   . GLU A 1 112 ? 1.193   2.065   -8.213  1.00 49.95  ? 112  GLU A O   1 
ATOM   635  C  CB  . GLU A 1 112 ? 3.712   2.739   -6.586  1.00 57.60  ? 112  GLU A CB  1 
ATOM   636  N  N   . ARG A 1 113 ? 1.120   0.576   -6.567  1.00 53.39  ? 113  ARG A N   1 
ATOM   637  C  CA  . ARG A 1 113 ? -0.297  0.474   -6.624  1.00 52.59  ? 113  ARG A CA  1 
ATOM   638  C  C   . ARG A 1 113 ? -0.825  0.382   -5.242  1.00 55.06  ? 113  ARG A C   1 
ATOM   639  O  O   . ARG A 1 113 ? -0.196  -0.231  -4.363  1.00 53.51  ? 113  ARG A O   1 
ATOM   640  C  CB  . ARG A 1 113 ? -0.747  -0.793  -7.345  1.00 52.28  ? 113  ARG A CB  1 
ATOM   641  C  CG  . ARG A 1 113 ? -0.497  -0.776  -8.826  1.00 56.55  ? 113  ARG A CG  1 
ATOM   642  C  CD  . ARG A 1 113 ? -1.383  0.216   -9.497  1.00 55.78  ? 113  ARG A CD  1 
ATOM   643  N  NE  . ARG A 1 113 ? -0.683  0.700   -10.673 1.00 66.52  ? 113  ARG A NE  1 
ATOM   644  C  CZ  . ARG A 1 113 ? -1.214  0.710   -11.873 1.00 73.49  ? 113  ARG A CZ  1 
ATOM   645  N  NH1 . ARG A 1 113 ? -2.475  0.279   -12.068 1.00 80.62  ? 113  ARG A NH1 1 
ATOM   646  N  NH2 . ARG A 1 113 ? -0.479  1.167   -12.867 1.00 62.59  ? 113  ARG A NH2 1 
ATOM   647  N  N   . GLU A 1 114 ? -2.010  0.955   -5.087  1.00 52.85  ? 114  GLU A N   1 
ATOM   648  C  CA  . GLU A 1 114 ? -2.790  0.852   -3.883  1.00 60.33  ? 114  GLU A CA  1 
ATOM   649  C  C   . GLU A 1 114 ? -4.230  0.403   -4.263  1.00 56.53  ? 114  GLU A C   1 
ATOM   650  O  O   . GLU A 1 114 ? -4.701  0.662   -5.361  1.00 54.52  ? 114  GLU A O   1 
ATOM   651  C  CB  . GLU A 1 114 ? -2.769  2.220   -3.175  1.00 56.22  ? 114  GLU A CB  1 
ATOM   652  C  CG  . GLU A 1 114 ? -3.553  2.276   -1.877  1.00 71.06  ? 114  GLU A CG  1 
ATOM   653  C  CD  . GLU A 1 114 ? -3.106  3.447   -0.977  1.00 73.14  ? 114  GLU A CD  1 
ATOM   654  O  OE1 . GLU A 1 114 ? -2.625  4.469   -1.564  1.00 85.95  ? 114  GLU A OE1 1 
ATOM   655  O  OE2 . GLU A 1 114 ? -3.205  3.325   0.300   1.00 75.10  ? 114  GLU A OE2 1 
HETATM 656  N  N   . MSE A 1 115 ? -4.923  -0.251  -3.349  1.00 52.74  ? 115  MSE A N   1 
HETATM 657  C  CA  . MSE A 1 115 ? -6.323  -0.509  -3.551  1.00 52.95  ? 115  MSE A CA  1 
HETATM 658  C  C   . MSE A 1 115 ? -7.172  0.010   -2.367  1.00 51.76  ? 115  MSE A C   1 
HETATM 659  O  O   . MSE A 1 115 ? -6.743  -0.074  -1.227  1.00 51.72  ? 115  MSE A O   1 
HETATM 660  C  CB  . MSE A 1 115 ? -6.454  -2.003  -3.724  1.00 52.03  ? 115  MSE A CB  1 
HETATM 661  C  CG  . MSE A 1 115 ? -7.745  -2.458  -4.259  1.00 71.21  ? 115  MSE A CG  1 
HETATM 662  SE SE  . MSE A 1 115 ? -8.675  -3.500  -2.919  1.00 98.79  ? 115  MSE A SE  1 
HETATM 663  C  CE  . MSE A 1 115 ? -7.674  -5.102  -2.774  1.00 81.79  ? 115  MSE A CE  1 
ATOM   664  N  N   . ALA A 1 116 ? -8.365  0.550   -2.622  1.00 48.83  ? 116  ALA A N   1 
ATOM   665  C  CA  . ALA A 1 116 ? -9.247  1.001   -1.544  1.00 44.25  ? 116  ALA A CA  1 
ATOM   666  C  C   . ALA A 1 116 ? -10.632 0.437   -1.755  1.00 46.71  ? 116  ALA A C   1 
ATOM   667  O  O   . ALA A 1 116 ? -11.078 0.303   -2.898  1.00 44.54  ? 116  ALA A O   1 
ATOM   668  C  CB  . ALA A 1 116 ? -9.316  2.504   -1.551  1.00 42.66  ? 116  ALA A CB  1 
ATOM   669  N  N   . LEU A 1 117 ? -11.299 0.064   -0.670  1.00 47.53  ? 117  LEU A N   1 
ATOM   670  C  CA  . LEU A 1 117 ? -12.757 -0.190  -0.693  1.00 47.50  ? 117  LEU A CA  1 
ATOM   671  C  C   . LEU A 1 117 ? -13.457 1.041   -0.125  1.00 50.45  ? 117  LEU A C   1 
ATOM   672  O  O   . LEU A 1 117 ? -13.131 1.459   1.002   1.00 46.46  ? 117  LEU A O   1 
ATOM   673  C  CB  . LEU A 1 117 ? -13.147 -1.406  0.137   1.00 46.10  ? 117  LEU A CB  1 
ATOM   674  C  CG  . LEU A 1 117 ? -12.657 -2.761  -0.384  1.00 50.31  ? 117  LEU A CG  1 
ATOM   675  C  CD1 . LEU A 1 117 ? -13.324 -3.883  0.371   1.00 52.29  ? 117  LEU A CD1 1 
ATOM   676  C  CD2 . LEU A 1 117 ? -12.929 -2.918  -1.853  1.00 48.16  ? 117  LEU A CD2 1 
ATOM   677  N  N   . ILE A 1 118 ? -14.400 1.634   -0.875  1.00 49.44  ? 118  ILE A N   1 
ATOM   678  C  CA  . ILE A 1 118 ? -15.060 2.835   -0.377  1.00 48.93  ? 118  ILE A CA  1 
ATOM   679  C  C   . ILE A 1 118 ? -16.585 2.704   -0.274  1.00 49.80  ? 118  ILE A C   1 
ATOM   680  O  O   . ILE A 1 118 ? -17.238 2.528   -1.301  1.00 45.26  ? 118  ILE A O   1 
ATOM   681  C  CB  . ILE A 1 118 ? -14.693 4.027   -1.248  1.00 51.71  ? 118  ILE A CB  1 
ATOM   682  C  CG1 . ILE A 1 118 ? -13.175 4.120   -1.317  1.00 46.56  ? 118  ILE A CG1 1 
ATOM   683  C  CG2 . ILE A 1 118 ? -15.267 5.307   -0.639  1.00 45.48  ? 118  ILE A CG2 1 
ATOM   684  C  CD1 . ILE A 1 118 ? -12.632 4.530   -2.631  1.00 48.00  ? 118  ILE A CD1 1 
ATOM   685  N  N   . LYS A 1 119 ? -17.149 2.788   0.945   1.00 47.28  ? 119  LYS A N   1 
ATOM   686  C  CA  . LYS A 1 119 ? -18.624 2.796   1.126   1.00 47.70  ? 119  LYS A CA  1 
ATOM   687  C  C   . LYS A 1 119 ? -19.160 4.234   1.056   1.00 47.60  ? 119  LYS A C   1 
ATOM   688  O  O   . LYS A 1 119 ? -18.767 5.069   1.870   1.00 45.04  ? 119  LYS A O   1 
ATOM   689  C  CB  . LYS A 1 119 ? -18.977 2.203   2.475   1.00 43.95  ? 119  LYS A CB  1 
ATOM   690  C  CG  . LYS A 1 119 ? -20.394 1.724   2.675   1.00 45.73  ? 119  LYS A CG  1 
ATOM   691  C  CD  . LYS A 1 119 ? -20.578 1.260   4.161   1.00 51.38  ? 119  LYS A CD  1 
ATOM   692  C  CE  . LYS A 1 119 ? -21.401 -0.011  4.327   1.00 59.06  ? 119  LYS A CE  1 
ATOM   693  N  NZ  . LYS A 1 119 ? -20.851 -0.865  5.429   1.00 65.20  ? 119  LYS A NZ  1 
ATOM   694  N  N   . VAL A 1 120 ? -20.000 4.544   0.058   1.00 46.69  ? 120  VAL A N   1 
ATOM   695  C  CA  . VAL A 1 120 ? -20.566 5.888   -0.100  1.00 48.43  ? 120  VAL A CA  1 
ATOM   696  C  C   . VAL A 1 120 ? -22.069 5.827   -0.045  1.00 47.26  ? 120  VAL A C   1 
ATOM   697  O  O   . VAL A 1 120 ? -22.646 4.975   -0.649  1.00 46.68  ? 120  VAL A O   1 
ATOM   698  C  CB  . VAL A 1 120 ? -20.176 6.599   -1.419  1.00 50.12  ? 120  VAL A CB  1 
ATOM   699  C  CG1 . VAL A 1 120 ? -18.751 6.866   -1.462  1.00 63.89  ? 120  VAL A CG1 1 
ATOM   700  C  CG2 . VAL A 1 120 ? -20.461 5.742   -2.588  1.00 55.48  ? 120  VAL A CG2 1 
ATOM   701  N  N   . ARG A 1 121 ? -22.696 6.723   0.707   1.00 48.93  ? 121  ARG A N   1 
ATOM   702  C  CA  . ARG A 1 121 ? -24.170 6.872   0.745   1.00 50.86  ? 121  ARG A CA  1 
ATOM   703  C  C   . ARG A 1 121 ? -24.617 7.812   -0.405  1.00 51.67  ? 121  ARG A C   1 
ATOM   704  O  O   . ARG A 1 121 ? -23.939 8.801   -0.673  1.00 50.17  ? 121  ARG A O   1 
ATOM   705  C  CB  . ARG A 1 121 ? -24.550 7.516   2.076   1.00 50.35  ? 121  ARG A CB  1 
ATOM   706  C  CG  . ARG A 1 121 ? -26.060 7.515   2.386   1.00 53.13  ? 121  ARG A CG  1 
ATOM   707  C  CD  . ARG A 1 121 ? -26.342 8.161   3.744   1.00 50.42  ? 121  ARG A CD  1 
ATOM   708  N  N   . PHE A 1 122 ? -25.726 7.504   -1.091  1.00 53.32  ? 122  PHE A N   1 
ATOM   709  C  CA  . PHE A 1 122 ? -26.261 8.384   -2.147  1.00 57.13  ? 122  PHE A CA  1 
ATOM   710  C  C   . PHE A 1 122 ? -27.014 9.572   -1.515  1.00 60.51  ? 122  PHE A C   1 
ATOM   711  O  O   . PHE A 1 122 ? -27.640 9.453   -0.457  1.00 57.66  ? 122  PHE A O   1 
ATOM   712  C  CB  . PHE A 1 122 ? -27.228 7.640   -3.098  1.00 55.24  ? 122  PHE A CB  1 
ATOM   713  C  CG  . PHE A 1 122 ? -26.629 6.424   -3.793  1.00 52.03  ? 122  PHE A CG  1 
ATOM   714  C  CD1 . PHE A 1 122 ? -25.366 6.479   -4.394  1.00 53.19  ? 122  PHE A CD1 1 
ATOM   715  C  CD2 . PHE A 1 122 ? -27.354 5.230   -3.860  1.00 51.74  ? 122  PHE A CD2 1 
ATOM   716  C  CE1 . PHE A 1 122 ? -24.811 5.340   -5.057  1.00 43.83  ? 122  PHE A CE1 1 
ATOM   717  C  CE2 . PHE A 1 122 ? -26.823 4.082   -4.509  1.00 41.93  ? 122  PHE A CE2 1 
ATOM   718  C  CZ  . PHE A 1 122 ? -25.548 4.142   -5.103  1.00 45.55  ? 122  PHE A CZ  1 
ATOM   719  N  N   . ASP A 1 123 ? -26.980 10.721  -2.170  1.00 64.06  ? 123  ASP A N   1 
ATOM   720  C  CA  . ASP A 1 123 ? -27.874 11.794  -1.767  1.00 66.30  ? 123  ASP A CA  1 
ATOM   721  C  C   . ASP A 1 123 ? -28.311 12.549  -3.031  1.00 65.80  ? 123  ASP A C   1 
ATOM   722  O  O   . ASP A 1 123 ? -27.809 13.648  -3.363  1.00 64.30  ? 123  ASP A O   1 
ATOM   723  C  CB  . ASP A 1 123 ? -27.200 12.676  -0.708  1.00 66.22  ? 123  ASP A CB  1 
ATOM   724  C  CG  . ASP A 1 123 ? -28.045 13.898  -0.324  1.00 79.75  ? 123  ASP A CG  1 
ATOM   725  O  OD1 . ASP A 1 123 ? -29.307 13.818  -0.334  1.00 89.12  ? 123  ASP A OD1 1 
ATOM   726  O  OD2 . ASP A 1 123 ? -27.433 14.948  -0.008  1.00 81.99  ? 123  ASP A OD2 1 
ATOM   727  N  N   . GLU A 1 124 ? -29.229 11.940  -3.771  1.00 66.33  ? 124  GLU A N   1 
ATOM   728  C  CA  . GLU A 1 124 ? -29.656 12.544  -5.040  1.00 70.83  ? 124  GLU A CA  1 
ATOM   729  C  C   . GLU A 1 124 ? -28.488 12.634  -6.024  1.00 69.55  ? 124  GLU A C   1 
ATOM   730  O  O   . GLU A 1 124 ? -28.467 13.512  -6.876  1.00 69.70  ? 124  GLU A O   1 
ATOM   731  C  CB  . GLU A 1 124 ? -30.189 13.994  -4.842  1.00 73.76  ? 124  GLU A CB  1 
ATOM   732  C  CG  . GLU A 1 124 ? -31.142 14.272  -3.666  1.00 77.75  ? 124  GLU A CG  1 
ATOM   733  C  CD  . GLU A 1 124 ? -32.555 13.817  -3.937  1.00 90.20  ? 124  GLU A CD  1 
ATOM   734  O  OE1 . GLU A 1 124 ? -32.777 12.583  -3.984  1.00 90.01  ? 124  GLU A OE1 1 
ATOM   735  O  OE2 . GLU A 1 124 ? -33.439 14.697  -4.098  1.00 90.41  ? 124  GLU A OE2 1 
ATOM   736  N  N   . ASP A 1 125 ? -27.489 11.772  -5.898  1.00 67.78  ? 125  ASP A N   1 
ATOM   737  C  CA  . ASP A 1 125 ? -26.315 11.935  -6.758  1.00 64.41  ? 125  ASP A CA  1 
ATOM   738  C  C   . ASP A 1 125 ? -25.722 10.637  -7.224  1.00 57.80  ? 125  ASP A C   1 
ATOM   739  O  O   . ASP A 1 125 ? -24.554 10.562  -7.537  1.00 57.14  ? 125  ASP A O   1 
ATOM   740  C  CB  . ASP A 1 125 ? -25.258 12.845  -6.120  1.00 62.63  ? 125  ASP A CB  1 
ATOM   741  C  CG  . ASP A 1 125 ? -24.773 12.340  -4.753  1.00 74.76  ? 125  ASP A CG  1 
ATOM   742  O  OD1 . ASP A 1 125 ? -25.311 11.316  -4.206  1.00 65.72  ? 125  ASP A OD1 1 
ATOM   743  O  OD2 . ASP A 1 125 ? -23.838 13.002  -4.216  1.00 76.61  ? 125  ASP A OD2 1 
ATOM   744  N  N   . LYS A 1 126 ? -26.551 9.613   -7.256  1.00 54.37  ? 126  LYS A N   1 
ATOM   745  C  CA  . LYS A 1 126 ? -26.185 8.330   -7.859  1.00 53.63  ? 126  LYS A CA  1 
ATOM   746  C  C   . LYS A 1 126 ? -25.355 8.554   -9.132  1.00 47.73  ? 126  LYS A C   1 
ATOM   747  O  O   . LYS A 1 126 ? -24.373 7.896   -9.373  1.00 48.17  ? 126  LYS A O   1 
ATOM   748  C  CB  . LYS A 1 126 ? -27.464 7.564   -8.275  1.00 52.42  ? 126  LYS A CB  1 
ATOM   749  C  CG  . LYS A 1 126 ? -28.201 7.002   -7.149  1.00 55.24  ? 126  LYS A CG  1 
ATOM   750  C  CD  . LYS A 1 126 ? -29.287 6.099   -7.586  1.00 48.33  ? 126  LYS A CD  1 
ATOM   751  C  CE  . LYS A 1 126 ? -30.262 6.019   -6.440  1.00 56.25  ? 126  LYS A CE  1 
ATOM   752  N  NZ  . LYS A 1 126 ? -31.532 5.409   -6.899  1.00 71.61  ? 126  LYS A NZ  1 
ATOM   753  N  N   . GLN A 1 127 ? -25.783 9.511   -9.932  1.00 40.10  ? 127  GLN A N   1 
ATOM   754  C  CA  . GLN A 1 127 ? -25.300 9.598   -11.288 1.00 45.08  ? 127  GLN A CA  1 
ATOM   755  C  C   . GLN A 1 127 ? -23.932 10.236  -11.304 1.00 45.01  ? 127  GLN A C   1 
ATOM   756  O  O   . GLN A 1 127 ? -23.065 9.815   -12.047 1.00 51.47  ? 127  GLN A O   1 
ATOM   757  C  CB  . GLN A 1 127 ? -26.271 10.382  -12.155 1.00 42.55  ? 127  GLN A CB  1 
ATOM   758  C  CG  . GLN A 1 127 ? -27.596 9.699   -12.364 1.00 61.17  ? 127  GLN A CG  1 
ATOM   759  C  CD  . GLN A 1 127 ? -28.538 10.511  -13.244 1.00 75.19  ? 127  GLN A CD  1 
ATOM   760  O  OE1 . GLN A 1 127 ? -29.136 11.492  -12.797 1.00 65.92  ? 127  GLN A OE1 1 
ATOM   761  N  NE2 . GLN A 1 127 ? -28.678 10.098  -14.502 1.00 69.86  ? 127  GLN A NE2 1 
ATOM   762  N  N   . GLU A 1 128 ? -23.731 11.244  -10.469 1.00 49.69  ? 128  GLU A N   1 
ATOM   763  C  CA  . GLU A 1 128 ? -22.393 11.850  -10.360 1.00 51.57  ? 128  GLU A CA  1 
ATOM   764  C  C   . GLU A 1 128 ? -21.403 10.819  -9.843  1.00 51.19  ? 128  GLU A C   1 
ATOM   765  O  O   . GLU A 1 128 ? -20.319 10.697  -10.378 1.00 51.65  ? 128  GLU A O   1 
ATOM   766  C  CB  . GLU A 1 128 ? -22.380 13.097  -9.469  1.00 51.89  ? 128  GLU A CB  1 
ATOM   767  C  CG  . GLU A 1 128 ? -22.970 14.341  -10.127 1.00 62.93  ? 128  GLU A CG  1 
ATOM   768  C  CD  . GLU A 1 128 ? -24.460 14.192  -10.439 1.00 85.46  ? 128  GLU A CD  1 
ATOM   769  O  OE1 . GLU A 1 128 ? -25.221 13.646  -9.592  1.00 81.30  ? 128  GLU A OE1 1 
ATOM   770  O  OE2 . GLU A 1 128 ? -24.867 14.619  -11.549 1.00 97.15  ? 128  GLU A OE2 1 
ATOM   771  N  N   . ILE A 1 129 ? -21.784 10.081  -8.807  1.00 48.76  ? 129  ILE A N   1 
ATOM   772  C  CA  . ILE A 1 129 ? -20.952 9.030   -8.256  1.00 47.00  ? 129  ILE A CA  1 
ATOM   773  C  C   . ILE A 1 129 ? -20.629 7.930   -9.289  1.00 48.35  ? 129  ILE A C   1 
ATOM   774  O  O   . ILE A 1 129 ? -19.455 7.565   -9.440  1.00 45.07  ? 129  ILE A O   1 
ATOM   775  C  CB  . ILE A 1 129 ? -21.552 8.461   -6.964  1.00 50.01  ? 129  ILE A CB  1 
ATOM   776  C  CG1 . ILE A 1 129 ? -21.566 9.554   -5.876  1.00 47.53  ? 129  ILE A CG1 1 
ATOM   777  C  CG2 . ILE A 1 129 ? -20.748 7.289   -6.468  1.00 46.97  ? 129  ILE A CG2 1 
ATOM   778  C  CD1 . ILE A 1 129 ? -22.425 9.197   -4.609  1.00 47.39  ? 129  ILE A CD1 1 
ATOM   779  N  N   . PHE A 1 130 ? -21.621 7.444   -10.031 1.00 46.11  ? 130  PHE A N   1 
ATOM   780  C  CA  . PHE A 1 130 ? -21.335 6.375   -10.986 1.00 48.24  ? 130  PHE A CA  1 
ATOM   781  C  C   . PHE A 1 130 ? -20.441 6.846   -12.127 1.00 47.99  ? 130  PHE A C   1 
ATOM   782  O  O   . PHE A 1 130 ? -19.602 6.111   -12.628 1.00 47.20  ? 130  PHE A O   1 
ATOM   783  C  CB  . PHE A 1 130 ? -22.613 5.763   -11.563 1.00 46.59  ? 130  PHE A CB  1 
ATOM   784  C  CG  . PHE A 1 130 ? -23.438 5.025   -10.551 1.00 45.50  ? 130  PHE A CG  1 
ATOM   785  C  CD1 . PHE A 1 130 ? -22.834 4.275   -9.553  1.00 56.28  ? 130  PHE A CD1 1 
ATOM   786  C  CD2 . PHE A 1 130 ? -24.825 5.062   -10.609 1.00 52.01  ? 130  PHE A CD2 1 
ATOM   787  C  CE1 . PHE A 1 130 ? -23.595 3.597   -8.604  1.00 54.89  ? 130  PHE A CE1 1 
ATOM   788  C  CE2 . PHE A 1 130 ? -25.598 4.363   -9.665  1.00 48.22  ? 130  PHE A CE2 1 
ATOM   789  C  CZ  . PHE A 1 130 ? -24.971 3.640   -8.663  1.00 51.00  ? 130  PHE A CZ  1 
ATOM   790  N  N   . GLN A 1 131 ? -20.663 8.076   -12.549 1.00 48.00  ? 131  GLN A N   1 
ATOM   791  C  CA  . GLN A 1 131 ? -19.813 8.717   -13.518 1.00 50.29  ? 131  GLN A CA  1 
ATOM   792  C  C   . GLN A 1 131 ? -18.377 8.786   -13.097 1.00 48.57  ? 131  GLN A C   1 
ATOM   793  O  O   . GLN A 1 131 ? -17.483 8.514   -13.892 1.00 46.88  ? 131  GLN A O   1 
ATOM   794  C  CB  . GLN A 1 131 ? -20.286 10.112  -13.696 1.00 50.01  ? 131  GLN A CB  1 
ATOM   795  C  CG  . GLN A 1 131 ? -21.401 10.097  -14.598 1.00 60.27  ? 131  GLN A CG  1 
ATOM   796  C  CD  . GLN A 1 131 ? -21.725 11.464  -15.036 1.00 81.76  ? 131  GLN A CD  1 
ATOM   797  O  OE1 . GLN A 1 131 ? -21.613 12.437  -14.243 1.00 77.20  ? 131  GLN A OE1 1 
ATOM   798  N  NE2 . GLN A 1 131 ? -22.125 11.589  -16.317 1.00 84.03  ? 131  GLN A NE2 1 
ATOM   799  N  N   . LEU A 1 132 ? -18.186 9.143   -11.831 1.00 45.91  ? 132  LEU A N   1 
ATOM   800  C  CA  . LEU A 1 132 ? -16.870 9.281   -11.270 1.00 46.91  ? 132  LEU A CA  1 
ATOM   801  C  C   . LEU A 1 132 ? -16.132 7.909   -11.255 1.00 47.13  ? 132  LEU A C   1 
ATOM   802  O  O   . LEU A 1 132 ? -14.945 7.797   -11.648 1.00 43.43  ? 132  LEU A O   1 
ATOM   803  C  CB  . LEU A 1 132 ? -16.986 9.942   -9.892  1.00 42.28  ? 132  LEU A CB  1 
ATOM   804  C  CG  . LEU A 1 132 ? -15.611 10.245  -9.321  1.00 50.79  ? 132  LEU A CG  1 
ATOM   805  C  CD1 . LEU A 1 132 ? -14.993 11.401  -10.045 1.00 51.52  ? 132  LEU A CD1 1 
ATOM   806  C  CD2 . LEU A 1 132 ? -15.649 10.481  -7.770  1.00 43.40  ? 132  LEU A CD2 1 
ATOM   807  N  N   . VAL A 1 133 ? -16.858 6.875   -10.821 1.00 47.06  ? 133  VAL A N   1 
ATOM   808  C  CA  . VAL A 1 133 ? -16.349 5.516   -10.799 1.00 46.29  ? 133  VAL A CA  1 
ATOM   809  C  C   . VAL A 1 133 ? -15.924 5.112   -12.216 1.00 49.06  ? 133  VAL A C   1 
ATOM   810  O  O   . VAL A 1 133 ? -14.836 4.581   -12.381 1.00 48.14  ? 133  VAL A O   1 
ATOM   811  C  CB  . VAL A 1 133 ? -17.410 4.566   -10.257 1.00 48.28  ? 133  VAL A CB  1 
ATOM   812  C  CG1 . VAL A 1 133 ? -17.058 3.093   -10.534 1.00 44.14  ? 133  VAL A CG1 1 
ATOM   813  C  CG2 . VAL A 1 133 ? -17.625 4.845   -8.779  1.00 45.08  ? 133  VAL A CG2 1 
ATOM   814  N  N   . GLU A 1 134 ? -16.755 5.387   -13.232 1.00 48.05  ? 134  GLU A N   1 
ATOM   815  C  CA  . GLU A 1 134 ? -16.396 5.084   -14.627 1.00 50.77  ? 134  GLU A CA  1 
ATOM   816  C  C   . GLU A 1 134 ? -15.132 5.807   -15.076 1.00 50.19  ? 134  GLU A C   1 
ATOM   817  O  O   . GLU A 1 134 ? -14.250 5.180   -15.631 1.00 45.79  ? 134  GLU A O   1 
ATOM   818  C  CB  . GLU A 1 134 ? -17.517 5.446   -15.590 1.00 52.57  ? 134  GLU A CB  1 
ATOM   819  C  CG  . GLU A 1 134 ? -18.774 4.648   -15.384 1.00 54.53  ? 134  GLU A CG  1 
ATOM   820  C  CD  . GLU A 1 134 ? -19.797 4.832   -16.499 1.00 71.81  ? 134  GLU A CD  1 
ATOM   821  O  OE1 . GLU A 1 134 ? -19.366 5.169   -17.653 1.00 68.09  ? 134  GLU A OE1 1 
ATOM   822  O  OE2 . GLU A 1 134 ? -21.031 4.641   -16.195 1.00 71.93  ? 134  GLU A OE2 1 
ATOM   823  N  N   . ILE A 1 135 ? -15.059 7.126   -14.849 1.00 49.04  ? 135  ILE A N   1 
ATOM   824  C  CA  . ILE A 1 135 ? -13.859 7.914   -15.184 1.00 46.53  ? 135  ILE A CA  1 
ATOM   825  C  C   . ILE A 1 135 ? -12.614 7.351   -14.487 1.00 45.20  ? 135  ILE A C   1 
ATOM   826  O  O   . ILE A 1 135 ? -11.545 7.289   -15.073 1.00 43.27  ? 135  ILE A O   1 
ATOM   827  C  CB  . ILE A 1 135 ? -14.027 9.433   -14.821 1.00 48.62  ? 135  ILE A CB  1 
ATOM   828  C  CG1 . ILE A 1 135 ? -15.028 10.094  -15.774 1.00 42.20  ? 135  ILE A CG1 1 
ATOM   829  C  CG2 . ILE A 1 135 ? -12.687 10.176  -14.878 1.00 39.26  ? 135  ILE A CG2 1 
ATOM   830  C  CD1 . ILE A 1 135 ? -15.756 11.303  -15.183 1.00 44.10  ? 135  ILE A CD1 1 
ATOM   831  N  N   . PHE A 1 136 ? -12.720 6.933   -13.236 1.00 41.96  ? 136  PHE A N   1 
ATOM   832  C  CA  . PHE A 1 136 ? -11.526 6.371   -12.612 1.00 40.99  ? 136  PHE A CA  1 
ATOM   833  C  C   . PHE A 1 136 ? -11.331 4.872   -12.839 1.00 44.49  ? 136  PHE A C   1 
ATOM   834  O  O   . PHE A 1 136 ? -10.427 4.318   -12.266 1.00 42.69  ? 136  PHE A O   1 
ATOM   835  C  CB  . PHE A 1 136 ? -11.504 6.663   -11.128 1.00 39.73  ? 136  PHE A CB  1 
ATOM   836  C  CG  . PHE A 1 136 ? -11.053 8.054   -10.811 1.00 42.63  ? 136  PHE A CG  1 
ATOM   837  C  CD1 . PHE A 1 136 ? -11.856 9.154   -11.150 1.00 44.77  ? 136  PHE A CD1 1 
ATOM   838  C  CD2 . PHE A 1 136 ? -9.820  8.296   -10.204 1.00 45.46  ? 136  PHE A CD2 1 
ATOM   839  C  CE1 . PHE A 1 136 ? -11.472 10.497  -10.882 1.00 44.42  ? 136  PHE A CE1 1 
ATOM   840  C  CE2 . PHE A 1 136 ? -9.411  9.645   -9.956  1.00 47.82  ? 136  PHE A CE2 1 
ATOM   841  C  CZ  . PHE A 1 136 ? -10.267 10.751  -10.306 1.00 37.41  ? 136  PHE A CZ  1 
ATOM   842  N  N   . ARG A 1 137 ? -12.166 4.236   -13.665 1.00 46.62  ? 137  ARG A N   1 
ATOM   843  C  CA  . ARG A 1 137 ? -12.086 2.784   -13.909 1.00 51.61  ? 137  ARG A CA  1 
ATOM   844  C  C   . ARG A 1 137 ? -12.166 1.964   -12.597 1.00 52.25  ? 137  ARG A C   1 
ATOM   845  O  O   . ARG A 1 137 ? -11.562 0.894   -12.469 1.00 50.36  ? 137  ARG A O   1 
ATOM   846  C  CB  . ARG A 1 137 ? -10.822 2.438   -14.706 1.00 50.11  ? 137  ARG A CB  1 
ATOM   847  C  CG  . ARG A 1 137 ? -10.753 3.167   -16.075 1.00 59.60  ? 137  ARG A CG  1 
ATOM   848  C  CD  . ARG A 1 137 ? -9.644  2.593   -16.923 1.00 71.25  ? 137  ARG A CD  1 
ATOM   849  N  NE  . ARG A 1 137 ? -9.671  3.209   -18.229 1.00 94.19  ? 137  ARG A NE  1 
ATOM   850  C  CZ  . ARG A 1 137 ? -9.048  4.347   -18.523 1.00 109.65 ? 137  ARG A CZ  1 
ATOM   851  N  NH1 . ARG A 1 137 ? -8.310  4.973   -17.601 1.00 110.67 ? 137  ARG A NH1 1 
ATOM   852  N  NH2 . ARG A 1 137 ? -9.153  4.857   -19.748 1.00 114.73 ? 137  ARG A NH2 1 
ATOM   853  N  N   . GLY A 1 138 ? -12.907 2.488   -11.627 1.00 50.92  ? 138  GLY A N   1 
ATOM   854  C  CA  . GLY A 1 138 ? -13.253 1.727   -10.426 1.00 48.00  ? 138  GLY A CA  1 
ATOM   855  C  C   . GLY A 1 138 ? -14.368 0.721   -10.692 1.00 47.78  ? 138  GLY A C   1 
ATOM   856  O  O   . GLY A 1 138 ? -14.876 0.639   -11.814 1.00 48.65  ? 138  GLY A O   1 
ATOM   857  N  N   . LYS A 1 139 ? -14.849 0.011   -9.744  1.00 33.37  ? 139  LYS A N   1 
ATOM   858  C  CA  . LYS A 1 139 ? -15.828 -1.041  -9.854  1.00 36.71  ? 139  LYS A CA  1 
ATOM   859  C  C   . LYS A 1 139 ? -16.829 -0.921  -8.721  1.00 35.52  ? 139  LYS A C   1 
ATOM   860  O  O   . LYS A 1 139 ? -16.461 -0.704  -7.584  1.00 43.97  ? 139  LYS A O   1 
ATOM   861  C  CB  . LYS A 1 139 ? -15.140 -2.394  -9.794  1.00 37.14  ? 139  LYS A CB  1 
ATOM   862  C  CG  . LYS A 1 139 ? -15.342 -3.246  -11.002 1.00 48.46  ? 139  LYS A CG  1 
ATOM   863  C  CD  . LYS A 1 139 ? -14.680 -2.653  -12.214 1.00 43.93  ? 139  LYS A CD  1 
ATOM   864  C  CE  . LYS A 1 139 ? -15.420 -3.008  -13.494 1.00 49.43  ? 139  LYS A CE  1 
ATOM   865  N  NZ  . LYS A 1 139 ? -14.524 -2.959  -14.680 1.00 51.65  ? 139  LYS A NZ  1 
ATOM   866  N  N   . ILE A 1 140 ? -18.128 -1.071  -9.035  1.00 43.58  ? 140  ILE A N   1 
ATOM   867  C  CA  . ILE A 1 140 ? -19.150 -1.119  -8.001  1.00 44.90  ? 140  ILE A CA  1 
ATOM   868  C  C   . ILE A 1 140 ? -19.307 -2.588  -7.588  1.00 46.29  ? 140  ILE A C   1 
ATOM   869  O  O   . ILE A 1 140 ? -19.670 -3.446  -8.416  1.00 41.29  ? 140  ILE A O   1 
ATOM   870  C  CB  . ILE A 1 140 ? -20.483 -0.576  -8.574  1.00 49.37  ? 140  ILE A CB  1 
ATOM   871  C  CG1 . ILE A 1 140 ? -20.372 0.930   -8.942  1.00 50.20  ? 140  ILE A CG1 1 
ATOM   872  C  CG2 . ILE A 1 140 ? -21.607 -0.836  -7.655  1.00 41.36  ? 140  ILE A CG2 1 
ATOM   873  N  N   . ILE A 1 141 ? -19.076 -2.884  -6.311  1.00 43.74  ? 141  ILE A N   1 
ATOM   874  C  CA  . ILE A 1 141 ? -19.139 -4.259  -5.861  1.00 43.34  ? 141  ILE A CA  1 
ATOM   875  C  C   . ILE A 1 141 ? -20.277 -4.536  -4.868  1.00 45.62  ? 141  ILE A C   1 
ATOM   876  O  O   . ILE A 1 141 ? -20.525 -5.686  -4.500  1.00 46.63  ? 141  ILE A O   1 
ATOM   877  C  CB  . ILE A 1 141 ? -17.778 -4.721  -5.281  1.00 47.82  ? 141  ILE A CB  1 
ATOM   878  C  CG1 . ILE A 1 141 ? -17.352 -3.848  -4.112  1.00 45.06  ? 141  ILE A CG1 1 
ATOM   879  C  CG2 . ILE A 1 141 ? -16.646 -4.627  -6.324  1.00 40.95  ? 141  ILE A CG2 1 
ATOM   880  C  CD1 . ILE A 1 141 ? -16.191 -4.396  -3.377  1.00 49.25  ? 141  ILE A CD1 1 
ATOM   881  N  N   . ASP A 1 142 ? -20.971 -3.495  -4.440  1.00 43.38  ? 142  ASP A N   1 
ATOM   882  C  CA  . ASP A 1 142 ? -22.176 -3.643  -3.637  1.00 43.20  ? 142  ASP A CA  1 
ATOM   883  C  C   . ASP A 1 142 ? -23.012 -2.416  -3.905  1.00 42.27  ? 142  ASP A C   1 
ATOM   884  O  O   . ASP A 1 142 ? -22.456 -1.321  -3.921  1.00 45.49  ? 142  ASP A O   1 
ATOM   885  C  CB  . ASP A 1 142 ? -21.822 -3.705  -2.135  1.00 44.45  ? 142  ASP A CB  1 
ATOM   886  C  CG  . ASP A 1 142 ? -23.049 -3.815  -1.237  1.00 45.46  ? 142  ASP A CG  1 
ATOM   887  O  OD1 . ASP A 1 142 ? -23.776 -4.820  -1.375  1.00 53.06  ? 142  ASP A OD1 1 
ATOM   888  O  OD2 . ASP A 1 142 ? -23.285 -2.920  -0.377  1.00 52.53  ? 142  ASP A OD2 1 
ATOM   889  N  N   . VAL A 1 143 ? -24.314 -2.594  -4.144  1.00 42.54  ? 143  VAL A N   1 
ATOM   890  C  CA  . VAL A 1 143 ? -25.299 -1.494  -4.238  1.00 42.83  ? 143  VAL A CA  1 
ATOM   891  C  C   . VAL A 1 143 ? -26.552 -1.779  -3.408  1.00 41.42  ? 143  VAL A C   1 
ATOM   892  O  O   . VAL A 1 143 ? -27.038 -2.891  -3.356  1.00 43.21  ? 143  VAL A O   1 
ATOM   893  C  CB  . VAL A 1 143 ? -25.880 -1.283  -5.699  1.00 45.47  ? 143  VAL A CB  1 
ATOM   894  C  CG1 . VAL A 1 143 ? -25.868 0.164   -6.123  1.00 39.65  ? 143  VAL A CG1 1 
ATOM   895  C  CG2 . VAL A 1 143 ? -25.204 -2.098  -6.675  1.00 37.97  ? 143  VAL A CG2 1 
ATOM   896  N  N   . SER A 1 144 ? -27.108 -0.751  -2.811  1.00 39.80  ? 144  SER A N   1 
ATOM   897  C  CA  . SER A 1 144 ? -28.474 -0.807  -2.341  1.00 43.15  ? 144  SER A CA  1 
ATOM   898  C  C   . SER A 1 144 ? -29.167 0.486   -2.789  1.00 43.90  ? 144  SER A C   1 
ATOM   899  O  O   . SER A 1 144 ? -28.582 1.313   -3.504  1.00 42.98  ? 144  SER A O   1 
ATOM   900  C  CB  . SER A 1 144 ? -28.470 -0.875  -0.821  1.00 43.68  ? 144  SER A CB  1 
ATOM   901  O  OG  . SER A 1 144 ? -28.038 0.368   -0.255  1.00 51.77  ? 144  SER A OG  1 
ATOM   902  N  N   . ARG A 1 145 ? -30.396 0.693   -2.356  1.00 42.82  ? 145  ARG A N   1 
ATOM   903  C  CA  . ARG A 1 145 ? -30.996 2.024   -2.500  1.00 45.50  ? 145  ARG A CA  1 
ATOM   904  C  C   . ARG A 1 145 ? -30.225 3.159   -1.760  1.00 48.10  ? 145  ARG A C   1 
ATOM   905  O  O   . ARG A 1 145 ? -30.227 4.294   -2.230  1.00 48.08  ? 145  ARG A O   1 
ATOM   906  C  CB  . ARG A 1 145 ? -32.461 1.977   -2.119  1.00 44.58  ? 145  ARG A CB  1 
ATOM   907  C  CG  . ARG A 1 145 ? -33.253 1.125   -3.076  1.00 41.38  ? 145  ARG A CG  1 
ATOM   908  C  CD  . ARG A 1 145 ? -34.625 0.892   -2.515  1.00 55.62  ? 145  ARG A CD  1 
ATOM   909  N  NE  . ARG A 1 145 ? -35.532 0.124   -3.379  1.00 51.93  ? 145  ARG A NE  1 
ATOM   910  C  CZ  . ARG A 1 145 ? -35.490 -1.197  -3.486  1.00 40.84  ? 145  ARG A CZ  1 
ATOM   911  N  NH1 . ARG A 1 145 ? -34.555 -1.842  -2.815  1.00 42.87  ? 145  ARG A NH1 1 
ATOM   912  N  NH2 . ARG A 1 145 ? -36.353 -1.866  -4.254  1.00 43.21  ? 145  ARG A NH2 1 
ATOM   913  N  N   . GLU A 1 146 ? -29.529 2.831   -0.657  1.00 49.05  ? 146  GLU A N   1 
ATOM   914  C  CA  . GLU A 1 146 ? -28.801 3.808   0.170   1.00 49.55  ? 146  GLU A CA  1 
ATOM   915  C  C   . GLU A 1 146 ? -27.393 4.163   -0.310  1.00 48.96  ? 146  GLU A C   1 
ATOM   916  O  O   . GLU A 1 146 ? -26.974 5.317   -0.208  1.00 51.96  ? 146  GLU A O   1 
ATOM   917  C  CB  . GLU A 1 146 ? -28.716 3.318   1.623   1.00 55.62  ? 146  GLU A CB  1 
ATOM   918  C  CG  . GLU A 1 146 ? -30.074 3.157   2.378   1.00 55.03  ? 146  GLU A CG  1 
ATOM   919  N  N   . GLY A 1 147 ? -26.642 3.201   -0.822  1.00 46.24  ? 147  GLY A N   1 
ATOM   920  C  CA  . GLY A 1 147 ? -25.354 3.528   -1.407  1.00 44.64  ? 147  GLY A CA  1 
ATOM   921  C  C   . GLY A 1 147 ? -24.625 2.377   -2.068  1.00 45.17  ? 147  GLY A C   1 
ATOM   922  O  O   . GLY A 1 147 ? -25.210 1.368   -2.366  1.00 46.57  ? 147  GLY A O   1 
ATOM   923  N  N   . ALA A 1 148 ? -23.328 2.553   -2.295  1.00 44.56  ? 148  ALA A N   1 
ATOM   924  C  CA  . ALA A 1 148 ? -22.525 1.561   -2.980  1.00 44.13  ? 148  ALA A CA  1 
ATOM   925  C  C   . ALA A 1 148 ? -21.279 1.278   -2.192  1.00 44.62  ? 148  ALA A C   1 
ATOM   926  O  O   . ALA A 1 148 ? -20.943 2.004   -1.263  1.00 48.22  ? 148  ALA A O   1 
ATOM   927  C  CB  . ALA A 1 148 ? -22.145 2.045   -4.368  1.00 39.47  ? 148  ALA A CB  1 
ATOM   928  N  N   . ILE A 1 149 ? -20.609 0.200   -2.551  1.00 41.76  ? 149  ILE A N   1 
ATOM   929  C  CA  . ILE A 1 149 ? -19.224 0.025   -2.197  1.00 41.68  ? 149  ILE A CA  1 
ATOM   930  C  C   . ILE A 1 149 ? -18.450 -0.007  -3.520  1.00 43.82  ? 149  ILE A C   1 
ATOM   931  O  O   . ILE A 1 149 ? -18.799 -0.711  -4.473  1.00 40.80  ? 149  ILE A O   1 
ATOM   932  C  CB  . ILE A 1 149 ? -18.966 -1.222  -1.281  1.00 42.56  ? 149  ILE A CB  1 
ATOM   933  C  CG1 . ILE A 1 149 ? -19.660 -1.031  0.097   1.00 34.06  ? 149  ILE A CG1 1 
ATOM   934  C  CG2 . ILE A 1 149 ? -17.466 -1.500  -1.178  1.00 37.27  ? 149  ILE A CG2 1 
ATOM   935  C  CD1 . ILE A 1 149 ? -19.825 -2.348  0.959   1.00 37.95  ? 149  ILE A CD1 1 
ATOM   936  N  N   . ILE A 1 150 ? -17.411 0.810   -3.559  1.00 45.55  ? 150  ILE A N   1 
ATOM   937  C  CA  . ILE A 1 150 ? -16.608 0.955   -4.714  1.00 48.30  ? 150  ILE A CA  1 
ATOM   938  C  C   . ILE A 1 150 ? -15.241 0.358   -4.397  1.00 51.92  ? 150  ILE A C   1 
ATOM   939  O  O   . ILE A 1 150 ? -14.692 0.540   -3.287  1.00 49.47  ? 150  ILE A O   1 
ATOM   940  C  CB  . ILE A 1 150 ? -16.505 2.429   -5.062  1.00 50.63  ? 150  ILE A CB  1 
ATOM   941  C  CG1 . ILE A 1 150 ? -17.900 2.973   -5.431  1.00 50.20  ? 150  ILE A CG1 1 
ATOM   942  C  CG2 . ILE A 1 150 ? -15.498 2.644   -6.175  1.00 42.71  ? 150  ILE A CG2 1 
ATOM   943  C  CD1 . ILE A 1 150 ? -18.015 4.479   -5.195  1.00 56.13  ? 150  ILE A CD1 1 
ATOM   944  N  N   . GLU A 1 151 ? -14.751 -0.420  -5.359  1.00 49.16  ? 151  GLU A N   1 
ATOM   945  C  CA  . GLU A 1 151 ? -13.371 -0.850  -5.409  1.00 50.32  ? 151  GLU A CA  1 
ATOM   946  C  C   . GLU A 1 151 ? -12.527 0.019   -6.365  1.00 49.23  ? 151  GLU A C   1 
ATOM   947  O  O   . GLU A 1 151 ? -12.844 0.179   -7.539  1.00 49.96  ? 151  GLU A O   1 
ATOM   948  C  CB  . GLU A 1 151 ? -13.345 -2.295  -5.870  1.00 48.47  ? 151  GLU A CB  1 
ATOM   949  C  CG  . GLU A 1 151 ? -11.991 -2.942  -5.801  1.00 62.30  ? 151  GLU A CG  1 
ATOM   950  C  CD  . GLU A 1 151 ? -11.816 -3.958  -6.920  1.00 82.71  ? 151  GLU A CD  1 
ATOM   951  O  OE1 . GLU A 1 151 ? -12.453 -5.052  -6.849  1.00 80.70  ? 151  GLU A OE1 1 
ATOM   952  O  OE2 . GLU A 1 151 ? -11.051 -3.638  -7.876  1.00 88.61  ? 151  GLU A OE2 1 
ATOM   953  N  N   . ILE A 1 152 ? -11.422 0.541   -5.871  1.00 51.51  ? 152  ILE A N   1 
ATOM   954  C  CA  . ILE A 1 152 ? -10.530 1.363   -6.696  1.00 53.92  ? 152  ILE A CA  1 
ATOM   955  C  C   . ILE A 1 152 ? -9.037  0.964   -6.494  1.00 55.40  ? 152  ILE A C   1 
ATOM   956  O  O   . ILE A 1 152 ? -8.572  0.824   -5.340  1.00 55.09  ? 152  ILE A O   1 
ATOM   957  C  CB  . ILE A 1 152 ? -10.860 2.871   -6.498  1.00 53.84  ? 152  ILE A CB  1 
ATOM   958  C  CG1 . ILE A 1 152 ? -10.537 3.735   -7.706  1.00 64.54  ? 152  ILE A CG1 1 
ATOM   959  C  CG2 . ILE A 1 152 ? -10.363 3.449   -5.246  1.00 58.29  ? 152  ILE A CG2 1 
ATOM   960  C  CD1 . ILE A 1 152 ? -11.885 4.254   -8.317  1.00 68.45  ? 152  ILE A CD1 1 
ATOM   961  N  N   . THR A 1 153 ? -8.332  0.738   -7.614  1.00 53.38  ? 153  THR A N   1 
ATOM   962  C  CA  . THR A 1 153 ? -6.899  0.381   -7.634  1.00 57.21  ? 153  THR A CA  1 
ATOM   963  C  C   . THR A 1 153 ? -6.098  1.419   -8.429  1.00 53.96  ? 153  THR A C   1 
ATOM   964  O  O   . THR A 1 153 ? -6.608  1.910   -9.402  1.00 59.69  ? 153  THR A O   1 
ATOM   965  C  CB  . THR A 1 153 ? -6.688  -1.048  -8.256  1.00 59.17  ? 153  THR A CB  1 
ATOM   966  O  OG1 . THR A 1 153 ? -7.558  -2.004  -7.627  1.00 68.78  ? 153  THR A OG1 1 
ATOM   967  C  CG2 . THR A 1 153 ? -5.295  -1.524  -7.989  1.00 68.83  ? 153  THR A CG2 1 
ATOM   968  N  N   . GLY A 1 154 ? -4.884  1.828   -8.045  1.00 50.27  ? 154  GLY A N   1 
ATOM   969  C  CA  . GLY A 1 154 ? -4.081  2.687   -8.984  1.00 44.81  ? 154  GLY A CA  1 
ATOM   970  C  C   . GLY A 1 154 ? -2.954  3.234   -8.207  1.00 49.55  ? 154  GLY A C   1 
ATOM   971  O  O   . GLY A 1 154 ? -2.785  2.853   -7.073  1.00 52.46  ? 154  GLY A O   1 
ATOM   972  N  N   . ALA A 1 155 ? -2.188  4.152   -8.776  1.00 51.45  ? 155  ALA A N   1 
ATOM   973  C  CA  . ALA A 1 155 ? -1.226  4.926   -7.998  1.00 52.35  ? 155  ALA A CA  1 
ATOM   974  C  C   . ALA A 1 155 ? -1.895  5.602   -6.778  1.00 53.70  ? 155  ALA A C   1 
ATOM   975  O  O   . ALA A 1 155 ? -3.098  5.898   -6.774  1.00 58.16  ? 155  ALA A O   1 
ATOM   976  C  CB  . ALA A 1 155 ? -0.566  5.977   -8.900  1.00 50.72  ? 155  ALA A CB  1 
ATOM   977  N  N   . ARG A 1 156 ? -1.128  5.870   -5.745  1.00 51.74  ? 156  ARG A N   1 
ATOM   978  C  CA  . ARG A 1 156 ? -1.704  6.475   -4.548  1.00 54.45  ? 156  ARG A CA  1 
ATOM   979  C  C   . ARG A 1 156 ? -2.381  7.831   -4.834  1.00 57.39  ? 156  ARG A C   1 
ATOM   980  O  O   . ARG A 1 156 ? -3.458  8.134   -4.294  1.00 59.59  ? 156  ARG A O   1 
ATOM   981  C  CB  . ARG A 1 156 ? -0.688  6.601   -3.413  1.00 54.84  ? 156  ARG A CB  1 
ATOM   982  C  CG  . ARG A 1 156 ? -1.173  7.498   -2.279  1.00 55.26  ? 156  ARG A CG  1 
ATOM   983  C  CD  . ARG A 1 156 ? -0.305  7.376   -1.055  1.00 71.52  ? 156  ARG A CD  1 
ATOM   984  N  NE  . ARG A 1 156 ? -0.597  6.161   -0.292  1.00 69.78  ? 156  ARG A NE  1 
ATOM   985  C  CZ  . ARG A 1 156 ? -0.072  5.860   0.894   1.00 76.30  ? 156  ARG A CZ  1 
ATOM   986  N  NH1 . ARG A 1 156 ? 0.789   6.711   1.484   1.00 71.86  ? 156  ARG A NH1 1 
ATOM   987  N  NH2 . ARG A 1 156 ? -0.411  4.700   1.484   1.00 70.69  ? 156  ARG A NH2 1 
ATOM   988  N  N   . SER A 1 157 ? -1.793  8.635   -5.706  1.00 56.58  ? 157  SER A N   1 
ATOM   989  C  CA  . SER A 1 157 ? -2.444  9.876   -6.081  1.00 57.90  ? 157  SER A CA  1 
ATOM   990  C  C   . SER A 1 157 ? -3.711  9.692   -6.956  1.00 57.69  ? 157  SER A C   1 
ATOM   991  O  O   . SER A 1 157 ? -4.515  10.585  -7.056  1.00 62.86  ? 157  SER A O   1 
ATOM   992  C  CB  . SER A 1 157 ? -1.426  10.826  -6.733  1.00 59.54  ? 157  SER A CB  1 
ATOM   993  O  OG  . SER A 1 157 ? -0.980  10.265  -7.949  1.00 62.65  ? 157  SER A OG  1 
ATOM   994  N  N   . LYS A 1 158 ? -3.922  8.549   -7.586  1.00 58.14  ? 158  LYS A N   1 
ATOM   995  C  CA  . LYS A 1 158 ? -5.196  8.361   -8.291  1.00 54.29  ? 158  LYS A CA  1 
ATOM   996  C  C   . LYS A 1 158 ? -6.279  8.007   -7.247  1.00 52.65  ? 158  LYS A C   1 
ATOM   997  O  O   . LYS A 1 158 ? -7.399  8.547   -7.263  1.00 48.63  ? 158  LYS A O   1 
ATOM   998  C  CB  . LYS A 1 158 ? -5.065  7.299   -9.367  1.00 52.42  ? 158  LYS A CB  1 
ATOM   999  C  CG  . LYS A 1 158 ? -6.427  6.868   -9.996  1.00 55.62  ? 158  LYS A CG  1 
ATOM   1000 C  CD  . LYS A 1 158 ? -6.240  5.963   -11.210 1.00 56.05  ? 158  LYS A CD  1 
ATOM   1001 C  CE  . LYS A 1 158 ? -7.398  4.991   -11.401 1.00 70.34  ? 158  LYS A CE  1 
ATOM   1002 N  NZ  . LYS A 1 158 ? -7.375  4.282   -12.725 1.00 75.20  ? 158  LYS A NZ  1 
ATOM   1003 N  N   . VAL A 1 159 ? -5.908  7.127   -6.325  1.00 52.56  ? 159  VAL A N   1 
ATOM   1004 C  CA  . VAL A 1 159 ? -6.766  6.683   -5.254  1.00 52.42  ? 159  VAL A CA  1 
ATOM   1005 C  C   . VAL A 1 159 ? -7.185  7.874   -4.399  1.00 56.19  ? 159  VAL A C   1 
ATOM   1006 O  O   . VAL A 1 159 ? -8.361  8.014   -4.079  1.00 57.83  ? 159  VAL A O   1 
ATOM   1007 C  CB  . VAL A 1 159 ? -6.113  5.526   -4.435  1.00 51.43  ? 159  VAL A CB  1 
ATOM   1008 C  CG1 . VAL A 1 159 ? -7.033  5.086   -3.303  1.00 52.77  ? 159  VAL A CG1 1 
ATOM   1009 C  CG2 . VAL A 1 159 ? -5.897  4.304   -5.337  1.00 47.79  ? 159  VAL A CG2 1 
ATOM   1010 N  N   . GLU A 1 160 ? -6.250  8.755   -4.058  1.00 57.17  ? 160  GLU A N   1 
ATOM   1011 C  CA  . GLU A 1 160 ? -6.581  9.870   -3.204  1.00 56.71  ? 160  GLU A CA  1 
ATOM   1012 C  C   . GLU A 1 160 ? -7.394  10.932  -3.914  1.00 54.13  ? 160  GLU A C   1 
ATOM   1013 O  O   . GLU A 1 160 ? -8.378  11.458  -3.372  1.00 54.96  ? 160  GLU A O   1 
ATOM   1014 C  CB  . GLU A 1 160 ? -5.317  10.452  -2.579  1.00 59.81  ? 160  GLU A CB  1 
ATOM   1015 C  CG  . GLU A 1 160 ? -5.088  9.828   -1.215  1.00 75.92  ? 160  GLU A CG  1 
ATOM   1016 C  CD  . GLU A 1 160 ? -3.642  9.878   -0.758  1.00 93.41  ? 160  GLU A CD  1 
ATOM   1017 O  OE1 . GLU A 1 160 ? -2.855  10.668  -1.339  1.00 102.75 ? 160  GLU A OE1 1 
ATOM   1018 O  OE2 . GLU A 1 160 ? -3.294  9.120   0.188   1.00 93.68  ? 160  GLU A OE2 1 
ATOM   1019 N  N   . ALA A 1 161 ? -7.004  11.234  -5.143  1.00 51.46  ? 161  ALA A N   1 
ATOM   1020 C  CA  . ALA A 1 161 ? -7.783  12.151  -5.977  1.00 47.78  ? 161  ALA A CA  1 
ATOM   1021 C  C   . ALA A 1 161 ? -9.238  11.655  -6.050  1.00 46.77  ? 161  ALA A C   1 
ATOM   1022 O  O   . ALA A 1 161 ? -10.189 12.432  -5.950  1.00 49.00  ? 161  ALA A O   1 
ATOM   1023 C  CB  . ALA A 1 161 ? -7.165  12.274  -7.351  1.00 44.78  ? 161  ALA A CB  1 
ATOM   1024 N  N   . PHE A 1 162 ? -9.413  10.355  -6.192  1.00 46.84  ? 162  PHE A N   1 
ATOM   1025 C  CA  . PHE A 1 162 ? -10.759 9.790   -6.266  1.00 46.90  ? 162  PHE A CA  1 
ATOM   1026 C  C   . PHE A 1 162 ? -11.561 10.011  -4.952  1.00 50.48  ? 162  PHE A C   1 
ATOM   1027 O  O   . PHE A 1 162 ? -12.673 10.564  -4.962  1.00 51.26  ? 162  PHE A O   1 
ATOM   1028 C  CB  . PHE A 1 162 ? -10.710 8.288   -6.621  1.00 42.77  ? 162  PHE A CB  1 
ATOM   1029 C  CG  . PHE A 1 162 ? -12.067 7.666   -6.624  1.00 44.73  ? 162  PHE A CG  1 
ATOM   1030 C  CD1 . PHE A 1 162 ? -12.911 7.828   -7.721  1.00 49.20  ? 162  PHE A CD1 1 
ATOM   1031 C  CD2 . PHE A 1 162 ? -12.547 7.023   -5.512  1.00 45.65  ? 162  PHE A CD2 1 
ATOM   1032 C  CE1 . PHE A 1 162 ? -14.213 7.282   -7.751  1.00 46.71  ? 162  PHE A CE1 1 
ATOM   1033 C  CE2 . PHE A 1 162 ? -13.880 6.481   -5.511  1.00 54.45  ? 162  PHE A CE2 1 
ATOM   1034 C  CZ  . PHE A 1 162 ? -14.704 6.619   -6.665  1.00 47.28  ? 162  PHE A CZ  1 
ATOM   1035 N  N   . ILE A 1 163 ? -10.983 9.577   -3.830  1.00 52.62  ? 163  ILE A N   1 
ATOM   1036 C  CA  . ILE A 1 163 ? -11.517 9.800   -2.497  1.00 49.25  ? 163  ILE A CA  1 
ATOM   1037 C  C   . ILE A 1 163 ? -11.859 11.237  -2.195  1.00 49.95  ? 163  ILE A C   1 
ATOM   1038 O  O   . ILE A 1 163 ? -12.901 11.515  -1.608  1.00 55.77  ? 163  ILE A O   1 
ATOM   1039 C  CB  . ILE A 1 163 ? -10.549 9.242   -1.450  1.00 51.80  ? 163  ILE A CB  1 
ATOM   1040 C  CG1 . ILE A 1 163 ? -10.684 7.718   -1.424  1.00 43.33  ? 163  ILE A CG1 1 
ATOM   1041 C  CG2 . ILE A 1 163 ? -10.793 9.874   -0.040  1.00 53.59  ? 163  ILE A CG2 1 
ATOM   1042 C  CD1 . ILE A 1 163 ? -9.425  6.961   -0.747  1.00 44.14  ? 163  ILE A CD1 1 
ATOM   1043 N  N   . ASN A 1 164 ? -11.002 12.157  -2.591  1.00 48.34  ? 164  ASN A N   1 
ATOM   1044 C  CA  . ASN A 1 164 ? -11.291 13.564  -2.373  1.00 48.93  ? 164  ASN A CA  1 
ATOM   1045 C  C   . ASN A 1 164 ? -12.410 14.135  -3.209  1.00 50.35  ? 164  ASN A C   1 
ATOM   1046 O  O   . ASN A 1 164 ? -13.030 15.146  -2.828  1.00 51.61  ? 164  ASN A O   1 
ATOM   1047 C  CB  . ASN A 1 164 ? -10.025 14.388  -2.513  1.00 49.35  ? 164  ASN A CB  1 
ATOM   1048 C  CG  . ASN A 1 164 ? -9.025  14.078  -1.389  1.00 62.96  ? 164  ASN A CG  1 
ATOM   1049 O  OD1 . ASN A 1 164 ? -9.403  13.800  -0.229  1.00 62.45  ? 164  ASN A OD1 1 
ATOM   1050 N  ND2 . ASN A 1 164 ? -7.745  14.107  -1.733  1.00 66.63  ? 164  ASN A ND2 1 
ATOM   1051 N  N   . LEU A 1 165 ? -12.704 13.493  -4.332  1.00 47.64  ? 165  LEU A N   1 
ATOM   1052 C  CA  . LEU A 1 165 ? -13.768 13.980  -5.194  1.00 47.58  ? 165  LEU A CA  1 
ATOM   1053 C  C   . LEU A 1 165 ? -15.166 13.561  -4.731  1.00 50.78  ? 165  LEU A C   1 
ATOM   1054 O  O   . LEU A 1 165 ? -16.205 14.064  -5.243  1.00 51.73  ? 165  LEU A O   1 
ATOM   1055 C  CB  . LEU A 1 165 ? -13.521 13.524  -6.621  1.00 45.91  ? 165  LEU A CB  1 
ATOM   1056 C  CG  . LEU A 1 165 ? -12.455 14.335  -7.341  1.00 47.00  ? 165  LEU A CG  1 
ATOM   1057 C  CD1 . LEU A 1 165 ? -12.148 13.669  -8.664  1.00 45.69  ? 165  LEU A CD1 1 
ATOM   1058 C  CD2 . LEU A 1 165 ? -12.908 15.757  -7.583  1.00 43.57  ? 165  LEU A CD2 1 
ATOM   1059 N  N   . LEU A 1 166 ? -15.223 12.645  -3.771  1.00 49.52  ? 166  LEU A N   1 
ATOM   1060 C  CA  . LEU A 1 166 ? -16.542 12.231  -3.274  1.00 51.04  ? 166  LEU A CA  1 
ATOM   1061 C  C   . LEU A 1 166 ? -17.107 13.235  -2.253  1.00 54.30  ? 166  LEU A C   1 
ATOM   1062 O  O   . LEU A 1 166 ? -16.322 13.890  -1.538  1.00 50.82  ? 166  LEU A O   1 
ATOM   1063 C  CB  . LEU A 1 166 ? -16.470 10.835  -2.692  1.00 50.31  ? 166  LEU A CB  1 
ATOM   1064 C  CG  . LEU A 1 166 ? -16.076 9.762   -3.694  1.00 46.53  ? 166  LEU A CG  1 
ATOM   1065 C  CD1 . LEU A 1 166 ? -15.790 8.470   -2.917  1.00 52.27  ? 166  LEU A CD1 1 
ATOM   1066 C  CD2 . LEU A 1 166 ? -17.240 9.587   -4.723  1.00 46.95  ? 166  LEU A CD2 1 
ATOM   1067 N  N   . PRO A 1 167 ? -18.465 13.379  -2.179  1.00 56.13  ? 167  PRO A N   1 
ATOM   1068 C  CA  . PRO A 1 167 ? -18.947 14.368  -1.201  1.00 57.44  ? 167  PRO A CA  1 
ATOM   1069 C  C   . PRO A 1 167 ? -18.639 13.825  0.177   1.00 56.83  ? 167  PRO A C   1 
ATOM   1070 O  O   . PRO A 1 167 ? -19.089 12.740  0.529   1.00 57.21  ? 167  PRO A O   1 
ATOM   1071 C  CB  . PRO A 1 167 ? -20.459 14.473  -1.462  1.00 53.25  ? 167  PRO A CB  1 
ATOM   1072 C  CG  . PRO A 1 167 ? -20.815 13.322  -2.296  1.00 58.08  ? 167  PRO A CG  1 
ATOM   1073 C  CD  . PRO A 1 167 ? -19.573 12.713  -2.900  1.00 57.54  ? 167  PRO A CD  1 
ATOM   1074 N  N   . GLN A 1 168 ? -17.832 14.560  0.926   1.00 58.04  ? 168  GLN A N   1 
ATOM   1075 C  CA  . GLN A 1 168 ? -17.212 13.996  2.105   1.00 58.11  ? 168  GLN A CA  1 
ATOM   1076 C  C   . GLN A 1 168 ? -18.233 13.607  3.148   1.00 56.45  ? 168  GLN A C   1 
ATOM   1077 O  O   . GLN A 1 168 ? -18.037 12.626  3.862   1.00 56.21  ? 168  GLN A O   1 
ATOM   1078 C  CB  . GLN A 1 168 ? -16.122 14.932  2.640   1.00 63.22  ? 168  GLN A CB  1 
ATOM   1079 C  CG  . GLN A 1 168 ? -14.953 15.160  1.563   1.00 76.06  ? 168  GLN A CG  1 
ATOM   1080 C  CD  . GLN A 1 168 ? -14.114 13.873  1.185   1.00 76.92  ? 168  GLN A CD  1 
ATOM   1081 O  OE1 . GLN A 1 168 ? -13.373 13.340  2.017   1.00 80.48  ? 168  GLN A OE1 1 
ATOM   1082 N  NE2 . GLN A 1 168 ? -14.228 13.413  -0.070  1.00 56.41  ? 168  GLN A NE2 1 
ATOM   1083 N  N   . LYS A 1 169 ? -19.355 14.310  3.203   1.00 53.58  ? 169  LYS A N   1 
ATOM   1084 C  CA  . LYS A 1 169 ? -20.391 13.962  4.184   1.00 55.50  ? 169  LYS A CA  1 
ATOM   1085 C  C   . LYS A 1 169 ? -21.058 12.577  3.922   1.00 54.07  ? 169  LYS A C   1 
ATOM   1086 O  O   . LYS A 1 169 ? -21.728 12.006  4.789   1.00 53.74  ? 169  LYS A O   1 
ATOM   1087 C  CB  . LYS A 1 169 ? -21.422 15.090  4.288   1.00 52.82  ? 169  LYS A CB  1 
ATOM   1088 C  CG  . LYS A 1 169 ? -22.434 15.109  3.155   1.00 61.69  ? 169  LYS A CG  1 
ATOM   1089 C  CD  . LYS A 1 169 ? -23.566 16.153  3.368   1.00 61.18  ? 169  LYS A CD  1 
ATOM   1090 C  CE  . LYS A 1 169 ? -24.530 16.206  2.147   1.00 72.50  ? 169  LYS A CE  1 
ATOM   1091 N  NZ  . LYS A 1 169 ? -25.286 14.908  1.806   1.00 69.34  ? 169  LYS A NZ  1 
ATOM   1092 N  N   . GLN A 1 170 ? -20.855 12.048  2.722   1.00 52.89  ? 170  GLN A N   1 
ATOM   1093 C  CA  . GLN A 1 170 ? -21.458 10.806  2.301   1.00 51.42  ? 170  GLN A CA  1 
ATOM   1094 C  C   . GLN A 1 170 ? -20.535 9.574   2.297   1.00 52.87  ? 170  GLN A C   1 
ATOM   1095 O  O   . GLN A 1 170 ? -21.001 8.478   1.999   1.00 51.41  ? 170  GLN A O   1 
ATOM   1096 C  CB  . GLN A 1 170 ? -22.028 11.006  0.928   1.00 52.53  ? 170  GLN A CB  1 
ATOM   1097 C  CG  . GLN A 1 170 ? -23.318 11.807  0.949   1.00 54.31  ? 170  GLN A CG  1 
ATOM   1098 C  CD  . GLN A 1 170 ? -23.605 12.317  -0.423  1.00 53.18  ? 170  GLN A CD  1 
ATOM   1099 O  OE1 . GLN A 1 170 ? -23.627 11.548  -1.387  1.00 62.10  ? 170  GLN A OE1 1 
ATOM   1100 N  NE2 . GLN A 1 170 ? -23.773 13.609  -0.545  1.00 56.55  ? 170  GLN A NE2 1 
ATOM   1101 N  N   . VAL A 1 171 ? -19.257 9.742   2.663   1.00 51.69  ? 171  VAL A N   1 
ATOM   1102 C  CA  . VAL A 1 171 ? -18.323 8.632   2.725   1.00 50.39  ? 171  VAL A CA  1 
ATOM   1103 C  C   . VAL A 1 171 ? -18.445 7.928   4.073   1.00 52.68  ? 171  VAL A C   1 
ATOM   1104 O  O   . VAL A 1 171 ? -18.116 8.508   5.089   1.00 55.15  ? 171  VAL A O   1 
ATOM   1105 C  CB  . VAL A 1 171 ? -16.923 9.149   2.581   1.00 50.21  ? 171  VAL A CB  1 
ATOM   1106 C  CG1 . VAL A 1 171 ? -15.903 8.024   2.841   1.00 52.86  ? 171  VAL A CG1 1 
ATOM   1107 C  CG2 . VAL A 1 171 ? -16.715 9.772   1.184   1.00 54.16  ? 171  VAL A CG2 1 
ATOM   1108 N  N   . GLU A 1 172 ? -18.892 6.679   4.106   1.00 51.53  ? 172  GLU A N   1 
ATOM   1109 C  CA  . GLU A 1 172 ? -19.223 6.062   5.386   1.00 49.09  ? 172  GLU A CA  1 
ATOM   1110 C  C   . GLU A 1 172 ? -17.998 5.333   5.910   1.00 48.97  ? 172  GLU A C   1 
ATOM   1111 O  O   . GLU A 1 172 ? -17.755 5.278   7.133   1.00 53.42  ? 172  GLU A O   1 
ATOM   1112 C  CB  . GLU A 1 172 ? -20.395 5.081   5.242   1.00 49.73  ? 172  GLU A CB  1 
ATOM   1113 C  CG  . GLU A 1 172 ? -21.681 5.728   4.792   1.00 55.43  ? 172  GLU A CG  1 
ATOM   1114 C  CD  . GLU A 1 172 ? -22.629 6.043   5.921   1.00 70.53  ? 172  GLU A CD  1 
ATOM   1115 O  OE1 . GLU A 1 172 ? -22.417 5.533   7.059   1.00 84.68  ? 172  GLU A OE1 1 
ATOM   1116 O  OE2 . GLU A 1 172 ? -23.595 6.816   5.667   1.00 71.91  ? 172  GLU A OE2 1 
ATOM   1117 N  N   . GLU A 1 173 ? -17.239 4.764   4.987   1.00 43.53  ? 173  GLU A N   1 
ATOM   1118 C  CA  . GLU A 1 173 ? -16.192 3.890   5.373   1.00 48.97  ? 173  GLU A CA  1 
ATOM   1119 C  C   . GLU A 1 173 ? -15.160 3.747   4.264   1.00 50.26  ? 173  GLU A C   1 
ATOM   1120 O  O   . GLU A 1 173 ? -15.506 3.766   3.089   1.00 49.40  ? 173  GLU A O   1 
ATOM   1121 C  CB  . GLU A 1 173 ? -16.793 2.546   5.752   1.00 47.72  ? 173  GLU A CB  1 
ATOM   1122 C  CG  . GLU A 1 173 ? -15.930 1.726   6.577   1.00 57.19  ? 173  GLU A CG  1 
ATOM   1123 C  CD  . GLU A 1 173 ? -16.622 0.424   6.955   1.00 81.16  ? 173  GLU A CD  1 
ATOM   1124 O  OE1 . GLU A 1 173 ? -17.886 0.373   6.916   1.00 85.42  ? 173  GLU A OE1 1 
ATOM   1125 O  OE2 . GLU A 1 173 ? -15.896 -0.551  7.271   1.00 83.03  ? 173  GLU A OE2 1 
ATOM   1126 N  N   . ILE A 1 174 ? -13.884 3.630   4.649   1.00 49.68  ? 174  ILE A N   1 
ATOM   1127 C  CA  . ILE A 1 174 ? -12.783 3.488   3.703   1.00 48.29  ? 174  ILE A CA  1 
ATOM   1128 C  C   . ILE A 1 174 ? -11.832 2.493   4.294   1.00 49.07  ? 174  ILE A C   1 
ATOM   1129 O  O   . ILE A 1 174 ? -11.431 2.644   5.488   1.00 51.17  ? 174  ILE A O   1 
ATOM   1130 C  CB  . ILE A 1 174 ? -12.018 4.777   3.447   1.00 49.03  ? 174  ILE A CB  1 
ATOM   1131 C  CG1 . ILE A 1 174 ? -12.911 5.794   2.745   1.00 49.49  ? 174  ILE A CG1 1 
ATOM   1132 C  CG2 . ILE A 1 174 ? -10.772 4.491   2.576   1.00 48.68  ? 174  ILE A CG2 1 
ATOM   1133 C  CD1 . ILE A 1 174 ? -12.257 7.201   2.596   1.00 49.60  ? 174  ILE A CD1 1 
ATOM   1134 N  N   . ALA A 1 175 ? -11.488 1.472   3.492   1.00 45.08  ? 175  ALA A N   1 
ATOM   1135 C  CA  . ALA A 1 175 ? -10.492 0.439   3.891   1.00 45.59  ? 175  ALA A CA  1 
ATOM   1136 C  C   . ALA A 1 175 ? -9.510  0.313   2.759   1.00 47.32  ? 175  ALA A C   1 
ATOM   1137 O  O   . ALA A 1 175 ? -9.883  0.022   1.633   1.00 50.38  ? 175  ALA A O   1 
ATOM   1138 C  CB  . ALA A 1 175 ? -11.163 -0.926  4.207   1.00 41.81  ? 175  ALA A CB  1 
ATOM   1139 N  N   . ARG A 1 176 ? -8.240  0.448   3.103   1.00 50.19  ? 176  ARG A N   1 
ATOM   1140 C  CA  . ARG A 1 176 ? -7.174  0.736   2.170   1.00 49.53  ? 176  ARG A CA  1 
ATOM   1141 C  C   . ARG A 1 176 ? -6.023  -0.211  2.446   1.00 50.51  ? 176  ARG A C   1 
ATOM   1142 O  O   . ARG A 1 176 ? -5.762  -0.559  3.589   1.00 51.81  ? 176  ARG A O   1 
ATOM   1143 C  CB  . ARG A 1 176 ? -6.673  2.143   2.420   1.00 50.78  ? 176  ARG A CB  1 
ATOM   1144 C  CG  . ARG A 1 176 ? -7.288  3.204   1.595   1.00 58.55  ? 176  ARG A CG  1 
ATOM   1145 C  CD  . ARG A 1 176 ? -6.202  4.130   1.155   1.00 63.11  ? 176  ARG A CD  1 
ATOM   1146 N  NE  . ARG A 1 176 ? -6.504  5.521   1.420   1.00 71.87  ? 176  ARG A NE  1 
ATOM   1147 C  CZ  . ARG A 1 176 ? -5.751  6.522   0.995   1.00 70.65  ? 176  ARG A CZ  1 
ATOM   1148 N  NH1 . ARG A 1 176 ? -4.662  6.275   0.293   1.00 66.34  ? 176  ARG A NH1 1 
ATOM   1149 N  NH2 . ARG A 1 176 ? -6.083  7.767   1.271   1.00 74.32  ? 176  ARG A NH2 1 
ATOM   1150 N  N   . THR A 1 177 ? -5.323  -0.612  1.401   1.00 50.09  ? 177  THR A N   1 
ATOM   1151 C  CA  . THR A 1 177 ? -4.097  -1.392  1.553   1.00 53.17  ? 177  THR A CA  1 
ATOM   1152 C  C   . THR A 1 177 ? -2.992  -0.333  1.595   1.00 57.75  ? 177  THR A C   1 
ATOM   1153 O  O   . THR A 1 177 ? -3.221  0.839   1.255   1.00 62.55  ? 177  THR A O   1 
ATOM   1154 C  CB  . THR A 1 177 ? -3.949  -2.309  0.334   1.00 51.73  ? 177  THR A CB  1 
ATOM   1155 O  OG1 . THR A 1 177 ? -3.585  -1.518  -0.825  1.00 50.73  ? 177  THR A OG1 1 
ATOM   1156 C  CG2 . THR A 1 177 ? -5.282  -3.036  0.044   1.00 47.38  ? 177  THR A CG2 1 
ATOM   1157 N  N   . GLY A 1 178 ? -1.784  -0.670  1.983   1.00 57.47  ? 178  GLY A N   1 
ATOM   1158 C  CA  . GLY A 1 178 ? -0.740  0.304   1.642   1.00 55.95  ? 178  GLY A CA  1 
ATOM   1159 C  C   . GLY A 1 178 ? -0.299  0.211   0.181   1.00 56.30  ? 178  GLY A C   1 
ATOM   1160 O  O   . GLY A 1 178 ? -1.001  -0.321  -0.682  1.00 56.64  ? 178  GLY A O   1 
ATOM   1161 N  N   . ILE A 1 179 ? 0.900   0.682   -0.099  1.00 56.97  ? 179  ILE A N   1 
ATOM   1162 C  CA  . ILE A 1 179 ? 1.460   0.560   -1.423  1.00 56.03  ? 179  ILE A CA  1 
ATOM   1163 C  C   . ILE A 1 179 ? 2.101   -0.826  -1.615  1.00 56.51  ? 179  ILE A C   1 
ATOM   1164 O  O   . ILE A 1 179 ? 2.884   -1.281  -0.755  1.00 56.11  ? 179  ILE A O   1 
ATOM   1165 C  CB  . ILE A 1 179 ? 2.553   1.614   -1.569  1.00 57.79  ? 179  ILE A CB  1 
ATOM   1166 C  CG1 . ILE A 1 179 ? 2.008   3.017   -1.256  1.00 63.14  ? 179  ILE A CG1 1 
ATOM   1167 C  CG2 . ILE A 1 179 ? 3.251   1.511   -2.913  1.00 55.91  ? 179  ILE A CG2 1 
ATOM   1168 C  CD1 . ILE A 1 179 ? 1.054   3.563   -2.310  1.00 72.78  ? 179  ILE A CD1 1 
ATOM   1169 N  N   . VAL A 1 180 ? 1.756   -1.507  -2.707  1.00 52.72  ? 180  VAL A N   1 
ATOM   1170 C  CA  . VAL A 1 180 ? 2.599   -2.576  -3.251  1.00 51.47  ? 180  VAL A CA  1 
ATOM   1171 C  C   . VAL A 1 180 ? 3.442   -1.983  -4.348  1.00 50.72  ? 180  VAL A C   1 
ATOM   1172 O  O   . VAL A 1 180 ? 2.967   -1.177  -5.150  1.00 55.00  ? 180  VAL A O   1 
ATOM   1173 C  CB  . VAL A 1 180 ? 1.823   -3.761  -3.830  1.00 50.57  ? 180  VAL A CB  1 
ATOM   1174 C  CG1 . VAL A 1 180 ? 1.175   -4.564  -2.726  1.00 61.47  ? 180  VAL A CG1 1 
ATOM   1175 C  CG2 . VAL A 1 180 ? 0.764   -3.256  -4.644  1.00 54.96  ? 180  VAL A CG2 1 
ATOM   1176 N  N   . ALA A 1 181 ? 4.715   -2.338  -4.375  1.00 50.82  ? 181  ALA A N   1 
ATOM   1177 C  CA  . ALA A 1 181 ? 5.594   -1.811  -5.409  1.00 51.66  ? 181  ALA A CA  1 
ATOM   1178 C  C   . ALA A 1 181 ? 6.584   -2.877  -5.814  1.00 50.86  ? 181  ALA A C   1 
ATOM   1179 O  O   . ALA A 1 181 ? 6.855   -3.833  -5.060  1.00 50.99  ? 181  ALA A O   1 
ATOM   1180 C  CB  . ALA A 1 181 ? 6.303   -0.497  -4.943  1.00 46.54  ? 181  ALA A CB  1 
HETATM 1181 N  N   . MSE A 1 182 ? 7.097   -2.687  -7.013  1.00 50.96  ? 182  MSE A N   1 
HETATM 1182 C  CA  . MSE A 1 182 ? 7.988   -3.606  -7.696  1.00 57.53  ? 182  MSE A CA  1 
HETATM 1183 C  C   . MSE A 1 182 ? 8.814   -2.782  -8.688  1.00 52.57  ? 182  MSE A C   1 
HETATM 1184 O  O   . MSE A 1 182 ? 8.313   -1.796  -9.245  1.00 51.21  ? 182  MSE A O   1 
HETATM 1185 C  CB  . MSE A 1 182 ? 7.129   -4.553  -8.511  1.00 54.85  ? 182  MSE A CB  1 
HETATM 1186 C  CG  . MSE A 1 182 ? 7.777   -5.795  -8.981  1.00 65.67  ? 182  MSE A CG  1 
HETATM 1187 SE SE  . MSE A 1 182 ? 6.294   -7.088  -9.276  1.00 73.16  ? 182  MSE A SE  1 
HETATM 1188 C  CE  . MSE A 1 182 ? 5.878   -7.742  -7.329  1.00 76.61  ? 182  MSE A CE  1 
ATOM   1189 N  N   . ASN A 1 183 ? 10.050  -3.213  -8.931  1.00 46.77  ? 183  ASN A N   1 
ATOM   1190 C  CA  . ASN A 1 183 ? 10.810  -2.685  -10.022 1.00 47.12  ? 183  ASN A CA  1 
ATOM   1191 C  C   . ASN A 1 183 ? 10.254  -3.177  -11.361 1.00 46.94  ? 183  ASN A C   1 
ATOM   1192 O  O   . ASN A 1 183 ? 9.879   -4.353  -11.504 1.00 49.34  ? 183  ASN A O   1 
ATOM   1193 C  CB  . ASN A 1 183 ? 12.290  -3.066  -9.879  1.00 48.08  ? 183  ASN A CB  1 
ATOM   1194 C  CG  . ASN A 1 183 ? 12.943  -2.460  -8.631  1.00 51.28  ? 183  ASN A CG  1 
ATOM   1195 O  OD1 . ASN A 1 183 ? 12.787  -1.273  -8.336  1.00 51.99  ? 183  ASN A OD1 1 
ATOM   1196 N  ND2 . ASN A 1 183 ? 13.678  -3.276  -7.904  1.00 48.75  ? 183  ASN A ND2 1 
ATOM   1197 N  N   . ARG A 1 184 ? 10.223  -2.279  -12.338 1.00 43.72  ? 184  ARG A N   1 
ATOM   1198 C  CA  . ARG A 1 184 ? 9.924   -2.629  -13.697 1.00 47.22  ? 184  ARG A CA  1 
ATOM   1199 C  C   . ARG A 1 184 ? 10.943  -3.588  -14.262 1.00 50.93  ? 184  ARG A C   1 
ATOM   1200 O  O   . ARG A 1 184 ? 12.036  -3.705  -13.727 1.00 54.96  ? 184  ARG A O   1 
ATOM   1201 C  CB  . ARG A 1 184 ? 9.877   -1.367  -14.553 1.00 45.60  ? 184  ARG A CB  1 
ATOM   1202 C  CG  . ARG A 1 184 ? 8.512   -0.672  -14.382 1.00 45.76  ? 184  ARG A CG  1 
ATOM   1203 C  CD  . ARG A 1 184 ? 8.495   0.607   -15.234 1.00 51.55  ? 184  ARG A CD  1 
ATOM   1204 N  NE  . ARG A 1 184 ? 7.448   1.499   -14.787 1.00 55.54  ? 184  ARG A NE  1 
ATOM   1205 C  CZ  . ARG A 1 184 ? 6.184   1.405   -15.179 1.00 57.27  ? 184  ARG A CZ  1 
ATOM   1206 N  NH1 . ARG A 1 184 ? 5.799   0.467   -16.044 1.00 49.09  ? 184  ARG A NH1 1 
ATOM   1207 N  NH2 . ARG A 1 184 ? 5.309   2.248   -14.703 1.00 58.36  ? 184  ARG A NH2 1 
ATOM   1208 N  N   . TRP A 1 185 ? 10.560  -4.316  -15.310 1.00 53.42  ? 185  TRP A N   1 
ATOM   1209 C  CA  . TRP A 1 185 ? 11.513  -4.974  -16.176 1.00 53.01  ? 185  TRP A CA  1 
ATOM   1210 C  C   . TRP A 1 185 ? 12.491  -3.959  -16.751 1.00 57.30  ? 185  TRP A C   1 
ATOM   1211 O  O   . TRP A 1 185 ? 12.086  -2.850  -17.175 1.00 53.40  ? 185  TRP A O   1 
ATOM   1212 C  CB  . TRP A 1 185 ? 10.788  -5.622  -17.333 1.00 52.19  ? 185  TRP A CB  1 
ATOM   1213 C  CG  . TRP A 1 185 ? 10.111  -6.874  -16.955 1.00 52.94  ? 185  TRP A CG  1 
ATOM   1214 C  CD1 . TRP A 1 185 ? 8.787   -7.017  -16.658 1.00 49.44  ? 185  TRP A CD1 1 
ATOM   1215 C  CD2 . TRP A 1 185 ? 10.708  -8.175  -16.793 1.00 49.98  ? 185  TRP A CD2 1 
ATOM   1216 N  NE1 . TRP A 1 185 ? 8.510   -8.323  -16.348 1.00 46.92  ? 185  TRP A NE1 1 
ATOM   1217 C  CE2 . TRP A 1 185 ? 9.663   -9.061  -16.411 1.00 53.15  ? 185  TRP A CE2 1 
ATOM   1218 C  CE3 . TRP A 1 185 ? 12.019  -8.673  -16.919 1.00 57.31  ? 185  TRP A CE3 1 
ATOM   1219 C  CZ2 . TRP A 1 185 ? 9.872   -10.445 -16.174 1.00 53.41  ? 185  TRP A CZ2 1 
ATOM   1220 C  CZ3 . TRP A 1 185 ? 12.244  -10.059 -16.696 1.00 57.18  ? 185  TRP A CZ3 1 
ATOM   1221 C  CH2 . TRP A 1 185 ? 11.164  -10.925 -16.298 1.00 57.18  ? 185  TRP A CH2 1 
ATOM   1222 N  N   . ASN A 1 186 ? 13.771  -4.340  -16.767 1.00 63.10  ? 186  ASN A N   1 
ATOM   1223 C  CA  . ASN A 1 186 ? 14.799  -3.546  -17.410 1.00 70.73  ? 186  ASN A CA  1 
ATOM   1224 C  C   . ASN A 1 186 ? 14.558  -3.404  -18.902 1.00 74.97  ? 186  ASN A C   1 
ATOM   1225 O  O   . ASN A 1 186 ? 14.298  -4.418  -19.611 1.00 74.71  ? 186  ASN A O   1 
ATOM   1226 C  CB  . ASN A 1 186 ? 16.175  -4.136  -17.173 1.00 74.87  ? 186  ASN A CB  1 
ATOM   1227 C  CG  . ASN A 1 186 ? 16.913  -3.430  -16.061 1.00 84.00  ? 186  ASN A CG  1 
ATOM   1228 O  OD1 . ASN A 1 186 ? 17.287  -2.266  -16.213 1.00 92.48  ? 186  ASN A OD1 1 
ATOM   1229 N  ND2 . ASN A 1 186 ? 17.130  -4.123  -14.935 1.00 88.26  ? 186  ASN A ND2 1 
ATOM   1230 N  N   . VAL A 1 187 ? 14.620  -2.141  -19.348 1.00 76.99  ? 187  VAL A N   1 
ATOM   1231 C  CA  . VAL A 1 187 ? 14.364  -1.742  -20.746 1.00 79.77  ? 187  VAL A CA  1 
ATOM   1232 C  C   . VAL A 1 187 ? 15.640  -1.164  -21.360 1.00 81.46  ? 187  VAL A C   1 
ATOM   1233 O  O   . VAL A 1 187 ? 16.592  -1.892  -21.669 1.00 83.18  ? 187  VAL A O   1 
ATOM   1234 C  CB  . VAL A 1 187 ? 13.226  -0.678  -20.853 1.00 77.10  ? 187  VAL A CB  1 
HETATM 1235 MG MG  . MG  B 2 .   ? 20.103  -13.987 7.663   1.00 39.96  ? 1001 MG  A MG  1 
HETATM 1236 O  O   . HOH C 3 .   ? -20.869 5.467   -20.015 1.00 59.44  ? 1002 HOH A O   1 
HETATM 1237 O  O   . HOH C 3 .   ? 3.234   -10.418 -0.893  1.00 48.96  ? 1003 HOH A O   1 
HETATM 1238 O  O   . HOH C 3 .   ? 11.936  -15.463 -4.047  1.00 48.99  ? 1004 HOH A O   1 
HETATM 1239 O  O   . HOH C 3 .   ? 3.322   -7.220  -0.043  1.00 49.00  ? 1005 HOH A O   1 
HETATM 1240 O  O   . HOH C 3 .   ? -1.551  -3.192  4.039   1.00 45.81  ? 1006 HOH A O   1 
HETATM 1241 O  O   . HOH C 3 .   ? -26.140 -4.975  -0.281  1.00 53.04  ? 1007 HOH A O   1 
HETATM 1242 O  O   . HOH C 3 .   ? -1.373  -12.937 0.769   1.00 54.07  ? 1008 HOH A O   1 
HETATM 1243 O  O   . HOH C 3 .   ? -1.772  -10.011 4.635   1.00 59.54  ? 1009 HOH A O   1 
HETATM 1244 O  O   . HOH C 3 .   ? -18.566 14.242  -7.188  1.00 60.34  ? 1010 HOH A O   1 
HETATM 1245 O  O   . HOH C 3 .   ? 3.930   -19.307 -2.974  1.00 75.74  ? 1011 HOH A O   1 
HETATM 1246 O  O   . HOH C 3 .   ? 21.548  -15.510 6.554   1.00 46.73  ? 1012 HOH A O   1 
HETATM 1247 O  O   . HOH C 3 .   ? 1.941   5.587   -6.122  1.00 65.54  ? 1013 HOH A O   1 
HETATM 1248 O  O   . HOH C 3 .   ? -12.876 16.316  -0.152  1.00 62.04  ? 1014 HOH A O   1 
HETATM 1249 O  O   . HOH C 3 .   ? 20.815  -14.353 9.637   1.00 52.88  ? 1015 HOH A O   1 
HETATM 1250 O  O   . HOH C 3 .   ? 14.452  -6.953  -14.922 1.00 68.72  ? 1016 HOH A O   1 
HETATM 1251 O  O   . HOH C 3 .   ? 4.113   -18.057 -0.578  1.00 69.28  ? 1017 HOH A O   1 
HETATM 1252 O  O   . HOH C 3 .   ? -31.823 -1.474  -1.284  1.00 56.27  ? 1018 HOH A O   1 
HETATM 1253 O  O   . HOH C 3 .   ? 3.855   -0.228  1.599   1.00 53.32  ? 1019 HOH A O   1 
HETATM 1254 O  O   . HOH C 3 .   ? 14.858  -0.975  -11.913 1.00 59.22  ? 1020 HOH A O   1 
HETATM 1255 O  O   . HOH C 3 .   ? 12.925  3.953   -2.854  1.00 75.08  ? 1021 HOH A O   1 
HETATM 1256 O  O   . HOH C 3 .   ? -2.891  4.537   -11.536 1.00 55.46  ? 1022 HOH A O   1 
HETATM 1257 O  O   . HOH C 3 .   ? 19.332  -13.541 5.956   1.00 60.31  ? 1023 HOH A O   1 
HETATM 1258 O  O   . HOH C 3 .   ? -22.381 12.955  7.335   1.00 60.56  ? 1024 HOH A O   1 
HETATM 1259 O  O   . HOH C 3 .   ? -20.021 17.145  2.136   1.00 69.82  ? 1025 HOH A O   1 
HETATM 1260 O  O   . HOH C 3 .   ? -29.057 10.799  -9.382  1.00 61.43  ? 1026 HOH A O   1 
HETATM 1261 O  O   . HOH C 3 .   ? 18.836  -15.162 3.804   1.00 50.84  ? 1027 HOH A O   1 
HETATM 1262 O  O   . HOH C 3 .   ? 21.749  -12.714 6.998   1.00 53.26  ? 1028 HOH A O   1 
HETATM 1263 O  O   . HOH C 3 .   ? 3.915   3.346   -10.663 1.00 64.85  ? 1029 HOH A O   1 
HETATM 1264 O  O   . HOH C 3 .   ? -4.290  2.937   -12.547 1.00 62.78  ? 1030 HOH A O   1 
HETATM 1265 O  O   . HOH C 3 .   ? -18.891 -1.205  -11.776 1.00 54.28  ? 1031 HOH A O   1 
HETATM 1266 O  O   . HOH C 3 .   ? -9.419  15.367  -6.434  1.00 59.27  ? 1032 HOH A O   1 
HETATM 1267 O  O   . HOH C 3 .   ? 18.522  -15.676 7.449   1.00 58.41  ? 1033 HOH A O   1 
HETATM 1268 O  O   . HOH C 3 .   ? -32.077 0.438   1.266   1.00 82.77  ? 1034 HOH A O   1 
HETATM 1269 O  O   . HOH C 3 .   ? -21.898 2.756   -14.274 1.00 110.42 ? 1035 HOH A O   1 
HETATM 1270 O  O   . HOH C 3 .   ? -6.742  15.362  -4.270  1.00 65.53  ? 1036 HOH A O   1 
HETATM 1271 O  O   . HOH C 3 .   ? -28.984 7.406   0.118   1.00 54.30  ? 1037 HOH A O   1 
HETATM 1272 O  O   . HOH C 3 .   ? -9.911  -0.053  -10.291 1.00 58.27  ? 1038 HOH A O   1 
HETATM 1273 O  O   . HOH C 3 .   ? -17.781 2.964   -19.258 1.00 85.50  ? 1039 HOH A O   1 
HETATM 1274 O  O   . HOH C 3 .   ? 10.937  -5.493  -7.238  1.00 57.20  ? 1040 HOH A O   1 
HETATM 1275 O  O   . HOH C 3 .   ? 18.541  -0.412  -22.928 1.00 87.29  ? 1041 HOH A O   1 
HETATM 1276 O  O   . HOH C 3 .   ? 18.846  -12.835 8.557   1.00 20.00  ? 1042 HOH A O   1 
# 
